data_2O2O
#
_entry.id   2O2O
#
_cell.length_a   1.000
_cell.length_b   1.000
_cell.length_c   1.000
_cell.angle_alpha   90.00
_cell.angle_beta   90.00
_cell.angle_gamma   90.00
#
_symmetry.space_group_name_H-M   'P 1'
#
_entity_poly.entity_id   1
_entity_poly.type   'polypeptide(L)'
_entity_poly.pdbx_seq_one_letter_code
;SMTGGQQMGTNKRGERRRRRCQVAFSYLPQNDDELELKVGDIIEVVGEVEEGWWEGVLNGKTGMFPSNFIKELSGESDEL
GISQDEHHHHHH
;
_entity_poly.pdbx_strand_id   A
#
# COMPACT_ATOMS: atom_id res chain seq x y z
N THR A 10 0.09 5.46 -12.09
CA THR A 10 -0.05 6.66 -11.23
C THR A 10 -1.52 6.97 -11.00
N ASN A 11 -2.24 6.02 -10.41
CA ASN A 11 -3.67 6.17 -10.16
C ASN A 11 -3.93 6.96 -8.89
N LYS A 12 -3.56 8.23 -8.89
CA LYS A 12 -3.76 9.08 -7.73
C LYS A 12 -5.18 9.62 -7.69
N ARG A 13 -5.86 9.45 -8.79
CA ARG A 13 -7.24 9.83 -8.92
C ARG A 13 -8.16 8.93 -8.08
N GLY A 14 -7.57 7.90 -7.49
CA GLY A 14 -8.33 6.93 -6.73
C GLY A 14 -8.92 7.49 -5.44
N GLU A 15 -8.71 6.80 -4.34
CA GLU A 15 -9.25 7.24 -3.07
C GLU A 15 -8.46 8.41 -2.52
N ARG A 16 -7.32 8.68 -3.17
CA ARG A 16 -6.48 9.84 -2.88
C ARG A 16 -5.82 9.72 -1.51
N ARG A 17 -4.80 10.55 -1.27
CA ARG A 17 -4.01 10.57 -0.06
C ARG A 17 -3.81 9.19 0.57
N ARG A 18 -4.70 8.83 1.49
CA ARG A 18 -4.64 7.54 2.13
C ARG A 18 -5.51 6.53 1.38
N ARG A 19 -4.89 5.49 0.84
CA ARG A 19 -5.65 4.45 0.17
C ARG A 19 -5.25 3.12 0.73
N ARG A 20 -6.22 2.27 0.94
CA ARG A 20 -5.99 1.05 1.68
C ARG A 20 -5.75 -0.15 0.80
N CYS A 21 -4.65 -0.80 1.10
CA CYS A 21 -4.20 -1.97 0.41
C CYS A 21 -3.98 -3.10 1.40
N GLN A 22 -4.13 -4.33 0.95
CA GLN A 22 -3.89 -5.46 1.82
C GLN A 22 -2.54 -6.07 1.56
N VAL A 23 -1.85 -6.40 2.59
CA VAL A 23 -0.54 -6.92 2.44
C VAL A 23 -0.49 -8.40 2.67
N ALA A 24 0.32 -9.02 1.87
CA ALA A 24 0.72 -10.36 1.96
C ALA A 24 1.98 -10.44 2.76
N PHE A 25 2.53 -11.58 2.78
CA PHE A 25 2.94 -12.23 3.96
C PHE A 25 3.86 -11.44 4.89
N SER A 26 5.04 -11.05 4.50
CA SER A 26 5.86 -10.32 5.43
C SER A 26 6.49 -9.07 4.85
N TYR A 27 5.96 -7.93 5.15
CA TYR A 27 6.70 -6.74 4.87
C TYR A 27 7.53 -6.46 6.12
N LEU A 28 8.75 -6.89 6.00
CA LEU A 28 9.85 -6.82 7.00
C LEU A 28 10.75 -5.54 7.05
N PRO A 29 10.45 -4.49 6.27
CA PRO A 29 11.42 -3.61 5.60
C PRO A 29 11.97 -2.49 6.40
N GLN A 30 11.94 -2.60 7.67
CA GLN A 30 12.17 -1.43 8.45
C GLN A 30 13.64 -1.22 8.64
N ASN A 31 14.09 -0.07 8.15
CA ASN A 31 15.42 0.38 8.42
C ASN A 31 15.44 1.58 9.35
N ASP A 32 14.64 2.58 9.03
CA ASP A 32 14.60 3.78 9.84
C ASP A 32 13.32 3.96 10.63
N ASP A 33 12.23 3.54 10.03
CA ASP A 33 10.90 3.80 10.53
C ASP A 33 9.87 3.46 9.45
N GLU A 34 9.79 2.19 9.13
CA GLU A 34 8.83 1.71 8.16
C GLU A 34 7.86 0.81 8.86
N LEU A 35 6.88 0.34 8.13
CA LEU A 35 5.89 -0.50 8.66
C LEU A 35 6.21 -1.95 8.37
N GLU A 36 5.71 -2.80 9.21
CA GLU A 36 5.88 -4.21 9.09
C GLU A 36 4.53 -4.85 9.01
N LEU A 37 4.33 -5.48 7.92
CA LEU A 37 3.08 -6.14 7.62
C LEU A 37 3.28 -7.65 7.74
N LYS A 38 2.81 -8.20 8.85
CA LYS A 38 3.36 -9.46 9.38
C LYS A 38 2.94 -10.73 8.65
N VAL A 39 1.64 -10.96 8.43
CA VAL A 39 1.19 -12.01 7.52
C VAL A 39 0.16 -11.56 6.48
N GLY A 40 -0.45 -10.41 6.73
CA GLY A 40 -1.65 -10.09 6.01
C GLY A 40 -2.41 -8.98 6.67
N ASP A 41 -1.82 -7.85 6.52
CA ASP A 41 -2.24 -6.61 7.12
C ASP A 41 -2.99 -5.75 6.12
N ILE A 42 -3.80 -4.86 6.58
CA ILE A 42 -4.33 -3.87 5.69
C ILE A 42 -3.73 -2.52 6.00
N ILE A 43 -3.35 -1.89 4.93
CA ILE A 43 -2.65 -0.68 4.92
C ILE A 43 -3.57 0.29 4.29
N GLU A 44 -3.31 1.50 4.53
CA GLU A 44 -3.91 2.60 3.82
C GLU A 44 -2.82 3.59 3.62
N VAL A 45 -2.17 3.55 2.47
CA VAL A 45 -0.97 4.21 2.46
C VAL A 45 -1.05 5.58 1.82
N VAL A 46 -0.66 5.58 0.62
CA VAL A 46 -0.72 6.71 -0.21
C VAL A 46 -1.38 6.33 -1.48
N GLY A 47 -1.52 5.04 -1.56
CA GLY A 47 -1.93 4.41 -2.76
C GLY A 47 -0.92 4.57 -3.85
N GLU A 48 -1.46 4.59 -5.04
CA GLU A 48 -0.74 4.56 -6.32
C GLU A 48 0.22 5.70 -6.54
N VAL A 49 0.36 6.52 -5.55
CA VAL A 49 1.16 7.74 -5.69
C VAL A 49 2.60 7.39 -6.03
N GLU A 50 2.96 6.19 -5.63
CA GLU A 50 4.28 5.66 -5.91
C GLU A 50 4.25 4.70 -7.07
N GLU A 51 3.36 5.01 -7.97
CA GLU A 51 2.95 4.18 -9.08
C GLU A 51 3.58 2.79 -9.13
N GLY A 52 2.82 1.84 -8.63
CA GLY A 52 3.29 0.49 -8.43
C GLY A 52 3.82 0.31 -7.03
N TRP A 53 3.92 1.43 -6.35
CA TRP A 53 4.46 1.49 -5.01
C TRP A 53 3.55 2.33 -4.18
N TRP A 54 3.53 2.07 -2.89
CA TRP A 54 2.67 2.72 -1.99
C TRP A 54 3.44 3.06 -0.75
N GLU A 55 2.85 3.92 -0.01
CA GLU A 55 3.46 4.48 1.19
C GLU A 55 2.43 4.69 2.23
N GLY A 56 2.53 4.11 3.38
CA GLY A 56 1.39 4.19 4.23
C GLY A 56 1.59 3.68 5.60
N VAL A 57 0.48 3.50 6.27
CA VAL A 57 0.52 3.17 7.65
C VAL A 57 -0.20 1.87 7.93
N LEU A 58 0.36 1.13 8.86
CA LEU A 58 -0.14 -0.11 9.25
C LEU A 58 -0.27 -0.17 10.76
N ASN A 59 -1.50 -0.19 11.17
CA ASN A 59 -1.87 -0.24 12.60
C ASN A 59 -1.22 0.88 13.39
N GLY A 60 -0.91 1.92 12.67
CA GLY A 60 -0.29 3.09 13.23
C GLY A 60 1.19 3.17 12.96
N LYS A 61 1.69 2.11 12.39
CA LYS A 61 3.06 2.01 11.99
C LYS A 61 3.21 2.45 10.55
N THR A 62 3.82 3.58 10.33
CA THR A 62 3.86 4.12 8.99
C THR A 62 5.13 3.70 8.25
N GLY A 63 5.03 3.70 6.94
CA GLY A 63 6.09 3.26 6.09
C GLY A 63 5.77 3.47 4.63
N MET A 64 6.31 2.61 3.81
CA MET A 64 6.05 2.56 2.38
C MET A 64 6.64 1.33 1.84
N PHE A 65 5.95 0.72 0.91
CA PHE A 65 6.38 -0.49 0.28
C PHE A 65 6.31 -0.40 -1.22
N PRO A 66 7.10 -1.22 -1.88
CA PRO A 66 6.95 -1.46 -3.29
C PRO A 66 5.91 -2.50 -3.60
N SER A 67 4.85 -2.48 -2.79
CA SER A 67 3.70 -3.39 -2.99
C SER A 67 4.16 -4.83 -3.17
N ASN A 68 5.24 -5.13 -2.51
CA ASN A 68 6.00 -6.32 -2.78
C ASN A 68 5.39 -7.51 -2.12
N PHE A 69 5.10 -7.31 -0.86
CA PHE A 69 4.37 -8.27 -0.05
C PHE A 69 2.92 -7.84 -0.07
N ILE A 70 2.66 -6.61 -0.46
CA ILE A 70 1.36 -6.01 -0.35
C ILE A 70 0.76 -5.68 -1.70
N LYS A 71 -0.31 -6.37 -1.93
CA LYS A 71 -1.12 -6.21 -3.14
C LYS A 71 -2.54 -5.84 -2.78
N GLU A 72 -3.10 -4.86 -3.46
CA GLU A 72 -4.53 -4.64 -3.41
C GLU A 72 -5.01 -3.49 -4.26
N LEU A 73 -4.94 -2.39 -3.57
CA LEU A 73 -5.55 -1.14 -3.89
C LEU A 73 -5.09 -0.51 -5.19
N SER A 74 -5.80 0.56 -5.54
CA SER A 74 -5.39 1.60 -6.46
C SER A 74 -6.57 2.21 -7.22
N GLY A 75 -7.40 3.01 -6.53
CA GLY A 75 -8.55 3.63 -7.17
C GLY A 75 -9.62 2.63 -7.55
N GLU A 76 -10.64 2.51 -6.73
CA GLU A 76 -11.64 1.50 -6.95
C GLU A 76 -12.79 1.98 -7.81
N SER A 77 -13.91 1.33 -7.61
CA SER A 77 -15.11 1.47 -8.44
C SER A 77 -14.86 0.83 -9.80
N ASP A 78 -14.39 -0.41 -9.70
CA ASP A 78 -13.96 -1.21 -10.86
C ASP A 78 -13.03 -0.44 -11.77
N GLU A 79 -12.16 0.29 -11.14
CA GLU A 79 -11.16 1.08 -11.82
C GLU A 79 -9.79 0.75 -11.29
N LEU A 80 -9.78 -0.33 -10.54
CA LEU A 80 -8.59 -0.94 -9.95
C LEU A 80 -7.75 -1.60 -10.99
N GLY A 81 -7.69 -0.91 -12.07
CA GLY A 81 -6.96 -1.32 -13.22
C GLY A 81 -7.88 -1.96 -14.24
N ILE A 82 -9.13 -2.15 -13.82
CA ILE A 82 -10.13 -2.77 -14.62
C ILE A 82 -10.51 -1.91 -15.81
N SER A 83 -11.24 -0.83 -15.59
CA SER A 83 -11.61 0.08 -16.66
C SER A 83 -10.86 1.39 -16.52
N GLN A 84 -9.81 1.57 -17.31
CA GLN A 84 -9.07 2.82 -17.33
C GLN A 84 -9.04 3.38 -18.74
N THR A 10 -2.66 7.54 -13.97
CA THR A 10 -2.56 6.29 -13.20
C THR A 10 -3.73 6.10 -12.25
N ASN A 11 -4.91 6.58 -12.68
CA ASN A 11 -6.17 6.40 -11.95
C ASN A 11 -6.07 6.92 -10.52
N LYS A 12 -5.52 8.12 -10.35
CA LYS A 12 -5.44 8.74 -9.04
C LYS A 12 -6.78 9.31 -8.63
N ARG A 13 -7.72 9.19 -9.54
CA ARG A 13 -9.10 9.59 -9.34
C ARG A 13 -9.76 8.83 -8.18
N GLY A 14 -8.99 7.91 -7.60
CA GLY A 14 -9.48 7.12 -6.50
C GLY A 14 -9.49 7.86 -5.19
N GLU A 15 -8.73 7.37 -4.21
CA GLU A 15 -8.80 7.94 -2.86
C GLU A 15 -7.74 9.02 -2.63
N ARG A 16 -7.08 9.46 -3.71
CA ARG A 16 -6.12 10.56 -3.67
C ARG A 16 -4.84 10.19 -2.91
N ARG A 17 -4.88 10.32 -1.58
CA ARG A 17 -3.72 10.02 -0.76
C ARG A 17 -3.88 8.71 -0.01
N ARG A 18 -4.47 8.75 1.16
CA ARG A 18 -4.56 7.54 1.96
C ARG A 18 -5.47 6.54 1.31
N ARG A 19 -4.89 5.45 0.86
CA ARG A 19 -5.64 4.43 0.18
C ARG A 19 -5.32 3.08 0.77
N ARG A 20 -6.32 2.25 0.94
CA ARG A 20 -6.12 1.04 1.70
C ARG A 20 -5.79 -0.16 0.84
N CYS A 21 -4.68 -0.77 1.17
CA CYS A 21 -4.19 -1.94 0.51
C CYS A 21 -3.98 -3.07 1.50
N GLN A 22 -4.14 -4.29 1.05
CA GLN A 22 -3.87 -5.42 1.90
C GLN A 22 -2.53 -6.00 1.62
N VAL A 23 -1.82 -6.32 2.66
CA VAL A 23 -0.52 -6.85 2.47
C VAL A 23 -0.50 -8.34 2.70
N ALA A 24 0.30 -8.98 1.87
CA ALA A 24 0.67 -10.33 1.94
C ALA A 24 1.96 -10.42 2.70
N PHE A 25 2.50 -11.56 2.70
CA PHE A 25 2.93 -12.20 3.89
C PHE A 25 3.87 -11.41 4.78
N SER A 26 5.06 -11.06 4.37
CA SER A 26 5.93 -10.38 5.29
C SER A 26 6.57 -9.12 4.76
N TYR A 27 6.04 -7.98 5.10
CA TYR A 27 6.78 -6.78 4.86
C TYR A 27 7.60 -6.49 6.10
N LEU A 28 8.84 -6.89 5.96
CA LEU A 28 9.95 -6.78 6.93
C LEU A 28 10.79 -5.47 7.00
N PRO A 29 10.45 -4.42 6.24
CA PRO A 29 11.41 -3.48 5.61
C PRO A 29 11.99 -2.40 6.46
N GLN A 30 11.94 -2.53 7.73
CA GLN A 30 12.15 -1.37 8.53
C GLN A 30 13.62 -1.15 8.79
N ASN A 31 14.10 -0.03 8.29
CA ASN A 31 15.38 0.50 8.67
C ASN A 31 15.28 1.82 9.39
N ASP A 32 14.47 2.70 8.82
CA ASP A 32 14.41 4.10 9.27
C ASP A 32 13.16 4.40 10.05
N ASP A 33 12.10 3.82 9.58
CA ASP A 33 10.76 4.08 10.05
C ASP A 33 9.76 3.60 9.01
N GLU A 34 9.69 2.31 8.87
CA GLU A 34 8.75 1.70 7.97
C GLU A 34 7.78 0.85 8.77
N LEU A 35 6.78 0.35 8.08
CA LEU A 35 5.79 -0.50 8.64
C LEU A 35 6.14 -1.94 8.37
N GLU A 36 5.66 -2.80 9.23
CA GLU A 36 5.85 -4.20 9.12
C GLU A 36 4.52 -4.85 9.02
N LEU A 37 4.35 -5.47 7.93
CA LEU A 37 3.13 -6.17 7.60
C LEU A 37 3.38 -7.67 7.69
N LYS A 38 2.94 -8.28 8.79
CA LYS A 38 3.50 -9.55 9.27
C LYS A 38 3.03 -10.79 8.51
N VAL A 39 1.72 -10.99 8.34
CA VAL A 39 1.23 -12.02 7.45
C VAL A 39 0.18 -11.53 6.45
N GLY A 40 -0.40 -10.39 6.72
CA GLY A 40 -1.62 -10.03 6.03
C GLY A 40 -2.35 -8.92 6.70
N ASP A 41 -1.74 -7.79 6.57
CA ASP A 41 -2.14 -6.55 7.19
C ASP A 41 -2.90 -5.69 6.21
N ILE A 42 -3.69 -4.76 6.69
CA ILE A 42 -4.24 -3.78 5.80
C ILE A 42 -3.65 -2.42 6.08
N ILE A 43 -3.33 -1.78 4.99
CA ILE A 43 -2.67 -0.54 4.93
C ILE A 43 -3.62 0.42 4.34
N GLU A 44 -3.30 1.62 4.54
CA GLU A 44 -3.90 2.74 3.86
C GLU A 44 -2.80 3.69 3.59
N VAL A 45 -2.18 3.62 2.44
CA VAL A 45 -0.97 4.26 2.38
C VAL A 45 -1.02 5.62 1.73
N VAL A 46 -0.63 5.60 0.52
CA VAL A 46 -0.63 6.73 -0.32
C VAL A 46 -1.27 6.37 -1.60
N GLY A 47 -1.44 5.10 -1.69
CA GLY A 47 -1.91 4.52 -2.89
C GLY A 47 -0.89 4.58 -3.97
N GLU A 48 -1.41 4.55 -5.17
CA GLU A 48 -0.67 4.42 -6.41
C GLU A 48 0.35 5.52 -6.67
N VAL A 49 0.47 6.39 -5.71
CA VAL A 49 1.31 7.58 -5.86
C VAL A 49 2.74 7.18 -6.19
N GLU A 50 3.10 6.02 -5.72
CA GLU A 50 4.45 5.49 -5.95
C GLU A 50 4.47 4.55 -7.11
N GLU A 51 3.66 4.93 -8.08
CA GLU A 51 3.39 4.21 -9.30
C GLU A 51 3.76 2.73 -9.25
N GLY A 52 2.96 1.99 -8.52
CA GLY A 52 3.19 0.58 -8.32
C GLY A 52 3.73 0.30 -6.95
N TRP A 53 4.09 1.38 -6.30
CA TRP A 53 4.57 1.37 -4.94
C TRP A 53 3.62 2.21 -4.14
N TRP A 54 3.58 1.98 -2.84
CA TRP A 54 2.71 2.63 -1.97
C TRP A 54 3.47 3.00 -0.73
N GLU A 55 2.86 3.84 -0.01
CA GLU A 55 3.46 4.41 1.20
C GLU A 55 2.42 4.64 2.22
N GLY A 56 2.51 4.06 3.37
CA GLY A 56 1.37 4.18 4.22
C GLY A 56 1.56 3.71 5.61
N VAL A 57 0.44 3.61 6.30
CA VAL A 57 0.46 3.26 7.67
C VAL A 57 -0.33 2.00 7.92
N LEU A 58 0.20 1.18 8.79
CA LEU A 58 -0.42 0.00 9.16
C LEU A 58 -0.58 -0.06 10.65
N ASN A 59 -1.80 0.08 11.03
CA ASN A 59 -2.21 -0.02 12.44
C ASN A 59 -1.43 0.92 13.32
N GLY A 60 -0.98 1.96 12.70
CA GLY A 60 -0.28 3.01 13.38
C GLY A 60 1.19 3.03 13.05
N LYS A 61 1.61 2.01 12.36
CA LYS A 61 2.97 1.86 11.92
C LYS A 61 3.10 2.37 10.51
N THR A 62 3.76 3.49 10.33
CA THR A 62 3.81 4.08 9.02
C THR A 62 5.06 3.65 8.27
N GLY A 63 4.96 3.66 6.97
CA GLY A 63 6.02 3.21 6.12
C GLY A 63 5.70 3.42 4.67
N MET A 64 6.22 2.53 3.88
CA MET A 64 5.96 2.47 2.46
C MET A 64 6.48 1.17 1.99
N PHE A 65 5.89 0.65 0.93
CA PHE A 65 6.32 -0.56 0.31
C PHE A 65 6.27 -0.45 -1.19
N PRO A 66 7.07 -1.27 -1.86
CA PRO A 66 6.94 -1.48 -3.30
C PRO A 66 5.89 -2.53 -3.62
N SER A 67 4.83 -2.55 -2.81
CA SER A 67 3.70 -3.46 -3.03
C SER A 67 4.19 -4.89 -3.22
N ASN A 68 5.28 -5.16 -2.58
CA ASN A 68 6.07 -6.35 -2.85
C ASN A 68 5.48 -7.56 -2.16
N PHE A 69 5.16 -7.33 -0.93
CA PHE A 69 4.45 -8.28 -0.11
C PHE A 69 2.98 -7.88 -0.09
N ILE A 70 2.68 -6.67 -0.52
CA ILE A 70 1.38 -6.09 -0.37
C ILE A 70 0.74 -5.76 -1.69
N LYS A 71 -0.39 -6.39 -1.89
CA LYS A 71 -1.23 -6.19 -3.07
C LYS A 71 -2.64 -5.74 -2.69
N GLU A 72 -3.16 -4.73 -3.37
CA GLU A 72 -4.58 -4.45 -3.29
C GLU A 72 -5.02 -3.26 -4.09
N LEU A 73 -4.84 -2.20 -3.37
CA LEU A 73 -5.48 -0.92 -3.55
C LEU A 73 -5.17 -0.16 -4.82
N SER A 74 -6.00 0.87 -4.99
CA SER A 74 -5.78 2.00 -5.84
C SER A 74 -7.13 2.55 -6.28
N GLY A 75 -7.18 3.83 -6.64
CA GLY A 75 -8.32 4.32 -7.42
C GLY A 75 -8.58 3.48 -8.66
N GLU A 76 -7.54 2.72 -9.07
CA GLU A 76 -7.66 1.72 -10.11
C GLU A 76 -8.67 0.64 -9.72
N SER A 77 -8.55 -0.46 -10.41
CA SER A 77 -9.43 -1.59 -10.23
C SER A 77 -8.77 -2.89 -10.68
N ASP A 78 -7.68 -3.23 -10.01
CA ASP A 78 -6.88 -4.41 -10.35
C ASP A 78 -6.52 -4.38 -11.83
N GLU A 79 -6.15 -3.20 -12.24
CA GLU A 79 -5.85 -2.87 -13.61
C GLU A 79 -4.56 -2.09 -13.66
N LEU A 80 -3.87 -2.20 -12.56
CA LEU A 80 -2.64 -1.47 -12.26
C LEU A 80 -1.46 -2.00 -13.02
N GLY A 81 -1.74 -2.30 -14.21
CA GLY A 81 -0.75 -2.82 -15.11
C GLY A 81 -0.66 -4.33 -15.00
N ILE A 82 -1.47 -4.85 -14.10
CA ILE A 82 -1.59 -6.25 -13.86
C ILE A 82 -1.85 -7.01 -15.15
N SER A 83 -0.86 -7.79 -15.57
CA SER A 83 -0.89 -8.45 -16.86
C SER A 83 -0.50 -9.92 -16.75
N GLN A 84 -0.63 -10.47 -15.55
CA GLN A 84 -0.35 -11.87 -15.34
C GLN A 84 -1.38 -12.46 -14.39
N THR A 10 -10.92 -2.14 -8.29
CA THR A 10 -10.17 -0.88 -8.13
C THR A 10 -9.50 -0.50 -9.45
N ASN A 11 -9.44 0.80 -9.72
CA ASN A 11 -8.86 1.32 -10.96
C ASN A 11 -8.35 2.73 -10.72
N LYS A 12 -8.27 3.55 -11.76
CA LYS A 12 -7.82 4.93 -11.58
C LYS A 12 -8.85 5.74 -10.80
N ARG A 13 -10.00 5.14 -10.56
CA ARG A 13 -11.02 5.72 -9.72
C ARG A 13 -10.87 5.19 -8.31
N GLY A 14 -9.65 5.21 -7.86
CA GLY A 14 -9.29 4.68 -6.57
C GLY A 14 -9.56 5.65 -5.44
N GLU A 15 -8.82 5.52 -4.35
CA GLU A 15 -9.10 6.26 -3.15
C GLU A 15 -8.22 7.50 -3.02
N ARG A 16 -7.12 7.50 -3.80
CA ARG A 16 -6.16 8.61 -3.84
C ARG A 16 -5.54 8.84 -2.46
N ARG A 17 -4.88 10.00 -2.29
CA ARG A 17 -4.22 10.43 -1.06
C ARG A 17 -3.78 9.29 -0.14
N ARG A 18 -4.61 8.95 0.83
CA ARG A 18 -4.39 7.79 1.65
C ARG A 18 -5.25 6.65 1.12
N ARG A 19 -4.62 5.58 0.66
CA ARG A 19 -5.34 4.56 -0.05
C ARG A 19 -5.06 3.22 0.57
N ARG A 20 -6.10 2.43 0.73
CA ARG A 20 -6.02 1.21 1.49
C ARG A 20 -5.76 -0.03 0.64
N CYS A 21 -4.71 -0.74 1.05
CA CYS A 21 -4.26 -1.95 0.40
C CYS A 21 -4.06 -3.06 1.42
N GLN A 22 -4.16 -4.30 0.98
CA GLN A 22 -3.89 -5.42 1.87
C GLN A 22 -2.54 -6.01 1.59
N VAL A 23 -1.84 -6.35 2.62
CA VAL A 23 -0.53 -6.88 2.45
C VAL A 23 -0.50 -8.37 2.66
N ALA A 24 0.30 -8.98 1.83
CA ALA A 24 0.69 -10.33 1.91
C ALA A 24 1.95 -10.42 2.70
N PHE A 25 2.48 -11.57 2.71
CA PHE A 25 2.89 -12.23 3.90
C PHE A 25 3.82 -11.46 4.83
N SER A 26 5.00 -11.08 4.44
CA SER A 26 5.84 -10.37 5.37
C SER A 26 6.48 -9.11 4.82
N TYR A 27 5.96 -7.97 5.15
CA TYR A 27 6.70 -6.78 4.89
C TYR A 27 7.55 -6.50 6.12
N LEU A 28 8.78 -6.92 5.97
CA LEU A 28 9.90 -6.86 6.95
C LEU A 28 10.77 -5.57 7.02
N PRO A 29 10.46 -4.51 6.27
CA PRO A 29 11.43 -3.60 5.61
C PRO A 29 11.96 -2.48 6.43
N GLN A 30 11.91 -2.59 7.71
CA GLN A 30 12.12 -1.40 8.49
C GLN A 30 13.59 -1.16 8.69
N ASN A 31 14.04 -0.06 8.16
CA ASN A 31 15.37 0.43 8.39
C ASN A 31 15.38 1.73 9.17
N ASP A 32 14.53 2.65 8.75
CA ASP A 32 14.51 3.98 9.33
C ASP A 32 13.32 4.16 10.24
N ASP A 33 12.24 3.57 9.82
CA ASP A 33 10.94 3.65 10.46
C ASP A 33 9.86 3.35 9.46
N GLU A 34 9.78 2.11 9.06
CA GLU A 34 8.79 1.67 8.13
C GLU A 34 7.86 0.73 8.84
N LEU A 35 6.86 0.28 8.13
CA LEU A 35 5.87 -0.54 8.67
C LEU A 35 6.20 -1.99 8.39
N GLU A 36 5.70 -2.83 9.25
CA GLU A 36 5.87 -4.24 9.14
C GLU A 36 4.52 -4.87 9.04
N LEU A 37 4.33 -5.49 7.95
CA LEU A 37 3.09 -6.16 7.63
C LEU A 37 3.31 -7.66 7.74
N LYS A 38 2.89 -8.23 8.87
CA LYS A 38 3.46 -9.50 9.36
C LYS A 38 2.99 -10.73 8.63
N VAL A 39 1.68 -10.95 8.47
CA VAL A 39 1.20 -12.03 7.63
C VAL A 39 0.15 -11.61 6.60
N GLY A 40 -0.42 -10.44 6.77
CA GLY A 40 -1.61 -10.11 6.02
C GLY A 40 -2.37 -8.99 6.66
N ASP A 41 -1.77 -7.87 6.53
CA ASP A 41 -2.19 -6.63 7.16
C ASP A 41 -2.95 -5.77 6.17
N ILE A 42 -3.76 -4.87 6.65
CA ILE A 42 -4.33 -3.90 5.76
C ILE A 42 -3.76 -2.53 6.04
N ILE A 43 -3.41 -1.90 4.96
CA ILE A 43 -2.71 -0.69 4.91
C ILE A 43 -3.63 0.29 4.27
N GLU A 44 -3.32 1.49 4.51
CA GLU A 44 -3.92 2.61 3.83
C GLU A 44 -2.82 3.59 3.63
N VAL A 45 -2.18 3.58 2.48
CA VAL A 45 -0.97 4.23 2.47
C VAL A 45 -1.02 5.60 1.85
N VAL A 46 -0.66 5.60 0.64
CA VAL A 46 -0.75 6.71 -0.21
C VAL A 46 -1.40 6.27 -1.46
N GLY A 47 -1.51 4.98 -1.50
CA GLY A 47 -1.90 4.31 -2.68
C GLY A 47 -0.88 4.43 -3.77
N GLU A 48 -1.42 4.33 -4.95
CA GLU A 48 -0.68 4.22 -6.22
C GLU A 48 0.22 5.38 -6.53
N VAL A 49 0.28 6.29 -5.62
CA VAL A 49 0.98 7.55 -5.84
C VAL A 49 2.44 7.30 -6.15
N GLU A 50 2.91 6.17 -5.68
CA GLU A 50 4.27 5.74 -5.93
C GLU A 50 4.33 4.82 -7.12
N GLU A 51 3.46 5.16 -8.05
CA GLU A 51 3.15 4.43 -9.25
C GLU A 51 3.70 3.01 -9.27
N GLY A 52 2.92 2.11 -8.67
CA GLY A 52 3.31 0.75 -8.49
C GLY A 52 3.80 0.51 -7.09
N TRP A 53 3.90 1.60 -6.37
CA TRP A 53 4.43 1.60 -5.01
C TRP A 53 3.54 2.44 -4.16
N TRP A 54 3.52 2.14 -2.89
CA TRP A 54 2.67 2.75 -1.98
C TRP A 54 3.43 3.06 -0.72
N GLU A 55 2.85 3.91 0.04
CA GLU A 55 3.47 4.46 1.24
C GLU A 55 2.43 4.69 2.27
N GLY A 56 2.53 4.10 3.41
CA GLY A 56 1.41 4.17 4.27
C GLY A 56 1.58 3.61 5.61
N VAL A 57 0.47 3.49 6.29
CA VAL A 57 0.51 3.14 7.67
C VAL A 57 -0.20 1.84 7.95
N LEU A 58 0.37 1.12 8.87
CA LEU A 58 -0.12 -0.13 9.28
C LEU A 58 -0.29 -0.14 10.78
N ASN A 59 -1.54 -0.09 11.15
CA ASN A 59 -1.96 -0.11 12.56
C ASN A 59 -1.30 0.96 13.40
N GLY A 60 -0.88 1.97 12.71
CA GLY A 60 -0.26 3.11 13.34
C GLY A 60 1.21 3.20 13.04
N LYS A 61 1.70 2.18 12.41
CA LYS A 61 3.07 2.09 11.98
C LYS A 61 3.18 2.50 10.53
N THR A 62 3.71 3.67 10.28
CA THR A 62 3.77 4.17 8.93
C THR A 62 5.05 3.73 8.24
N GLY A 63 4.98 3.70 6.94
CA GLY A 63 6.06 3.24 6.11
C GLY A 63 5.75 3.45 4.65
N MET A 64 6.30 2.60 3.83
CA MET A 64 6.04 2.56 2.40
C MET A 64 6.61 1.29 1.87
N PHE A 65 5.92 0.72 0.92
CA PHE A 65 6.32 -0.50 0.29
C PHE A 65 6.22 -0.42 -1.21
N PRO A 66 7.04 -1.21 -1.89
CA PRO A 66 6.92 -1.45 -3.33
C PRO A 66 5.93 -2.55 -3.65
N SER A 67 4.80 -2.53 -2.95
CA SER A 67 3.71 -3.54 -3.11
C SER A 67 4.27 -4.94 -3.27
N ASN A 68 5.32 -5.19 -2.55
CA ASN A 68 6.12 -6.37 -2.77
C ASN A 68 5.52 -7.57 -2.10
N PHE A 69 5.09 -7.32 -0.89
CA PHE A 69 4.38 -8.26 -0.08
C PHE A 69 2.91 -7.85 -0.09
N ILE A 70 2.66 -6.59 -0.42
CA ILE A 70 1.36 -6.03 -0.30
C ILE A 70 0.77 -5.75 -1.67
N LYS A 71 -0.31 -6.42 -1.88
CA LYS A 71 -1.13 -6.29 -3.09
C LYS A 71 -2.55 -5.91 -2.73
N GLU A 72 -3.13 -4.94 -3.44
CA GLU A 72 -4.55 -4.71 -3.38
C GLU A 72 -5.01 -3.56 -4.22
N LEU A 73 -4.88 -2.46 -3.56
CA LEU A 73 -5.45 -1.18 -3.90
C LEU A 73 -4.93 -0.58 -5.19
N SER A 74 -5.58 0.51 -5.55
CA SER A 74 -5.02 1.43 -6.48
C SER A 74 -5.87 2.71 -6.58
N GLY A 75 -5.58 3.69 -5.74
CA GLY A 75 -6.03 5.04 -6.02
C GLY A 75 -5.22 5.65 -7.14
N GLU A 76 -5.38 5.08 -8.33
CA GLU A 76 -4.57 5.43 -9.47
C GLU A 76 -5.05 6.72 -10.14
N SER A 77 -4.49 6.94 -11.31
CA SER A 77 -4.79 8.06 -12.18
C SER A 77 -4.12 7.82 -13.53
N ASP A 78 -4.33 6.61 -14.02
CA ASP A 78 -3.65 6.11 -15.22
C ASP A 78 -2.15 6.27 -15.08
N GLU A 79 -1.63 5.69 -14.02
CA GLU A 79 -0.26 5.86 -13.63
C GLU A 79 0.33 4.58 -13.08
N LEU A 80 -0.46 3.53 -13.14
CA LEU A 80 -0.07 2.20 -12.69
C LEU A 80 1.27 1.84 -13.23
N GLY A 81 1.36 2.01 -14.49
CA GLY A 81 2.60 1.89 -15.17
C GLY A 81 2.45 2.35 -16.59
N ILE A 82 1.61 3.36 -16.74
CA ILE A 82 1.11 3.77 -18.01
C ILE A 82 1.90 4.93 -18.61
N SER A 83 2.52 4.66 -19.75
CA SER A 83 3.13 5.69 -20.55
C SER A 83 2.27 5.89 -21.80
N GLN A 84 2.69 6.76 -22.71
CA GLN A 84 1.93 6.96 -23.93
C GLN A 84 2.65 6.34 -25.13
N THR A 10 -8.99 -4.49 -4.98
CA THR A 10 -10.39 -4.07 -4.70
C THR A 10 -10.73 -2.76 -5.40
N ASN A 11 -10.52 -1.64 -4.72
CA ASN A 11 -10.89 -0.34 -5.25
C ASN A 11 -9.69 0.40 -5.83
N LYS A 12 -9.31 0.02 -7.04
CA LYS A 12 -8.25 0.69 -7.76
C LYS A 12 -8.78 1.90 -8.51
N ARG A 13 -10.09 2.07 -8.46
CA ARG A 13 -10.76 3.24 -9.03
C ARG A 13 -10.12 4.55 -8.57
N GLY A 14 -9.58 4.56 -7.38
CA GLY A 14 -8.86 5.73 -6.91
C GLY A 14 -9.34 6.26 -5.58
N GLU A 15 -8.46 6.25 -4.56
CA GLU A 15 -8.79 6.87 -3.30
C GLU A 15 -7.92 8.11 -3.06
N ARG A 16 -6.89 8.26 -3.89
CA ARG A 16 -5.91 9.36 -3.77
C ARG A 16 -5.14 9.26 -2.45
N ARG A 17 -4.85 10.43 -1.84
CA ARG A 17 -3.96 10.60 -0.70
C ARG A 17 -3.70 9.34 0.13
N ARG A 18 -4.68 8.93 0.91
CA ARG A 18 -4.58 7.71 1.68
C ARG A 18 -5.41 6.62 1.04
N ARG A 19 -4.78 5.53 0.67
CA ARG A 19 -5.46 4.47 -0.02
C ARG A 19 -5.17 3.16 0.67
N ARG A 20 -6.19 2.36 0.84
CA ARG A 20 -6.11 1.17 1.64
C ARG A 20 -5.84 -0.09 0.80
N CYS A 21 -4.80 -0.78 1.20
CA CYS A 21 -4.32 -1.96 0.54
C CYS A 21 -4.14 -3.11 1.52
N GLN A 22 -4.21 -4.33 1.03
CA GLN A 22 -3.91 -5.47 1.86
C GLN A 22 -2.54 -6.00 1.57
N VAL A 23 -1.83 -6.36 2.60
CA VAL A 23 -0.54 -6.89 2.41
C VAL A 23 -0.50 -8.39 2.60
N ALA A 24 0.28 -8.99 1.74
CA ALA A 24 0.66 -10.34 1.81
C ALA A 24 1.92 -10.44 2.63
N PHE A 25 2.46 -11.59 2.64
CA PHE A 25 2.83 -12.25 3.83
C PHE A 25 3.72 -11.48 4.79
N SER A 26 4.93 -11.11 4.43
CA SER A 26 5.74 -10.41 5.39
C SER A 26 6.41 -9.18 4.83
N TYR A 27 5.91 -8.01 5.13
CA TYR A 27 6.69 -6.84 4.85
C TYR A 27 7.54 -6.54 6.09
N LEU A 28 8.77 -6.98 5.94
CA LEU A 28 9.89 -6.88 6.91
C LEU A 28 10.75 -5.58 6.95
N PRO A 29 10.43 -4.53 6.20
CA PRO A 29 11.40 -3.60 5.57
C PRO A 29 11.99 -2.55 6.43
N GLN A 30 12.01 -2.72 7.69
CA GLN A 30 12.29 -1.59 8.51
C GLN A 30 13.77 -1.40 8.61
N ASN A 31 14.22 -0.27 8.11
CA ASN A 31 15.57 0.15 8.28
C ASN A 31 15.66 1.36 9.18
N ASP A 32 14.81 2.33 8.90
CA ASP A 32 14.80 3.58 9.64
C ASP A 32 13.63 3.66 10.58
N ASP A 33 12.54 3.13 10.07
CA ASP A 33 11.25 3.10 10.71
C ASP A 33 10.18 3.08 9.63
N GLU A 34 10.00 1.92 9.08
CA GLU A 34 8.95 1.68 8.11
C GLU A 34 7.94 0.73 8.73
N LEU A 35 6.89 0.43 8.03
CA LEU A 35 5.89 -0.41 8.56
C LEU A 35 6.20 -1.86 8.27
N GLU A 36 5.70 -2.72 9.13
CA GLU A 36 5.87 -4.13 9.03
C GLU A 36 4.53 -4.78 8.97
N LEU A 37 4.34 -5.44 7.88
CA LEU A 37 3.11 -6.11 7.59
C LEU A 37 3.34 -7.62 7.71
N LYS A 38 2.94 -8.16 8.85
CA LYS A 38 3.52 -9.42 9.34
C LYS A 38 3.06 -10.67 8.62
N VAL A 39 1.74 -10.89 8.51
CA VAL A 39 1.23 -12.02 7.74
C VAL A 39 0.16 -11.65 6.69
N GLY A 40 -0.37 -10.47 6.80
CA GLY A 40 -1.56 -10.15 6.04
C GLY A 40 -2.33 -9.03 6.67
N ASP A 41 -1.74 -7.91 6.54
CA ASP A 41 -2.17 -6.67 7.16
C ASP A 41 -2.92 -5.82 6.18
N ILE A 42 -3.73 -4.92 6.64
CA ILE A 42 -4.29 -3.96 5.75
C ILE A 42 -3.74 -2.58 6.05
N ILE A 43 -3.39 -1.92 4.99
CA ILE A 43 -2.71 -0.69 4.96
C ILE A 43 -3.64 0.28 4.34
N GLU A 44 -3.34 1.49 4.56
CA GLU A 44 -3.95 2.61 3.88
C GLU A 44 -2.87 3.60 3.67
N VAL A 45 -2.21 3.57 2.52
CA VAL A 45 -1.00 4.23 2.50
C VAL A 45 -1.05 5.59 1.86
N VAL A 46 -0.64 5.59 0.66
CA VAL A 46 -0.65 6.73 -0.16
C VAL A 46 -1.27 6.40 -1.46
N GLY A 47 -1.39 5.13 -1.60
CA GLY A 47 -1.81 4.55 -2.82
C GLY A 47 -0.78 4.67 -3.89
N GLU A 48 -1.30 4.72 -5.07
CA GLU A 48 -0.56 4.64 -6.33
C GLU A 48 0.46 5.75 -6.51
N VAL A 49 0.57 6.58 -5.52
CA VAL A 49 1.39 7.77 -5.61
C VAL A 49 2.82 7.41 -5.93
N GLU A 50 3.18 6.21 -5.54
CA GLU A 50 4.49 5.67 -5.82
C GLU A 50 4.47 4.73 -7.00
N GLU A 51 3.61 5.11 -7.92
CA GLU A 51 3.19 4.32 -9.06
C GLU A 51 3.73 2.89 -9.11
N GLY A 52 2.94 1.99 -8.56
CA GLY A 52 3.33 0.62 -8.40
C GLY A 52 3.86 0.38 -7.02
N TRP A 53 4.05 1.47 -6.31
CA TRP A 53 4.58 1.48 -4.97
C TRP A 53 3.67 2.32 -4.13
N TRP A 54 3.63 2.05 -2.84
CA TRP A 54 2.78 2.69 -1.94
C TRP A 54 3.54 3.04 -0.71
N GLU A 55 2.94 3.87 0.02
CA GLU A 55 3.52 4.42 1.24
C GLU A 55 2.46 4.61 2.26
N GLY A 56 2.54 4.03 3.39
CA GLY A 56 1.40 4.15 4.23
C GLY A 56 1.54 3.66 5.60
N VAL A 57 0.42 3.53 6.26
CA VAL A 57 0.44 3.23 7.64
C VAL A 57 -0.28 1.94 7.94
N LEU A 58 0.30 1.18 8.82
CA LEU A 58 -0.19 -0.07 9.21
C LEU A 58 -0.34 -0.11 10.71
N ASN A 59 -1.58 -0.08 11.11
CA ASN A 59 -1.96 -0.15 12.52
C ASN A 59 -1.30 0.94 13.35
N GLY A 60 -0.94 1.98 12.66
CA GLY A 60 -0.31 3.11 13.27
C GLY A 60 1.15 3.21 12.95
N LYS A 61 1.65 2.17 12.35
CA LYS A 61 3.01 2.07 11.93
C LYS A 61 3.13 2.53 10.50
N THR A 62 3.68 3.68 10.28
CA THR A 62 3.74 4.21 8.96
C THR A 62 5.02 3.77 8.26
N GLY A 63 4.94 3.70 6.96
CA GLY A 63 6.02 3.22 6.15
C GLY A 63 5.73 3.43 4.68
N MET A 64 6.21 2.49 3.91
CA MET A 64 6.01 2.45 2.49
C MET A 64 6.56 1.16 1.98
N PHE A 65 5.95 0.65 0.93
CA PHE A 65 6.37 -0.56 0.30
C PHE A 65 6.31 -0.46 -1.20
N PRO A 66 7.12 -1.26 -1.86
CA PRO A 66 6.98 -1.48 -3.29
C PRO A 66 5.93 -2.53 -3.60
N SER A 67 4.86 -2.52 -2.80
CA SER A 67 3.72 -3.42 -3.02
C SER A 67 4.18 -4.86 -3.20
N ASN A 68 5.28 -5.16 -2.58
CA ASN A 68 6.02 -6.36 -2.87
C ASN A 68 5.39 -7.54 -2.19
N PHE A 69 5.13 -7.35 -0.94
CA PHE A 69 4.41 -8.29 -0.13
C PHE A 69 2.96 -7.87 -0.12
N ILE A 70 2.70 -6.64 -0.52
CA ILE A 70 1.39 -6.06 -0.37
C ILE A 70 0.76 -5.75 -1.71
N LYS A 71 -0.34 -6.39 -1.90
CA LYS A 71 -1.16 -6.25 -3.09
C LYS A 71 -2.57 -5.79 -2.74
N GLU A 72 -3.07 -4.77 -3.41
CA GLU A 72 -4.49 -4.46 -3.38
C GLU A 72 -4.87 -3.24 -4.17
N LEU A 73 -4.76 -2.19 -3.41
CA LEU A 73 -5.25 -0.86 -3.69
C LEU A 73 -4.66 -0.18 -4.92
N SER A 74 -5.19 1.02 -5.13
CA SER A 74 -4.56 2.08 -5.90
C SER A 74 -5.57 3.17 -6.23
N GLY A 75 -5.19 4.43 -5.98
CA GLY A 75 -5.82 5.54 -6.65
C GLY A 75 -5.77 5.39 -8.16
N GLU A 76 -6.43 6.31 -8.86
CA GLU A 76 -6.53 6.23 -10.29
C GLU A 76 -5.23 6.61 -10.98
N SER A 77 -5.39 7.26 -12.10
CA SER A 77 -4.30 7.66 -12.98
C SER A 77 -3.82 6.45 -13.77
N ASP A 78 -4.78 5.91 -14.51
CA ASP A 78 -4.59 4.70 -15.29
C ASP A 78 -4.12 3.56 -14.43
N GLU A 79 -4.87 3.37 -13.38
CA GLU A 79 -4.76 2.25 -12.47
C GLU A 79 -6.14 1.73 -12.15
N LEU A 80 -7.09 2.33 -12.83
CA LEU A 80 -8.51 2.09 -12.70
C LEU A 80 -8.86 0.64 -12.64
N GLY A 81 -8.12 -0.10 -13.38
CA GLY A 81 -8.30 -1.50 -13.41
C GLY A 81 -7.50 -2.08 -14.53
N ILE A 82 -6.31 -1.54 -14.66
CA ILE A 82 -5.47 -1.73 -15.80
C ILE A 82 -4.84 -3.11 -15.84
N SER A 83 -4.82 -3.70 -17.02
CA SER A 83 -4.17 -4.97 -17.24
C SER A 83 -3.07 -4.80 -18.28
N GLN A 84 -3.45 -4.32 -19.45
CA GLN A 84 -2.51 -4.06 -20.54
C GLN A 84 -2.93 -2.79 -21.27
N THR A 10 -6.88 7.86 -15.13
CA THR A 10 -7.19 7.92 -13.69
C THR A 10 -6.11 7.20 -12.90
N ASN A 11 -5.81 7.67 -11.70
CA ASN A 11 -4.96 6.91 -10.79
C ASN A 11 -5.06 7.43 -9.36
N LYS A 12 -4.71 8.69 -9.13
CA LYS A 12 -4.67 9.23 -7.78
C LYS A 12 -6.03 9.67 -7.28
N ARG A 13 -7.00 9.65 -8.17
CA ARG A 13 -8.37 9.99 -7.83
C ARG A 13 -9.10 8.78 -7.29
N GLY A 14 -8.42 8.10 -6.42
CA GLY A 14 -8.94 6.90 -5.83
C GLY A 14 -9.49 7.11 -4.42
N GLU A 15 -8.88 6.43 -3.46
CA GLU A 15 -9.36 6.41 -2.10
C GLU A 15 -9.02 7.69 -1.31
N ARG A 16 -8.28 8.59 -1.95
CA ARG A 16 -7.91 9.90 -1.38
C ARG A 16 -6.84 9.80 -0.29
N ARG A 17 -5.67 10.36 -0.58
CA ARG A 17 -4.53 10.39 0.35
C ARG A 17 -4.17 9.02 0.87
N ARG A 18 -4.61 8.70 2.08
CA ARG A 18 -4.40 7.37 2.63
C ARG A 18 -5.31 6.40 1.91
N ARG A 19 -4.71 5.47 1.19
CA ARG A 19 -5.46 4.59 0.37
C ARG A 19 -5.13 3.15 0.71
N ARG A 20 -6.13 2.33 0.82
CA ARG A 20 -6.00 1.12 1.60
C ARG A 20 -5.79 -0.14 0.79
N CYS A 21 -4.70 -0.80 1.11
CA CYS A 21 -4.25 -2.01 0.47
C CYS A 21 -4.04 -3.12 1.48
N GLN A 22 -4.30 -4.35 1.07
CA GLN A 22 -4.05 -5.49 1.93
C GLN A 22 -2.75 -6.20 1.61
N VAL A 23 -1.92 -6.34 2.61
CA VAL A 23 -0.60 -6.85 2.42
C VAL A 23 -0.53 -8.35 2.62
N ALA A 24 0.25 -8.95 1.77
CA ALA A 24 0.64 -10.31 1.84
C ALA A 24 1.89 -10.40 2.65
N PHE A 25 2.43 -11.55 2.67
CA PHE A 25 2.84 -12.18 3.87
C PHE A 25 3.78 -11.39 4.78
N SER A 26 4.97 -11.02 4.37
CA SER A 26 5.84 -10.36 5.31
C SER A 26 6.49 -9.09 4.79
N TYR A 27 5.97 -7.96 5.12
CA TYR A 27 6.71 -6.75 4.87
C TYR A 27 7.53 -6.46 6.12
N LEU A 28 8.76 -6.87 6.01
CA LEU A 28 9.85 -6.78 7.02
C LEU A 28 10.73 -5.48 7.08
N PRO A 29 10.43 -4.44 6.30
CA PRO A 29 11.41 -3.56 5.63
C PRO A 29 11.99 -2.46 6.45
N GLN A 30 11.94 -2.57 7.73
CA GLN A 30 12.20 -1.41 8.52
C GLN A 30 13.68 -1.26 8.77
N ASN A 31 14.21 -0.19 8.25
CA ASN A 31 15.51 0.30 8.64
C ASN A 31 15.42 1.65 9.29
N ASP A 32 14.64 2.51 8.65
CA ASP A 32 14.62 3.92 8.97
C ASP A 32 13.43 4.30 9.81
N ASP A 33 12.34 3.64 9.50
CA ASP A 33 11.04 3.85 10.12
C ASP A 33 9.95 3.46 9.15
N GLU A 34 9.82 2.17 8.95
CA GLU A 34 8.84 1.62 8.03
C GLU A 34 7.84 0.80 8.81
N LEU A 35 6.85 0.30 8.10
CA LEU A 35 5.85 -0.52 8.66
C LEU A 35 6.17 -1.97 8.38
N GLU A 36 5.67 -2.82 9.22
CA GLU A 36 5.85 -4.22 9.09
C GLU A 36 4.51 -4.87 9.00
N LEU A 37 4.33 -5.48 7.89
CA LEU A 37 3.09 -6.16 7.58
C LEU A 37 3.33 -7.66 7.67
N LYS A 38 2.94 -8.24 8.81
CA LYS A 38 3.50 -9.52 9.26
C LYS A 38 2.97 -10.76 8.55
N VAL A 39 1.66 -10.92 8.46
CA VAL A 39 1.10 -12.02 7.70
C VAL A 39 0.04 -11.63 6.67
N GLY A 40 -0.47 -10.43 6.78
CA GLY A 40 -1.65 -10.08 6.02
C GLY A 40 -2.40 -8.96 6.66
N ASP A 41 -1.80 -7.84 6.53
CA ASP A 41 -2.20 -6.60 7.16
C ASP A 41 -2.97 -5.74 6.19
N ILE A 42 -3.77 -4.83 6.68
CA ILE A 42 -4.34 -3.85 5.79
C ILE A 42 -3.73 -2.49 6.06
N ILE A 43 -3.39 -1.86 4.98
CA ILE A 43 -2.69 -0.65 4.92
C ILE A 43 -3.61 0.32 4.30
N GLU A 44 -3.29 1.52 4.50
CA GLU A 44 -3.91 2.63 3.83
C GLU A 44 -2.82 3.62 3.61
N VAL A 45 -2.18 3.60 2.46
CA VAL A 45 -0.96 4.23 2.45
C VAL A 45 -1.00 5.60 1.84
N VAL A 46 -0.67 5.61 0.62
CA VAL A 46 -0.76 6.75 -0.21
C VAL A 46 -1.46 6.36 -1.44
N GLY A 47 -1.59 5.07 -1.51
CA GLY A 47 -2.05 4.43 -2.70
C GLY A 47 -0.99 4.38 -3.76
N GLU A 48 -1.47 4.15 -4.95
CA GLU A 48 -0.66 3.91 -6.15
C GLU A 48 0.25 5.03 -6.54
N VAL A 49 0.25 6.06 -5.74
CA VAL A 49 0.92 7.31 -6.04
C VAL A 49 2.38 7.05 -6.38
N GLU A 50 2.89 6.00 -5.80
CA GLU A 50 4.27 5.59 -6.02
C GLU A 50 4.34 4.62 -7.17
N GLU A 51 3.55 4.97 -8.16
CA GLU A 51 3.28 4.21 -9.36
C GLU A 51 3.72 2.75 -9.27
N GLY A 52 2.89 1.96 -8.61
CA GLY A 52 3.18 0.57 -8.36
C GLY A 52 3.69 0.36 -6.97
N TRP A 53 3.99 1.47 -6.33
CA TRP A 53 4.50 1.49 -4.98
C TRP A 53 3.57 2.33 -4.17
N TRP A 54 3.54 2.05 -2.90
CA TRP A 54 2.66 2.70 -2.00
C TRP A 54 3.41 3.02 -0.75
N GLU A 55 2.82 3.88 0.00
CA GLU A 55 3.44 4.45 1.19
C GLU A 55 2.42 4.68 2.22
N GLY A 56 2.53 4.11 3.38
CA GLY A 56 1.40 4.19 4.24
C GLY A 56 1.59 3.69 5.60
N VAL A 57 0.48 3.54 6.28
CA VAL A 57 0.52 3.19 7.66
C VAL A 57 -0.24 1.93 7.92
N LEU A 58 0.29 1.15 8.84
CA LEU A 58 -0.33 -0.03 9.24
C LEU A 58 -0.41 -0.09 10.75
N ASN A 59 -1.62 -0.01 11.21
CA ASN A 59 -1.96 -0.11 12.62
C ASN A 59 -1.24 0.92 13.45
N GLY A 60 -0.88 1.96 12.78
CA GLY A 60 -0.23 3.09 13.38
C GLY A 60 1.25 3.11 13.12
N LYS A 61 1.70 2.11 12.42
CA LYS A 61 3.06 2.00 11.98
C LYS A 61 3.17 2.45 10.55
N THR A 62 3.79 3.58 10.32
CA THR A 62 3.84 4.11 8.98
C THR A 62 5.10 3.64 8.26
N GLY A 63 5.02 3.67 6.94
CA GLY A 63 6.08 3.22 6.09
C GLY A 63 5.75 3.44 4.64
N MET A 64 6.31 2.60 3.81
CA MET A 64 6.03 2.57 2.37
C MET A 64 6.61 1.33 1.82
N PHE A 65 5.90 0.74 0.88
CA PHE A 65 6.31 -0.48 0.26
C PHE A 65 6.23 -0.43 -1.24
N PRO A 66 7.07 -1.20 -1.90
CA PRO A 66 6.96 -1.47 -3.32
C PRO A 66 5.98 -2.59 -3.65
N SER A 67 4.84 -2.58 -2.96
CA SER A 67 3.77 -3.60 -3.13
C SER A 67 4.34 -4.99 -3.32
N ASN A 68 5.37 -5.24 -2.58
CA ASN A 68 6.19 -6.40 -2.78
C ASN A 68 5.58 -7.60 -2.10
N PHE A 69 5.18 -7.33 -0.89
CA PHE A 69 4.46 -8.28 -0.07
C PHE A 69 3.02 -7.86 -0.06
N ILE A 70 2.77 -6.60 -0.35
CA ILE A 70 1.47 -6.03 -0.26
C ILE A 70 0.88 -5.79 -1.63
N LYS A 71 -0.32 -6.21 -1.71
CA LYS A 71 -1.16 -6.08 -2.89
C LYS A 71 -2.38 -5.29 -2.52
N GLU A 72 -3.05 -4.71 -3.52
CA GLU A 72 -4.49 -4.54 -3.52
C GLU A 72 -4.97 -3.28 -4.20
N LEU A 73 -5.03 -2.31 -3.34
CA LEU A 73 -5.63 -1.01 -3.52
C LEU A 73 -5.41 -0.35 -4.86
N SER A 74 -6.40 0.46 -5.20
CA SER A 74 -6.30 1.51 -6.17
C SER A 74 -7.67 1.92 -6.69
N GLY A 75 -8.01 3.20 -6.58
CA GLY A 75 -9.20 3.73 -7.23
C GLY A 75 -9.08 3.77 -8.76
N GLU A 76 -8.08 3.09 -9.28
CA GLU A 76 -7.89 2.94 -10.71
C GLU A 76 -8.73 1.77 -11.22
N SER A 77 -8.23 1.18 -12.27
CA SER A 77 -8.86 0.03 -12.86
C SER A 77 -7.87 -1.09 -13.03
N ASP A 78 -6.94 -1.07 -12.09
CA ASP A 78 -5.84 -2.02 -12.04
C ASP A 78 -5.14 -2.12 -13.39
N GLU A 79 -5.02 -0.97 -14.01
CA GLU A 79 -4.57 -0.87 -15.37
C GLU A 79 -3.34 -0.02 -15.53
N LEU A 80 -2.84 0.44 -14.42
CA LEU A 80 -1.67 1.30 -14.36
C LEU A 80 -0.41 0.53 -14.55
N GLY A 81 -0.49 -0.33 -15.49
CA GLY A 81 0.58 -1.21 -15.82
C GLY A 81 0.60 -2.39 -14.88
N ILE A 82 -0.44 -2.45 -14.06
CA ILE A 82 -0.59 -3.45 -13.07
C ILE A 82 -0.90 -4.81 -13.68
N SER A 83 -2.10 -4.95 -14.22
CA SER A 83 -2.48 -6.17 -14.91
C SER A 83 -1.94 -6.12 -16.34
N GLN A 84 -2.42 -5.16 -17.11
CA GLN A 84 -1.96 -4.97 -18.48
C GLN A 84 -2.32 -3.56 -18.94
N THR A 10 -8.59 2.67 -10.19
CA THR A 10 -7.14 2.56 -10.36
C THR A 10 -6.53 3.92 -10.74
N ASN A 11 -6.65 4.89 -9.83
CA ASN A 11 -6.04 6.21 -10.01
C ASN A 11 -6.26 7.04 -8.76
N LYS A 12 -5.75 8.27 -8.73
CA LYS A 12 -5.83 9.09 -7.51
C LYS A 12 -7.26 9.51 -7.20
N ARG A 13 -8.05 9.61 -8.24
CA ARG A 13 -9.47 9.91 -8.16
C ARG A 13 -10.21 8.94 -7.24
N GLY A 14 -9.53 7.87 -6.87
CA GLY A 14 -10.11 6.86 -6.02
C GLY A 14 -10.20 7.29 -4.57
N GLU A 15 -9.44 6.61 -3.71
CA GLU A 15 -9.55 6.78 -2.28
C GLU A 15 -8.72 7.97 -1.78
N ARG A 16 -8.11 8.70 -2.73
CA ARG A 16 -7.35 9.92 -2.43
C ARG A 16 -6.07 9.62 -1.66
N ARG A 17 -5.50 10.66 -1.03
CA ARG A 17 -4.33 10.58 -0.16
C ARG A 17 -4.07 9.20 0.40
N ARG A 18 -4.80 8.83 1.42
CA ARG A 18 -4.66 7.52 2.00
C ARG A 18 -5.44 6.51 1.17
N ARG A 19 -4.78 5.44 0.76
CA ARG A 19 -5.47 4.41 0.04
C ARG A 19 -5.15 3.07 0.64
N ARG A 20 -6.17 2.25 0.82
CA ARG A 20 -6.01 1.05 1.63
C ARG A 20 -5.79 -0.20 0.81
N CYS A 21 -4.70 -0.85 1.13
CA CYS A 21 -4.25 -2.05 0.48
C CYS A 21 -4.04 -3.16 1.49
N GLN A 22 -4.28 -4.38 1.08
CA GLN A 22 -4.03 -5.52 1.94
C GLN A 22 -2.72 -6.23 1.60
N VAL A 23 -1.89 -6.36 2.58
CA VAL A 23 -0.56 -6.86 2.37
C VAL A 23 -0.49 -8.36 2.55
N ALA A 24 0.32 -8.95 1.71
CA ALA A 24 0.72 -10.30 1.78
C ALA A 24 1.97 -10.40 2.59
N PHE A 25 2.50 -11.54 2.60
CA PHE A 25 2.87 -12.19 3.82
C PHE A 25 3.77 -11.41 4.76
N SER A 26 4.97 -11.05 4.40
CA SER A 26 5.80 -10.36 5.35
C SER A 26 6.44 -9.10 4.82
N TYR A 27 5.90 -7.96 5.13
CA TYR A 27 6.65 -6.77 4.88
C TYR A 27 7.47 -6.50 6.14
N LEU A 28 8.70 -6.95 6.03
CA LEU A 28 9.78 -6.88 7.04
C LEU A 28 10.66 -5.60 7.10
N PRO A 29 10.38 -4.55 6.32
CA PRO A 29 11.39 -3.68 5.67
C PRO A 29 11.96 -2.61 6.52
N GLN A 30 11.87 -2.74 7.79
CA GLN A 30 12.16 -1.62 8.60
C GLN A 30 13.61 -1.56 8.92
N ASN A 31 14.24 -0.51 8.45
CA ASN A 31 15.54 -0.13 8.89
C ASN A 31 15.50 1.22 9.59
N ASP A 32 14.82 2.16 8.96
CA ASP A 32 14.85 3.54 9.39
C ASP A 32 13.57 3.97 10.04
N ASP A 33 12.47 3.48 9.50
CA ASP A 33 11.13 3.90 9.89
C ASP A 33 10.10 3.42 8.90
N GLU A 34 9.96 2.11 8.79
CA GLU A 34 8.98 1.52 7.91
C GLU A 34 7.96 0.75 8.74
N LEU A 35 6.93 0.29 8.07
CA LEU A 35 5.91 -0.51 8.66
C LEU A 35 6.19 -1.97 8.40
N GLU A 36 5.66 -2.79 9.26
CA GLU A 36 5.79 -4.21 9.15
C GLU A 36 4.44 -4.83 9.04
N LEU A 37 4.26 -5.45 7.94
CA LEU A 37 3.03 -6.12 7.60
C LEU A 37 3.25 -7.63 7.70
N LYS A 38 2.81 -8.21 8.82
CA LYS A 38 3.37 -9.47 9.30
C LYS A 38 2.92 -10.72 8.55
N VAL A 39 1.61 -10.94 8.40
CA VAL A 39 1.12 -12.04 7.58
C VAL A 39 0.07 -11.63 6.54
N GLY A 40 -0.47 -10.45 6.67
CA GLY A 40 -1.65 -10.10 5.91
C GLY A 40 -2.42 -9.00 6.55
N ASP A 41 -1.81 -7.88 6.46
CA ASP A 41 -2.23 -6.65 7.10
C ASP A 41 -2.98 -5.76 6.14
N ILE A 42 -3.77 -4.85 6.65
CA ILE A 42 -4.35 -3.86 5.80
C ILE A 42 -3.73 -2.50 6.08
N ILE A 43 -3.37 -1.88 5.01
CA ILE A 43 -2.67 -0.65 4.97
C ILE A 43 -3.60 0.31 4.33
N GLU A 44 -3.31 1.51 4.56
CA GLU A 44 -3.94 2.60 3.86
C GLU A 44 -2.85 3.58 3.64
N VAL A 45 -2.20 3.56 2.49
CA VAL A 45 -1.00 4.20 2.49
C VAL A 45 -1.06 5.56 1.87
N VAL A 46 -0.70 5.57 0.66
CA VAL A 46 -0.77 6.70 -0.18
C VAL A 46 -1.43 6.26 -1.43
N GLY A 47 -1.52 4.97 -1.45
CA GLY A 47 -1.90 4.27 -2.62
C GLY A 47 -0.94 4.44 -3.74
N GLU A 48 -1.54 4.48 -4.88
CA GLU A 48 -0.91 4.49 -6.20
C GLU A 48 0.04 5.65 -6.44
N VAL A 49 0.21 6.46 -5.45
CA VAL A 49 0.98 7.69 -5.59
C VAL A 49 2.43 7.37 -5.95
N GLU A 50 2.82 6.18 -5.58
CA GLU A 50 4.15 5.69 -5.90
C GLU A 50 4.11 4.74 -7.05
N GLU A 51 3.17 5.03 -7.91
CA GLU A 51 2.76 4.22 -9.04
C GLU A 51 3.45 2.87 -9.14
N GLY A 52 2.74 1.88 -8.62
CA GLY A 52 3.29 0.55 -8.46
C GLY A 52 3.85 0.36 -7.08
N TRP A 53 3.91 1.47 -6.37
CA TRP A 53 4.45 1.53 -5.02
C TRP A 53 3.53 2.36 -4.19
N TRP A 54 3.50 2.08 -2.91
CA TRP A 54 2.65 2.71 -2.00
C TRP A 54 3.42 3.05 -0.76
N GLU A 55 2.84 3.90 -0.01
CA GLU A 55 3.45 4.46 1.19
C GLU A 55 2.43 4.68 2.22
N GLY A 56 2.54 4.12 3.38
CA GLY A 56 1.42 4.21 4.23
C GLY A 56 1.60 3.70 5.60
N VAL A 57 0.49 3.55 6.28
CA VAL A 57 0.53 3.22 7.67
C VAL A 57 -0.19 1.94 7.95
N LEU A 58 0.37 1.19 8.86
CA LEU A 58 -0.14 -0.05 9.26
C LEU A 58 -0.30 -0.06 10.77
N ASN A 59 -1.54 0.00 11.15
CA ASN A 59 -1.94 -0.04 12.57
C ASN A 59 -1.26 1.02 13.40
N GLY A 60 -0.83 2.03 12.73
CA GLY A 60 -0.18 3.15 13.35
C GLY A 60 1.30 3.19 13.09
N LYS A 61 1.76 2.18 12.40
CA LYS A 61 3.12 2.08 11.96
C LYS A 61 3.22 2.52 10.52
N THR A 62 3.81 3.67 10.30
CA THR A 62 3.86 4.20 8.96
C THR A 62 5.13 3.74 8.24
N GLY A 63 5.03 3.71 6.94
CA GLY A 63 6.10 3.26 6.09
C GLY A 63 5.77 3.49 4.65
N MET A 64 6.29 2.61 3.83
CA MET A 64 6.00 2.56 2.41
C MET A 64 6.51 1.25 1.92
N PHE A 65 5.88 0.73 0.89
CA PHE A 65 6.29 -0.50 0.27
C PHE A 65 6.19 -0.43 -1.23
N PRO A 66 7.04 -1.20 -1.90
CA PRO A 66 6.94 -1.45 -3.33
C PRO A 66 5.94 -2.54 -3.68
N SER A 67 4.83 -2.55 -2.96
CA SER A 67 3.77 -3.58 -3.13
C SER A 67 4.35 -4.97 -3.28
N ASN A 68 5.40 -5.19 -2.56
CA ASN A 68 6.24 -6.34 -2.78
C ASN A 68 5.66 -7.56 -2.09
N PHE A 69 5.21 -7.30 -0.91
CA PHE A 69 4.49 -8.27 -0.10
C PHE A 69 3.04 -7.85 -0.13
N ILE A 70 2.80 -6.58 -0.36
CA ILE A 70 1.50 -6.03 -0.27
C ILE A 70 0.92 -5.76 -1.63
N LYS A 71 -0.28 -6.20 -1.71
CA LYS A 71 -1.12 -6.06 -2.89
C LYS A 71 -2.34 -5.27 -2.51
N GLU A 72 -3.01 -4.70 -3.52
CA GLU A 72 -4.45 -4.53 -3.52
C GLU A 72 -4.93 -3.25 -4.17
N LEU A 73 -5.02 -2.30 -3.29
CA LEU A 73 -5.65 -0.99 -3.43
C LEU A 73 -5.45 -0.25 -4.75
N SER A 74 -6.32 0.75 -4.89
CA SER A 74 -6.17 1.85 -5.79
C SER A 74 -7.48 2.60 -5.92
N GLY A 75 -7.97 3.11 -4.80
CA GLY A 75 -9.23 3.83 -4.78
C GLY A 75 -10.44 2.94 -4.93
N GLU A 76 -10.27 1.66 -4.59
CA GLU A 76 -11.27 0.63 -4.84
C GLU A 76 -12.09 0.90 -6.09
N SER A 77 -13.38 0.67 -5.96
CA SER A 77 -14.36 0.95 -7.00
C SER A 77 -14.21 -0.02 -8.14
N ASP A 78 -14.18 -1.29 -7.76
CA ASP A 78 -14.01 -2.40 -8.69
C ASP A 78 -12.83 -2.18 -9.61
N GLU A 79 -11.73 -1.86 -8.98
CA GLU A 79 -10.48 -1.54 -9.64
C GLU A 79 -9.33 -2.15 -8.86
N LEU A 80 -9.72 -3.03 -7.98
CA LEU A 80 -8.85 -3.69 -7.01
C LEU A 80 -8.04 -4.77 -7.65
N GLY A 81 -7.65 -4.45 -8.80
CA GLY A 81 -6.88 -5.34 -9.62
C GLY A 81 -7.74 -6.40 -10.23
N ILE A 82 -9.01 -6.05 -10.33
CA ILE A 82 -10.04 -6.93 -10.82
C ILE A 82 -9.79 -7.37 -12.26
N SER A 83 -9.68 -8.68 -12.44
CA SER A 83 -9.45 -9.25 -13.74
C SER A 83 -10.57 -10.22 -14.11
N GLN A 84 -11.53 -9.72 -14.88
CA GLN A 84 -12.68 -10.51 -15.27
C GLN A 84 -12.61 -10.83 -16.76
N THR A 10 -8.06 4.70 -14.36
CA THR A 10 -7.04 4.51 -13.30
C THR A 10 -6.60 5.87 -12.78
N ASN A 11 -6.24 5.95 -11.51
CA ASN A 11 -5.85 7.21 -10.90
C ASN A 11 -5.14 6.97 -9.58
N LYS A 12 -3.99 7.59 -9.41
CA LYS A 12 -3.15 7.37 -8.23
C LYS A 12 -3.74 8.09 -7.03
N ARG A 13 -4.39 9.20 -7.32
CA ARG A 13 -5.15 9.96 -6.33
C ARG A 13 -6.03 9.05 -5.49
N GLY A 14 -6.81 8.22 -6.17
CA GLY A 14 -7.68 7.27 -5.50
C GLY A 14 -8.61 7.93 -4.49
N GLU A 15 -8.74 7.28 -3.34
CA GLU A 15 -9.59 7.78 -2.26
C GLU A 15 -8.92 8.91 -1.47
N ARG A 16 -7.83 9.46 -2.01
CA ARG A 16 -7.09 10.58 -1.40
C ARG A 16 -6.16 10.10 -0.29
N ARG A 17 -5.02 10.79 -0.19
CA ARG A 17 -3.94 10.49 0.74
C ARG A 17 -3.83 9.01 1.10
N ARG A 18 -4.37 8.63 2.25
CA ARG A 18 -4.29 7.26 2.71
C ARG A 18 -5.28 6.38 1.97
N ARG A 19 -4.76 5.44 1.21
CA ARG A 19 -5.60 4.52 0.49
C ARG A 19 -5.26 3.11 0.92
N ARG A 20 -6.26 2.28 1.10
CA ARG A 20 -6.08 1.05 1.83
C ARG A 20 -5.80 -0.15 0.95
N CYS A 21 -4.69 -0.79 1.25
CA CYS A 21 -4.23 -1.98 0.58
C CYS A 21 -4.01 -3.12 1.55
N GLN A 22 -4.27 -4.33 1.11
CA GLN A 22 -4.04 -5.49 1.94
C GLN A 22 -2.76 -6.21 1.59
N VAL A 23 -1.91 -6.37 2.56
CA VAL A 23 -0.60 -6.89 2.34
C VAL A 23 -0.55 -8.38 2.53
N ALA A 24 0.26 -8.97 1.70
CA ALA A 24 0.67 -10.32 1.78
C ALA A 24 1.86 -10.40 2.71
N PHE A 25 2.43 -11.52 2.73
CA PHE A 25 2.82 -12.17 3.95
C PHE A 25 3.74 -11.37 4.87
N SER A 26 4.93 -11.01 4.48
CA SER A 26 5.79 -10.30 5.40
C SER A 26 6.44 -9.07 4.85
N TYR A 27 5.94 -7.92 5.16
CA TYR A 27 6.70 -6.73 4.89
C TYR A 27 7.52 -6.43 6.14
N LEU A 28 8.76 -6.87 6.03
CA LEU A 28 9.84 -6.77 7.06
C LEU A 28 10.71 -5.48 7.14
N PRO A 29 10.42 -4.44 6.35
CA PRO A 29 11.41 -3.57 5.68
C PRO A 29 11.97 -2.44 6.48
N GLN A 30 11.91 -2.52 7.76
CA GLN A 30 12.14 -1.32 8.50
C GLN A 30 13.62 -1.13 8.76
N ASN A 31 14.14 -0.07 8.18
CA ASN A 31 15.43 0.47 8.53
C ASN A 31 15.33 1.86 9.12
N ASP A 32 14.53 2.69 8.46
CA ASP A 32 14.50 4.11 8.76
C ASP A 32 13.31 4.49 9.61
N ASP A 33 12.20 3.85 9.30
CA ASP A 33 10.92 4.07 9.95
C ASP A 33 9.82 3.57 9.03
N GLU A 34 9.77 2.28 8.86
CA GLU A 34 8.80 1.67 7.98
C GLU A 34 7.82 0.84 8.77
N LEU A 35 6.85 0.33 8.06
CA LEU A 35 5.84 -0.49 8.60
C LEU A 35 6.17 -1.94 8.33
N GLU A 36 5.65 -2.78 9.15
CA GLU A 36 5.83 -4.18 9.04
C GLU A 36 4.49 -4.84 8.96
N LEU A 37 4.29 -5.46 7.86
CA LEU A 37 3.05 -6.12 7.55
C LEU A 37 3.26 -7.61 7.70
N LYS A 38 2.81 -8.15 8.82
CA LYS A 38 3.35 -9.41 9.36
C LYS A 38 2.87 -10.67 8.65
N VAL A 39 1.57 -10.85 8.50
CA VAL A 39 1.06 -12.00 7.76
C VAL A 39 0.04 -11.66 6.67
N GLY A 40 -0.46 -10.46 6.70
CA GLY A 40 -1.62 -10.15 5.90
C GLY A 40 -2.41 -9.03 6.51
N ASP A 41 -1.79 -7.92 6.43
CA ASP A 41 -2.20 -6.70 7.09
C ASP A 41 -2.94 -5.78 6.14
N ILE A 42 -3.74 -4.88 6.65
CA ILE A 42 -4.28 -3.88 5.79
C ILE A 42 -3.68 -2.52 6.11
N ILE A 43 -3.37 -1.87 5.03
CA ILE A 43 -2.67 -0.65 4.98
C ILE A 43 -3.61 0.35 4.41
N GLU A 44 -3.27 1.54 4.64
CA GLU A 44 -3.89 2.68 4.00
C GLU A 44 -2.78 3.64 3.71
N VAL A 45 -2.20 3.58 2.53
CA VAL A 45 -0.98 4.21 2.45
C VAL A 45 -1.03 5.57 1.81
N VAL A 46 -0.70 5.56 0.58
CA VAL A 46 -0.75 6.71 -0.23
C VAL A 46 -1.44 6.36 -1.50
N GLY A 47 -1.55 5.08 -1.64
CA GLY A 47 -2.03 4.50 -2.85
C GLY A 47 -1.00 4.52 -3.94
N GLU A 48 -1.50 4.40 -5.13
CA GLU A 48 -0.74 4.25 -6.37
C GLU A 48 0.21 5.39 -6.67
N VAL A 49 0.29 6.29 -5.76
CA VAL A 49 1.05 7.51 -5.96
C VAL A 49 2.50 7.18 -6.25
N GLU A 50 2.91 6.04 -5.75
CA GLU A 50 4.26 5.54 -5.99
C GLU A 50 4.27 4.55 -7.12
N GLU A 51 3.38 4.82 -8.03
CA GLU A 51 3.01 3.97 -9.15
C GLU A 51 3.67 2.59 -9.15
N GLY A 52 2.94 1.65 -8.58
CA GLY A 52 3.44 0.32 -8.37
C GLY A 52 3.99 0.16 -6.97
N TRP A 53 4.06 1.30 -6.30
CA TRP A 53 4.57 1.39 -4.95
C TRP A 53 3.60 2.22 -4.16
N TRP A 54 3.56 1.98 -2.87
CA TRP A 54 2.69 2.64 -1.98
C TRP A 54 3.44 3.00 -0.75
N GLU A 55 2.85 3.86 -0.04
CA GLU A 55 3.45 4.43 1.17
C GLU A 55 2.41 4.65 2.19
N GLY A 56 2.52 4.09 3.34
CA GLY A 56 1.41 4.16 4.20
C GLY A 56 1.60 3.67 5.57
N VAL A 57 0.50 3.56 6.26
CA VAL A 57 0.53 3.22 7.63
C VAL A 57 -0.23 1.94 7.90
N LEU A 58 0.32 1.17 8.79
CA LEU A 58 -0.22 -0.07 9.15
C LEU A 58 -0.40 -0.13 10.66
N ASN A 59 -1.63 -0.07 11.05
CA ASN A 59 -2.03 -0.15 12.45
C ASN A 59 -1.33 0.89 13.31
N GLY A 60 -0.93 1.93 12.65
CA GLY A 60 -0.27 3.04 13.29
C GLY A 60 1.20 3.11 12.98
N LYS A 61 1.67 2.08 12.34
CA LYS A 61 3.05 1.95 11.92
C LYS A 61 3.17 2.41 10.49
N THR A 62 3.77 3.56 10.27
CA THR A 62 3.84 4.10 8.94
C THR A 62 5.10 3.65 8.21
N GLY A 63 5.01 3.66 6.90
CA GLY A 63 6.09 3.20 6.06
C GLY A 63 5.76 3.41 4.61
N MET A 64 6.34 2.58 3.78
CA MET A 64 6.07 2.54 2.36
C MET A 64 6.66 1.30 1.80
N PHE A 65 5.95 0.70 0.88
CA PHE A 65 6.38 -0.52 0.26
C PHE A 65 6.31 -0.42 -1.23
N PRO A 66 7.12 -1.22 -1.89
CA PRO A 66 6.98 -1.44 -3.32
C PRO A 66 5.95 -2.50 -3.65
N SER A 67 4.89 -2.52 -2.84
CA SER A 67 3.78 -3.47 -3.05
C SER A 67 4.30 -4.88 -3.25
N ASN A 68 5.36 -5.15 -2.57
CA ASN A 68 6.16 -6.32 -2.80
C ASN A 68 5.57 -7.52 -2.12
N PHE A 69 5.26 -7.30 -0.88
CA PHE A 69 4.52 -8.25 -0.06
C PHE A 69 3.07 -7.81 -0.05
N ILE A 70 2.80 -6.60 -0.48
CA ILE A 70 1.51 -6.03 -0.36
C ILE A 70 0.89 -5.72 -1.70
N LYS A 71 -0.31 -6.16 -1.77
CA LYS A 71 -1.17 -6.01 -2.94
C LYS A 71 -2.40 -5.23 -2.52
N GLU A 72 -3.08 -4.64 -3.49
CA GLU A 72 -4.53 -4.48 -3.46
C GLU A 72 -5.02 -3.21 -4.12
N LEU A 73 -4.95 -2.22 -3.29
CA LEU A 73 -5.58 -0.92 -3.43
C LEU A 73 -5.29 -0.17 -4.72
N SER A 74 -6.14 0.83 -4.94
CA SER A 74 -5.88 1.97 -5.77
C SER A 74 -7.18 2.51 -6.38
N GLY A 75 -7.78 3.50 -5.73
CA GLY A 75 -8.97 4.16 -6.28
C GLY A 75 -10.07 3.20 -6.69
N GLU A 76 -11.03 3.00 -5.80
CA GLU A 76 -12.14 2.11 -6.09
C GLU A 76 -13.07 2.70 -7.13
N SER A 77 -14.30 2.23 -7.07
CA SER A 77 -15.31 2.53 -8.06
C SER A 77 -14.91 1.93 -9.39
N ASP A 78 -14.57 0.64 -9.30
CA ASP A 78 -14.14 -0.18 -10.44
C ASP A 78 -13.01 0.45 -11.23
N GLU A 79 -12.01 0.86 -10.49
CA GLU A 79 -10.79 1.40 -11.05
C GLU A 79 -9.59 0.83 -10.33
N LEU A 80 -9.92 -0.01 -9.38
CA LEU A 80 -9.01 -0.59 -8.40
C LEU A 80 -7.74 -1.04 -8.99
N GLY A 81 -7.93 -1.79 -10.00
CA GLY A 81 -6.84 -2.38 -10.68
C GLY A 81 -7.34 -3.16 -11.85
N ILE A 82 -8.41 -2.62 -12.39
CA ILE A 82 -9.20 -3.24 -13.41
C ILE A 82 -8.37 -3.75 -14.59
N SER A 83 -7.64 -2.86 -15.24
CA SER A 83 -6.76 -3.24 -16.35
C SER A 83 -5.92 -2.05 -16.78
N GLN A 84 -5.60 -1.19 -15.83
CA GLN A 84 -4.97 0.08 -16.11
C GLN A 84 -4.24 0.62 -14.89
N THR A 10 -5.24 3.63 -14.11
CA THR A 10 -5.47 4.96 -13.50
C THR A 10 -5.18 4.90 -11.99
N ASN A 11 -4.74 6.00 -11.43
CA ASN A 11 -4.42 6.05 -10.00
C ASN A 11 -5.07 7.26 -9.33
N LYS A 12 -5.37 8.29 -10.10
CA LYS A 12 -5.93 9.51 -9.54
C LYS A 12 -7.44 9.40 -9.38
N ARG A 13 -7.99 8.32 -9.88
CA ARG A 13 -9.36 7.96 -9.62
C ARG A 13 -9.47 7.29 -8.27
N GLY A 14 -8.33 7.17 -7.62
CA GLY A 14 -8.25 6.59 -6.31
C GLY A 14 -8.77 7.52 -5.24
N GLU A 15 -8.80 7.01 -4.02
CA GLU A 15 -9.31 7.76 -2.88
C GLU A 15 -8.33 8.82 -2.39
N ARG A 16 -7.20 8.94 -3.10
CA ARG A 16 -6.16 9.93 -2.77
C ARG A 16 -5.56 9.67 -1.39
N ARG A 17 -4.63 10.57 -1.00
CA ARG A 17 -3.90 10.52 0.25
C ARG A 17 -3.77 9.11 0.83
N ARG A 18 -4.62 8.77 1.79
CA ARG A 18 -4.58 7.46 2.37
C ARG A 18 -5.47 6.50 1.60
N ARG A 19 -4.89 5.48 1.01
CA ARG A 19 -5.67 4.50 0.30
C ARG A 19 -5.31 3.12 0.80
N ARG A 20 -6.30 2.27 0.98
CA ARG A 20 -6.10 1.04 1.73
C ARG A 20 -5.80 -0.15 0.84
N CYS A 21 -4.68 -0.78 1.15
CA CYS A 21 -4.20 -1.95 0.45
C CYS A 21 -4.00 -3.10 1.43
N GLN A 22 -4.11 -4.33 0.95
CA GLN A 22 -3.88 -5.46 1.80
C GLN A 22 -2.53 -6.06 1.52
N VAL A 23 -1.83 -6.38 2.57
CA VAL A 23 -0.52 -6.91 2.39
C VAL A 23 -0.48 -8.40 2.61
N ALA A 24 0.33 -9.01 1.78
CA ALA A 24 0.72 -10.35 1.88
C ALA A 24 1.95 -10.44 2.72
N PHE A 25 2.50 -11.57 2.74
CA PHE A 25 2.86 -12.23 3.94
C PHE A 25 3.77 -11.46 4.89
N SER A 26 4.96 -11.09 4.53
CA SER A 26 5.77 -10.35 5.48
C SER A 26 6.42 -9.13 4.89
N TYR A 27 5.91 -7.97 5.19
CA TYR A 27 6.67 -6.79 4.90
C TYR A 27 7.49 -6.47 6.15
N LEU A 28 8.72 -6.90 6.04
CA LEU A 28 9.79 -6.81 7.05
C LEU A 28 10.68 -5.52 7.11
N PRO A 29 10.40 -4.48 6.34
CA PRO A 29 11.41 -3.57 5.74
C PRO A 29 11.99 -2.52 6.63
N GLN A 30 11.91 -2.70 7.90
CA GLN A 30 12.19 -1.59 8.77
C GLN A 30 13.65 -1.55 9.15
N ASN A 31 14.30 -0.49 8.77
CA ASN A 31 15.51 -0.05 9.40
C ASN A 31 15.33 1.30 10.07
N ASP A 32 14.74 2.22 9.32
CA ASP A 32 14.71 3.62 9.71
C ASP A 32 13.38 4.07 10.27
N ASP A 33 12.33 3.56 9.66
CA ASP A 33 10.97 3.91 10.00
C ASP A 33 10.04 3.41 8.90
N GLU A 34 9.90 2.13 8.84
CA GLU A 34 8.95 1.51 7.94
C GLU A 34 7.89 0.78 8.75
N LEU A 35 6.88 0.33 8.06
CA LEU A 35 5.87 -0.47 8.62
C LEU A 35 6.17 -1.93 8.34
N GLU A 36 5.66 -2.78 9.20
CA GLU A 36 5.81 -4.19 9.08
C GLU A 36 4.46 -4.80 8.98
N LEU A 37 4.28 -5.43 7.88
CA LEU A 37 3.05 -6.09 7.58
C LEU A 37 3.26 -7.59 7.73
N LYS A 38 2.82 -8.11 8.86
CA LYS A 38 3.39 -9.35 9.40
C LYS A 38 2.95 -10.62 8.71
N VAL A 39 1.64 -10.84 8.56
CA VAL A 39 1.16 -11.99 7.80
C VAL A 39 0.12 -11.66 6.72
N GLY A 40 -0.40 -10.46 6.79
CA GLY A 40 -1.58 -10.15 6.01
C GLY A 40 -2.37 -9.05 6.62
N ASP A 41 -1.77 -7.91 6.51
CA ASP A 41 -2.20 -6.67 7.12
C ASP A 41 -2.94 -5.81 6.14
N ILE A 42 -3.77 -4.91 6.59
CA ILE A 42 -4.30 -3.93 5.69
C ILE A 42 -3.75 -2.56 6.01
N ILE A 43 -3.41 -1.89 4.95
CA ILE A 43 -2.74 -0.66 4.92
C ILE A 43 -3.67 0.33 4.34
N GLU A 44 -3.33 1.52 4.57
CA GLU A 44 -3.92 2.67 3.90
C GLU A 44 -2.81 3.60 3.65
N VAL A 45 -2.19 3.54 2.49
CA VAL A 45 -0.98 4.18 2.45
C VAL A 45 -1.04 5.55 1.84
N VAL A 46 -0.70 5.58 0.62
CA VAL A 46 -0.76 6.72 -0.18
C VAL A 46 -1.43 6.37 -1.45
N GLY A 47 -1.54 5.09 -1.57
CA GLY A 47 -1.99 4.49 -2.77
C GLY A 47 -0.96 4.51 -3.85
N GLU A 48 -1.45 4.32 -5.04
CA GLU A 48 -0.66 4.19 -6.28
C GLU A 48 0.19 5.41 -6.60
N VAL A 49 0.21 6.33 -5.68
CA VAL A 49 0.92 7.59 -5.88
C VAL A 49 2.38 7.31 -6.20
N GLU A 50 2.84 6.19 -5.69
CA GLU A 50 4.17 5.71 -5.97
C GLU A 50 4.17 4.75 -7.12
N GLU A 51 3.27 5.05 -8.03
CA GLU A 51 2.86 4.23 -9.15
C GLU A 51 3.55 2.87 -9.24
N GLY A 52 2.88 1.90 -8.66
CA GLY A 52 3.40 0.58 -8.50
C GLY A 52 3.91 0.39 -7.10
N TRP A 53 3.88 1.48 -6.37
CA TRP A 53 4.44 1.55 -5.04
C TRP A 53 3.52 2.36 -4.19
N TRP A 54 3.52 2.06 -2.91
CA TRP A 54 2.66 2.67 -1.98
C TRP A 54 3.43 3.00 -0.75
N GLU A 55 2.84 3.85 -0.01
CA GLU A 55 3.45 4.42 1.19
C GLU A 55 2.42 4.63 2.22
N GLY A 56 2.52 4.05 3.37
CA GLY A 56 1.40 4.15 4.23
C GLY A 56 1.59 3.69 5.61
N VAL A 57 0.48 3.53 6.29
CA VAL A 57 0.52 3.21 7.67
C VAL A 57 -0.24 1.93 7.95
N LEU A 58 0.31 1.17 8.85
CA LEU A 58 -0.22 -0.06 9.22
C LEU A 58 -0.35 -0.12 10.73
N ASN A 59 -1.57 -0.08 11.14
CA ASN A 59 -1.92 -0.13 12.56
C ASN A 59 -1.18 0.90 13.38
N GLY A 60 -0.88 1.97 12.71
CA GLY A 60 -0.21 3.09 13.31
C GLY A 60 1.26 3.15 12.97
N LYS A 61 1.71 2.09 12.38
CA LYS A 61 3.08 1.97 11.96
C LYS A 61 3.22 2.43 10.53
N THR A 62 3.88 3.53 10.30
CA THR A 62 3.91 4.09 8.99
C THR A 62 5.17 3.66 8.24
N GLY A 63 5.06 3.65 6.92
CA GLY A 63 6.12 3.20 6.07
C GLY A 63 5.79 3.42 4.62
N MET A 64 6.37 2.60 3.79
CA MET A 64 6.09 2.54 2.36
C MET A 64 6.69 1.31 1.80
N PHE A 65 5.97 0.68 0.90
CA PHE A 65 6.39 -0.52 0.28
C PHE A 65 6.32 -0.43 -1.22
N PRO A 66 7.12 -1.24 -1.89
CA PRO A 66 6.99 -1.46 -3.31
C PRO A 66 5.95 -2.50 -3.63
N SER A 67 4.88 -2.50 -2.83
CA SER A 67 3.76 -3.42 -3.02
C SER A 67 4.24 -4.85 -3.21
N ASN A 68 5.31 -5.14 -2.54
CA ASN A 68 6.08 -6.34 -2.79
C ASN A 68 5.45 -7.53 -2.13
N PHE A 69 5.16 -7.34 -0.88
CA PHE A 69 4.42 -8.28 -0.07
C PHE A 69 2.97 -7.87 -0.12
N ILE A 70 2.71 -6.63 -0.51
CA ILE A 70 1.41 -6.04 -0.39
C ILE A 70 0.83 -5.69 -1.74
N LYS A 71 -0.26 -6.32 -2.01
CA LYS A 71 -1.06 -6.08 -3.21
C LYS A 71 -2.47 -5.71 -2.83
N GLU A 72 -3.05 -4.69 -3.49
CA GLU A 72 -4.48 -4.48 -3.42
C GLU A 72 -4.96 -3.25 -4.15
N LEU A 73 -4.82 -2.21 -3.38
CA LEU A 73 -5.50 -0.95 -3.51
C LEU A 73 -5.28 -0.18 -4.79
N SER A 74 -6.05 0.89 -4.83
CA SER A 74 -5.99 2.00 -5.77
C SER A 74 -7.29 2.10 -6.55
N GLY A 75 -7.82 3.32 -6.69
CA GLY A 75 -8.98 3.55 -7.52
C GLY A 75 -8.75 3.16 -8.97
N GLU A 76 -8.92 1.88 -9.26
CA GLU A 76 -8.65 1.32 -10.56
C GLU A 76 -9.88 0.66 -11.13
N SER A 77 -9.61 -0.27 -12.00
CA SER A 77 -10.62 -1.10 -12.61
C SER A 77 -10.33 -2.54 -12.26
N ASP A 78 -9.77 -2.66 -11.08
CA ASP A 78 -9.30 -3.92 -10.52
C ASP A 78 -8.53 -4.69 -11.56
N GLU A 79 -7.63 -3.97 -12.18
CA GLU A 79 -6.82 -4.47 -13.24
C GLU A 79 -5.35 -4.46 -12.82
N LEU A 80 -5.20 -4.08 -11.57
CA LEU A 80 -3.92 -3.91 -10.90
C LEU A 80 -3.29 -5.22 -10.55
N GLY A 81 -3.21 -6.00 -11.55
CA GLY A 81 -2.61 -7.29 -11.46
C GLY A 81 -3.63 -8.35 -11.15
N ILE A 82 -4.89 -7.92 -11.19
CA ILE A 82 -6.00 -8.75 -10.90
C ILE A 82 -6.57 -9.40 -12.16
N SER A 83 -6.38 -8.73 -13.29
CA SER A 83 -6.92 -9.20 -14.57
C SER A 83 -5.97 -10.18 -15.24
N GLN A 84 -6.45 -11.41 -15.42
CA GLN A 84 -5.71 -12.46 -16.12
C GLN A 84 -4.43 -12.81 -15.39
N THR A 10 -14.51 -2.84 -6.53
CA THR A 10 -15.10 -1.67 -5.83
C THR A 10 -14.00 -0.88 -5.11
N ASN A 11 -12.76 -1.28 -5.31
CA ASN A 11 -11.62 -0.66 -4.62
C ASN A 11 -11.00 0.44 -5.48
N LYS A 12 -11.52 0.58 -6.70
CA LYS A 12 -11.02 1.56 -7.66
C LYS A 12 -11.60 2.95 -7.40
N ARG A 13 -12.46 3.07 -6.39
CA ARG A 13 -13.16 4.34 -6.05
C ARG A 13 -12.33 5.58 -6.33
N GLY A 14 -11.07 5.54 -5.93
CA GLY A 14 -10.15 6.63 -6.23
C GLY A 14 -9.90 7.51 -5.03
N GLU A 15 -9.06 7.06 -4.11
CA GLU A 15 -8.87 7.78 -2.87
C GLU A 15 -7.56 8.55 -2.85
N ARG A 16 -6.66 8.19 -3.75
CA ARG A 16 -5.34 8.82 -3.86
C ARG A 16 -4.63 8.87 -2.50
N ARG A 17 -4.41 10.11 -2.00
CA ARG A 17 -3.64 10.41 -0.80
C ARG A 17 -3.58 9.28 0.22
N ARG A 18 -4.72 8.93 0.77
CA ARG A 18 -4.83 7.78 1.64
C ARG A 18 -5.67 6.71 0.96
N ARG A 19 -5.06 5.59 0.63
CA ARG A 19 -5.81 4.49 0.09
C ARG A 19 -5.37 3.21 0.75
N ARG A 20 -6.32 2.36 1.02
CA ARG A 20 -6.08 1.16 1.78
C ARG A 20 -5.82 -0.05 0.90
N CYS A 21 -4.71 -0.70 1.19
CA CYS A 21 -4.25 -1.88 0.48
C CYS A 21 -4.07 -3.05 1.43
N GLN A 22 -4.14 -4.26 0.93
CA GLN A 22 -3.90 -5.41 1.77
C GLN A 22 -2.52 -5.96 1.53
N VAL A 23 -1.86 -6.34 2.58
CA VAL A 23 -0.56 -6.86 2.42
C VAL A 23 -0.51 -8.35 2.63
N ALA A 24 0.29 -8.96 1.78
CA ALA A 24 0.67 -10.32 1.86
C ALA A 24 1.95 -10.40 2.64
N PHE A 25 2.48 -11.55 2.67
CA PHE A 25 2.88 -12.18 3.88
C PHE A 25 3.81 -11.37 4.79
N SER A 26 4.99 -11.01 4.40
CA SER A 26 5.86 -10.32 5.32
C SER A 26 6.51 -9.07 4.80
N TYR A 27 5.99 -7.93 5.12
CA TYR A 27 6.73 -6.73 4.87
C TYR A 27 7.55 -6.44 6.12
N LEU A 28 8.78 -6.86 6.01
CA LEU A 28 9.86 -6.78 7.04
C LEU A 28 10.73 -5.48 7.13
N PRO A 29 10.44 -4.43 6.38
CA PRO A 29 11.42 -3.51 5.75
C PRO A 29 11.95 -2.42 6.62
N GLN A 30 11.89 -2.58 7.89
CA GLN A 30 12.12 -1.44 8.72
C GLN A 30 13.59 -1.28 8.98
N ASN A 31 14.08 -0.14 8.58
CA ASN A 31 15.40 0.29 8.96
C ASN A 31 15.36 1.45 9.94
N ASP A 32 14.58 2.47 9.60
CA ASP A 32 14.46 3.65 10.45
C ASP A 32 13.11 3.82 11.11
N ASP A 33 12.08 3.46 10.37
CA ASP A 33 10.71 3.80 10.71
C ASP A 33 9.78 3.42 9.57
N GLU A 34 9.72 2.15 9.26
CA GLU A 34 8.82 1.66 8.24
C GLU A 34 7.80 0.77 8.92
N LEU A 35 6.84 0.31 8.17
CA LEU A 35 5.82 -0.53 8.68
C LEU A 35 6.17 -1.97 8.39
N GLU A 36 5.66 -2.83 9.21
CA GLU A 36 5.85 -4.22 9.07
C GLU A 36 4.52 -4.88 8.99
N LEU A 37 4.33 -5.50 7.89
CA LEU A 37 3.10 -6.16 7.56
C LEU A 37 3.31 -7.67 7.66
N LYS A 38 2.87 -8.24 8.78
CA LYS A 38 3.41 -9.52 9.27
C LYS A 38 2.94 -10.76 8.53
N VAL A 39 1.62 -10.97 8.37
CA VAL A 39 1.14 -12.04 7.53
C VAL A 39 0.09 -11.61 6.50
N GLY A 40 -0.45 -10.44 6.69
CA GLY A 40 -1.65 -10.08 5.97
C GLY A 40 -2.40 -8.96 6.65
N ASP A 41 -1.79 -7.85 6.51
CA ASP A 41 -2.20 -6.61 7.13
C ASP A 41 -2.95 -5.75 6.14
N ILE A 42 -3.74 -4.83 6.59
CA ILE A 42 -4.27 -3.85 5.70
C ILE A 42 -3.69 -2.49 6.00
N ILE A 43 -3.30 -1.85 4.94
CA ILE A 43 -2.61 -0.63 4.92
C ILE A 43 -3.54 0.36 4.32
N GLU A 44 -3.21 1.55 4.56
CA GLU A 44 -3.84 2.68 3.92
C GLU A 44 -2.75 3.65 3.64
N VAL A 45 -2.18 3.59 2.48
CA VAL A 45 -0.99 4.29 2.37
C VAL A 45 -1.14 5.62 1.69
N VAL A 46 -0.77 5.58 0.49
CA VAL A 46 -0.83 6.69 -0.37
C VAL A 46 -1.46 6.27 -1.64
N GLY A 47 -1.56 4.99 -1.71
CA GLY A 47 -1.98 4.35 -2.88
C GLY A 47 -0.94 4.39 -3.96
N GLU A 48 -1.43 4.23 -5.14
CA GLU A 48 -0.65 4.00 -6.36
C GLU A 48 0.30 5.12 -6.73
N VAL A 49 0.35 6.08 -5.88
CA VAL A 49 1.10 7.31 -6.12
C VAL A 49 2.56 7.00 -6.39
N GLU A 50 3.00 5.89 -5.84
CA GLU A 50 4.38 5.47 -6.01
C GLU A 50 4.54 4.54 -7.20
N GLU A 51 3.70 4.84 -8.16
CA GLU A 51 3.52 4.12 -9.39
C GLU A 51 3.84 2.62 -9.28
N GLY A 52 2.96 1.90 -8.60
CA GLY A 52 3.15 0.50 -8.36
C GLY A 52 3.70 0.27 -6.98
N TRP A 53 3.92 1.37 -6.30
CA TRP A 53 4.46 1.38 -4.97
C TRP A 53 3.58 2.25 -4.14
N TRP A 54 3.55 2.00 -2.84
CA TRP A 54 2.69 2.64 -1.95
C TRP A 54 3.44 3.00 -0.71
N GLU A 55 2.83 3.85 0.01
CA GLU A 55 3.41 4.45 1.21
C GLU A 55 2.36 4.67 2.23
N GLY A 56 2.47 4.11 3.38
CA GLY A 56 1.35 4.20 4.24
C GLY A 56 1.56 3.71 5.61
N VAL A 57 0.47 3.60 6.32
CA VAL A 57 0.53 3.24 7.71
C VAL A 57 -0.26 1.99 7.96
N LEU A 58 0.27 1.18 8.83
CA LEU A 58 -0.35 -0.01 9.22
C LEU A 58 -0.46 -0.07 10.71
N ASN A 59 -1.67 0.05 11.14
CA ASN A 59 -2.04 -0.02 12.56
C ASN A 59 -1.20 0.92 13.40
N GLY A 60 -0.86 2.01 12.77
CA GLY A 60 -0.13 3.07 13.41
C GLY A 60 1.33 3.07 13.07
N LYS A 61 1.71 2.03 12.38
CA LYS A 61 3.06 1.85 11.92
C LYS A 61 3.18 2.34 10.51
N THR A 62 3.82 3.47 10.31
CA THR A 62 3.86 4.07 9.01
C THR A 62 5.10 3.62 8.25
N GLY A 63 5.02 3.67 6.94
CA GLY A 63 6.08 3.24 6.08
C GLY A 63 5.74 3.44 4.63
N MET A 64 6.31 2.60 3.81
CA MET A 64 6.05 2.58 2.38
C MET A 64 6.67 1.35 1.81
N PHE A 65 5.97 0.73 0.89
CA PHE A 65 6.42 -0.47 0.26
C PHE A 65 6.32 -0.40 -1.24
N PRO A 66 7.10 -1.24 -1.90
CA PRO A 66 6.95 -1.48 -3.33
C PRO A 66 5.90 -2.53 -3.62
N SER A 67 4.85 -2.54 -2.80
CA SER A 67 3.74 -3.46 -2.98
C SER A 67 4.22 -4.89 -3.15
N ASN A 68 5.31 -5.16 -2.51
CA ASN A 68 6.09 -6.33 -2.78
C ASN A 68 5.50 -7.53 -2.09
N PHE A 69 5.18 -7.31 -0.86
CA PHE A 69 4.45 -8.27 -0.05
C PHE A 69 2.99 -7.86 -0.05
N ILE A 70 2.73 -6.62 -0.40
CA ILE A 70 1.42 -6.05 -0.27
C ILE A 70 0.75 -5.83 -1.61
N LYS A 71 -0.34 -6.50 -1.72
CA LYS A 71 -1.16 -6.53 -2.93
C LYS A 71 -2.56 -6.00 -2.67
N GLU A 72 -2.97 -4.98 -3.42
CA GLU A 72 -4.36 -4.61 -3.45
C GLU A 72 -4.69 -3.48 -4.39
N LEU A 73 -4.53 -2.36 -3.76
CA LEU A 73 -5.23 -1.15 -4.06
C LEU A 73 -4.72 -0.34 -5.22
N SER A 74 -5.59 0.60 -5.58
CA SER A 74 -5.27 1.76 -6.35
C SER A 74 -6.57 2.41 -6.84
N GLY A 75 -7.02 3.48 -6.17
CA GLY A 75 -8.23 4.14 -6.60
C GLY A 75 -8.10 4.73 -7.98
N GLU A 76 -8.71 4.07 -8.95
CA GLU A 76 -8.67 4.51 -10.31
C GLU A 76 -9.57 5.71 -10.54
N SER A 77 -9.28 6.35 -11.63
CA SER A 77 -9.92 7.59 -12.08
C SER A 77 -8.99 8.17 -13.11
N ASP A 78 -8.52 7.27 -13.96
CA ASP A 78 -7.39 7.51 -14.84
C ASP A 78 -6.23 8.08 -14.06
N GLU A 79 -5.91 7.37 -12.98
CA GLU A 79 -4.98 7.85 -11.98
C GLU A 79 -3.77 6.96 -11.82
N LEU A 80 -3.83 5.85 -12.51
CA LEU A 80 -2.85 4.79 -12.36
C LEU A 80 -1.71 4.96 -13.31
N GLY A 81 -1.29 6.17 -13.32
CA GLY A 81 -0.18 6.58 -14.13
C GLY A 81 -0.62 6.83 -15.55
N ILE A 82 -1.93 6.95 -15.70
CA ILE A 82 -2.57 7.09 -16.96
C ILE A 82 -2.32 8.46 -17.59
N SER A 83 -2.06 9.44 -16.74
CA SER A 83 -1.77 10.79 -17.21
C SER A 83 -0.28 10.96 -17.53
N GLN A 84 0.50 9.92 -17.24
CA GLN A 84 1.94 9.98 -17.43
C GLN A 84 2.35 9.30 -18.72
N THR A 10 -6.30 13.62 -15.58
CA THR A 10 -7.00 12.51 -14.90
C THR A 10 -6.07 11.31 -14.74
N ASN A 11 -5.22 11.37 -13.73
CA ASN A 11 -4.21 10.34 -13.51
C ASN A 11 -4.59 9.41 -12.35
N LYS A 12 -4.39 9.87 -11.13
CA LYS A 12 -4.46 9.01 -9.95
C LYS A 12 -5.82 8.34 -9.80
N ARG A 13 -6.90 9.12 -10.02
CA ARG A 13 -8.27 8.61 -9.97
C ARG A 13 -8.43 7.56 -8.88
N GLY A 14 -7.90 7.91 -7.74
CA GLY A 14 -7.69 6.94 -6.70
C GLY A 14 -8.54 7.15 -5.47
N GLU A 15 -8.22 6.37 -4.45
CA GLU A 15 -8.98 6.32 -3.22
C GLU A 15 -8.71 7.52 -2.30
N ARG A 16 -8.04 8.55 -2.84
CA ARG A 16 -7.77 9.81 -2.14
C ARG A 16 -6.70 9.66 -1.04
N ARG A 17 -5.58 10.36 -1.25
CA ARG A 17 -4.44 10.39 -0.35
C ARG A 17 -4.16 9.04 0.32
N ARG A 18 -4.67 8.86 1.53
CA ARG A 18 -4.50 7.61 2.23
C ARG A 18 -5.39 6.55 1.60
N ARG A 19 -4.77 5.51 1.05
CA ARG A 19 -5.52 4.53 0.31
C ARG A 19 -5.20 3.15 0.84
N ARG A 20 -6.19 2.30 0.92
CA ARG A 20 -6.06 1.05 1.64
C ARG A 20 -5.73 -0.11 0.73
N CYS A 21 -4.65 -0.78 1.08
CA CYS A 21 -4.19 -1.96 0.39
C CYS A 21 -3.99 -3.11 1.35
N GLN A 22 -4.12 -4.34 0.88
CA GLN A 22 -3.87 -5.48 1.74
C GLN A 22 -2.51 -6.05 1.48
N VAL A 23 -1.84 -6.39 2.53
CA VAL A 23 -0.54 -6.92 2.38
C VAL A 23 -0.49 -8.40 2.59
N ALA A 24 0.31 -9.00 1.76
CA ALA A 24 0.73 -10.35 1.84
C ALA A 24 1.96 -10.42 2.70
N PHE A 25 2.52 -11.55 2.70
CA PHE A 25 2.89 -12.23 3.90
C PHE A 25 3.76 -11.47 4.88
N SER A 26 4.96 -11.06 4.54
CA SER A 26 5.72 -10.31 5.50
C SER A 26 6.38 -9.08 4.91
N TYR A 27 5.89 -7.92 5.22
CA TYR A 27 6.66 -6.74 4.94
C TYR A 27 7.47 -6.44 6.19
N LEU A 28 8.69 -6.88 6.09
CA LEU A 28 9.76 -6.81 7.13
C LEU A 28 10.65 -5.54 7.22
N PRO A 29 10.40 -4.49 6.43
CA PRO A 29 11.43 -3.63 5.80
C PRO A 29 12.04 -2.57 6.65
N GLN A 30 11.93 -2.68 7.92
CA GLN A 30 12.17 -1.52 8.72
C GLN A 30 13.61 -1.39 9.13
N ASN A 31 14.22 -0.33 8.65
CA ASN A 31 15.40 0.24 9.24
C ASN A 31 15.14 1.66 9.71
N ASP A 32 14.45 2.39 8.85
CA ASP A 32 14.29 3.83 8.96
C ASP A 32 12.96 4.24 9.54
N ASP A 33 12.34 3.26 10.09
CA ASP A 33 11.03 3.36 10.68
C ASP A 33 9.97 3.30 9.61
N GLU A 34 9.84 2.09 9.15
CA GLU A 34 8.84 1.71 8.18
C GLU A 34 7.85 0.79 8.86
N LEU A 35 6.88 0.35 8.12
CA LEU A 35 5.86 -0.48 8.64
C LEU A 35 6.17 -1.93 8.36
N GLU A 36 5.65 -2.78 9.20
CA GLU A 36 5.81 -4.19 9.09
C GLU A 36 4.46 -4.82 8.99
N LEU A 37 4.26 -5.43 7.89
CA LEU A 37 3.03 -6.09 7.58
C LEU A 37 3.23 -7.59 7.74
N LYS A 38 2.77 -8.11 8.87
CA LYS A 38 3.34 -9.33 9.44
C LYS A 38 2.94 -10.61 8.72
N VAL A 39 1.63 -10.85 8.56
CA VAL A 39 1.18 -12.00 7.80
C VAL A 39 0.16 -11.67 6.72
N GLY A 40 -0.40 -10.49 6.76
CA GLY A 40 -1.55 -10.21 5.95
C GLY A 40 -2.38 -9.11 6.55
N ASP A 41 -1.79 -7.96 6.45
CA ASP A 41 -2.25 -6.74 7.06
C ASP A 41 -3.01 -5.89 6.06
N ILE A 42 -3.84 -4.99 6.51
CA ILE A 42 -4.33 -4.01 5.60
C ILE A 42 -3.75 -2.66 5.95
N ILE A 43 -3.42 -1.99 4.90
CA ILE A 43 -2.72 -0.77 4.89
C ILE A 43 -3.63 0.24 4.32
N GLU A 44 -3.28 1.43 4.57
CA GLU A 44 -3.90 2.58 3.96
C GLU A 44 -2.81 3.56 3.74
N VAL A 45 -2.17 3.54 2.59
CA VAL A 45 -0.96 4.19 2.56
C VAL A 45 -1.04 5.57 1.95
N VAL A 46 -0.70 5.58 0.73
CA VAL A 46 -0.78 6.70 -0.11
C VAL A 46 -1.48 6.29 -1.35
N GLY A 47 -1.61 5.00 -1.39
CA GLY A 47 -2.05 4.34 -2.56
C GLY A 47 -1.10 4.50 -3.70
N GLU A 48 -1.70 4.46 -4.85
CA GLU A 48 -1.04 4.43 -6.17
C GLU A 48 -0.11 5.60 -6.45
N VAL A 49 0.02 6.45 -5.49
CA VAL A 49 0.78 7.69 -5.68
C VAL A 49 2.23 7.37 -6.04
N GLU A 50 2.66 6.21 -5.60
CA GLU A 50 3.99 5.72 -5.92
C GLU A 50 3.95 4.77 -7.07
N GLU A 51 3.02 5.05 -7.93
CA GLU A 51 2.64 4.28 -9.08
C GLU A 51 3.32 2.91 -9.18
N GLY A 52 2.68 1.95 -8.55
CA GLY A 52 3.21 0.62 -8.41
C GLY A 52 3.74 0.40 -7.03
N TRP A 53 3.91 1.51 -6.35
CA TRP A 53 4.45 1.56 -5.03
C TRP A 53 3.51 2.35 -4.17
N TRP A 54 3.52 2.08 -2.89
CA TRP A 54 2.66 2.69 -1.96
C TRP A 54 3.44 3.04 -0.74
N GLU A 55 2.85 3.89 -0.01
CA GLU A 55 3.46 4.46 1.18
C GLU A 55 2.45 4.69 2.23
N GLY A 56 2.58 4.12 3.38
CA GLY A 56 1.46 4.20 4.23
C GLY A 56 1.64 3.71 5.60
N VAL A 57 0.53 3.53 6.28
CA VAL A 57 0.57 3.23 7.66
C VAL A 57 -0.18 1.95 7.93
N LEU A 58 0.38 1.19 8.84
CA LEU A 58 -0.15 -0.05 9.22
C LEU A 58 -0.33 -0.07 10.72
N ASN A 59 -1.57 0.01 11.10
CA ASN A 59 -1.98 -0.01 12.50
C ASN A 59 -1.28 1.05 13.34
N GLY A 60 -0.86 2.06 12.65
CA GLY A 60 -0.20 3.18 13.26
C GLY A 60 1.28 3.22 12.97
N LYS A 61 1.74 2.17 12.38
CA LYS A 61 3.12 2.04 11.96
C LYS A 61 3.25 2.46 10.52
N THR A 62 3.90 3.58 10.29
CA THR A 62 3.95 4.12 8.96
C THR A 62 5.22 3.70 8.23
N GLY A 63 5.11 3.67 6.91
CA GLY A 63 6.18 3.24 6.06
C GLY A 63 5.85 3.46 4.61
N MET A 64 6.41 2.61 3.78
CA MET A 64 6.13 2.57 2.36
C MET A 64 6.74 1.33 1.78
N PHE A 65 6.01 0.71 0.89
CA PHE A 65 6.44 -0.50 0.26
C PHE A 65 6.34 -0.40 -1.24
N PRO A 66 7.11 -1.23 -1.92
CA PRO A 66 6.94 -1.45 -3.35
C PRO A 66 5.88 -2.48 -3.64
N SER A 67 4.82 -2.47 -2.83
CA SER A 67 3.69 -3.38 -3.02
C SER A 67 4.16 -4.81 -3.22
N ASN A 68 5.24 -5.11 -2.58
CA ASN A 68 6.00 -6.31 -2.85
C ASN A 68 5.37 -7.48 -2.16
N PHE A 69 5.14 -7.28 -0.91
CA PHE A 69 4.43 -8.22 -0.08
C PHE A 69 2.97 -7.82 -0.08
N ILE A 70 2.69 -6.60 -0.50
CA ILE A 70 1.37 -6.03 -0.37
C ILE A 70 0.74 -5.77 -1.71
N LYS A 71 -0.34 -6.47 -1.89
CA LYS A 71 -1.17 -6.38 -3.10
C LYS A 71 -2.59 -5.97 -2.76
N GLU A 72 -3.12 -4.99 -3.48
CA GLU A 72 -4.55 -4.72 -3.44
C GLU A 72 -4.98 -3.60 -4.33
N LEU A 73 -4.83 -2.46 -3.72
CA LEU A 73 -5.44 -1.21 -4.07
C LEU A 73 -4.83 -0.55 -5.30
N SER A 74 -5.32 0.66 -5.54
CA SER A 74 -4.89 1.59 -6.59
C SER A 74 -6.04 1.86 -7.55
N GLY A 75 -6.61 3.06 -7.40
CA GLY A 75 -7.62 3.53 -8.32
C GLY A 75 -7.16 3.47 -9.78
N GLU A 76 -5.99 4.02 -10.07
CA GLU A 76 -5.42 3.90 -11.39
C GLU A 76 -4.57 2.65 -11.51
N SER A 77 -3.55 2.78 -12.34
CA SER A 77 -2.67 1.67 -12.72
C SER A 77 -3.41 0.77 -13.67
N ASP A 78 -3.94 1.41 -14.71
CA ASP A 78 -4.77 0.77 -15.74
C ASP A 78 -6.09 0.28 -15.16
N GLU A 79 -6.36 0.71 -13.96
CA GLU A 79 -7.62 0.45 -13.32
C GLU A 79 -8.50 1.66 -13.44
N LEU A 80 -7.83 2.77 -13.48
CA LEU A 80 -8.38 4.10 -13.81
C LEU A 80 -9.77 4.35 -13.32
N GLY A 81 -9.98 3.83 -12.17
CA GLY A 81 -11.19 4.07 -11.43
C GLY A 81 -12.37 3.37 -12.06
N ILE A 82 -12.08 2.30 -12.77
CA ILE A 82 -13.05 1.52 -13.48
C ILE A 82 -14.09 0.90 -12.56
N SER A 83 -15.34 1.37 -12.72
CA SER A 83 -16.50 0.83 -12.00
C SER A 83 -16.47 1.17 -10.50
N GLN A 84 -17.61 1.66 -10.02
CA GLN A 84 -17.74 2.02 -8.61
C GLN A 84 -18.14 0.79 -7.80
N THR A 10 -15.17 -2.91 -8.95
CA THR A 10 -14.83 -1.61 -8.34
C THR A 10 -14.09 -1.83 -7.03
N ASN A 11 -12.84 -2.27 -7.13
CA ASN A 11 -12.02 -2.54 -5.94
C ASN A 11 -11.09 -1.37 -5.67
N LYS A 12 -10.79 -0.62 -6.72
CA LYS A 12 -9.92 0.55 -6.63
C LYS A 12 -10.50 1.55 -5.66
N ARG A 13 -11.82 1.79 -5.76
CA ARG A 13 -12.50 2.79 -4.96
C ARG A 13 -11.61 4.00 -4.82
N GLY A 14 -11.31 4.58 -5.98
CA GLY A 14 -10.30 5.61 -6.11
C GLY A 14 -10.31 6.63 -4.98
N GLU A 15 -9.34 6.53 -4.08
CA GLU A 15 -9.33 7.35 -2.89
C GLU A 15 -8.21 8.38 -2.97
N ARG A 16 -7.50 8.33 -4.10
CA ARG A 16 -6.39 9.25 -4.40
C ARG A 16 -5.28 9.20 -3.36
N ARG A 17 -5.40 10.02 -2.30
CA ARG A 17 -4.41 10.11 -1.24
C ARG A 17 -4.26 8.81 -0.46
N ARG A 18 -4.57 8.87 0.82
CA ARG A 18 -4.39 7.72 1.68
C ARG A 18 -5.37 6.64 1.27
N ARG A 19 -4.83 5.55 0.76
CA ARG A 19 -5.64 4.51 0.17
C ARG A 19 -5.25 3.16 0.72
N ARG A 20 -6.23 2.34 0.95
CA ARG A 20 -6.06 1.15 1.74
C ARG A 20 -5.80 -0.08 0.89
N CYS A 21 -4.71 -0.75 1.20
CA CYS A 21 -4.26 -1.93 0.51
C CYS A 21 -4.05 -3.09 1.46
N GLN A 22 -4.16 -4.31 0.97
CA GLN A 22 -3.91 -5.46 1.80
C GLN A 22 -2.55 -6.05 1.53
N VAL A 23 -1.84 -6.36 2.57
CA VAL A 23 -0.54 -6.88 2.41
C VAL A 23 -0.49 -8.37 2.61
N ALA A 24 0.31 -8.99 1.79
CA ALA A 24 0.70 -10.34 1.86
C ALA A 24 1.96 -10.41 2.67
N PHE A 25 2.50 -11.56 2.69
CA PHE A 25 2.88 -12.21 3.89
C PHE A 25 3.77 -11.43 4.83
N SER A 26 4.98 -11.06 4.47
CA SER A 26 5.78 -10.34 5.42
C SER A 26 6.44 -9.10 4.86
N TYR A 27 5.94 -7.95 5.18
CA TYR A 27 6.70 -6.78 4.91
C TYR A 27 7.57 -6.48 6.13
N LEU A 28 8.79 -6.90 5.98
CA LEU A 28 9.91 -6.80 6.95
C LEU A 28 10.76 -5.48 7.01
N PRO A 29 10.44 -4.43 6.26
CA PRO A 29 11.42 -3.48 5.67
C PRO A 29 11.97 -2.40 6.55
N GLN A 30 11.87 -2.56 7.82
CA GLN A 30 12.09 -1.42 8.65
C GLN A 30 13.56 -1.26 8.97
N ASN A 31 14.10 -0.15 8.55
CA ASN A 31 15.38 0.30 9.03
C ASN A 31 15.29 1.55 9.89
N ASP A 32 14.57 2.54 9.38
CA ASP A 32 14.49 3.84 10.02
C ASP A 32 13.17 4.08 10.70
N ASP A 33 12.15 3.62 10.02
CA ASP A 33 10.78 3.90 10.38
C ASP A 33 9.87 3.48 9.23
N GLU A 34 9.77 2.20 9.05
CA GLU A 34 8.85 1.62 8.11
C GLU A 34 7.82 0.82 8.85
N LEU A 35 6.83 0.35 8.14
CA LEU A 35 5.83 -0.46 8.68
C LEU A 35 6.15 -1.92 8.41
N GLU A 36 5.63 -2.77 9.25
CA GLU A 36 5.81 -4.18 9.14
C GLU A 36 4.48 -4.82 9.03
N LEU A 37 4.31 -5.46 7.94
CA LEU A 37 3.09 -6.14 7.61
C LEU A 37 3.31 -7.65 7.73
N LYS A 38 2.89 -8.20 8.85
CA LYS A 38 3.46 -9.46 9.37
C LYS A 38 3.03 -10.72 8.62
N VAL A 39 1.72 -10.93 8.47
CA VAL A 39 1.23 -12.05 7.67
C VAL A 39 0.17 -11.66 6.63
N GLY A 40 -0.38 -10.48 6.75
CA GLY A 40 -1.56 -10.15 5.99
C GLY A 40 -2.35 -9.04 6.61
N ASP A 41 -1.77 -7.91 6.49
CA ASP A 41 -2.21 -6.68 7.11
C ASP A 41 -2.98 -5.82 6.11
N ILE A 42 -3.80 -4.93 6.58
CA ILE A 42 -4.33 -3.94 5.68
C ILE A 42 -3.77 -2.58 6.01
N ILE A 43 -3.45 -1.91 4.96
CA ILE A 43 -2.75 -0.69 4.91
C ILE A 43 -3.67 0.32 4.34
N GLU A 44 -3.31 1.51 4.54
CA GLU A 44 -3.88 2.67 3.90
C GLU A 44 -2.77 3.62 3.64
N VAL A 45 -2.17 3.59 2.47
CA VAL A 45 -0.96 4.25 2.42
C VAL A 45 -1.03 5.62 1.79
N VAL A 46 -0.63 5.62 0.59
CA VAL A 46 -0.66 6.76 -0.23
C VAL A 46 -1.31 6.40 -1.51
N GLY A 47 -1.47 5.12 -1.56
CA GLY A 47 -1.92 4.50 -2.74
C GLY A 47 -0.87 4.46 -3.81
N GLU A 48 -1.38 4.28 -4.99
CA GLU A 48 -0.62 4.06 -6.22
C GLU A 48 0.31 5.20 -6.58
N VAL A 49 0.33 6.19 -5.72
CA VAL A 49 1.05 7.43 -5.99
C VAL A 49 2.51 7.15 -6.30
N GLU A 50 2.97 6.05 -5.76
CA GLU A 50 4.32 5.60 -6.00
C GLU A 50 4.37 4.65 -7.18
N GLU A 51 3.61 5.03 -8.17
CA GLU A 51 3.27 4.27 -9.35
C GLU A 51 3.71 2.81 -9.31
N GLY A 52 2.88 2.02 -8.61
CA GLY A 52 3.16 0.62 -8.41
C GLY A 52 3.70 0.38 -7.02
N TRP A 53 3.94 1.48 -6.34
CA TRP A 53 4.47 1.48 -5.00
C TRP A 53 3.58 2.33 -4.16
N TRP A 54 3.54 2.05 -2.89
CA TRP A 54 2.68 2.69 -1.99
C TRP A 54 3.44 3.01 -0.74
N GLU A 55 2.86 3.86 0.02
CA GLU A 55 3.47 4.42 1.22
C GLU A 55 2.45 4.65 2.24
N GLY A 56 2.54 4.06 3.39
CA GLY A 56 1.42 4.17 4.25
C GLY A 56 1.59 3.61 5.60
N VAL A 57 0.48 3.48 6.27
CA VAL A 57 0.51 3.14 7.65
C VAL A 57 -0.19 1.84 7.92
N LEU A 58 0.33 1.13 8.88
CA LEU A 58 -0.17 -0.11 9.28
C LEU A 58 -0.28 -0.13 10.80
N ASN A 59 -1.50 -0.13 11.22
CA ASN A 59 -1.84 -0.16 12.66
C ASN A 59 -1.10 0.90 13.45
N GLY A 60 -0.87 1.99 12.77
CA GLY A 60 -0.25 3.13 13.36
C GLY A 60 1.22 3.22 13.07
N LYS A 61 1.70 2.18 12.44
CA LYS A 61 3.06 2.10 12.00
C LYS A 61 3.16 2.52 10.56
N THR A 62 3.74 3.67 10.30
CA THR A 62 3.77 4.18 8.96
C THR A 62 5.05 3.72 8.24
N GLY A 63 4.97 3.72 6.94
CA GLY A 63 6.04 3.25 6.10
C GLY A 63 5.72 3.44 4.64
N MET A 64 6.26 2.56 3.83
CA MET A 64 6.00 2.49 2.42
C MET A 64 6.50 1.18 1.93
N PHE A 65 5.88 0.68 0.89
CA PHE A 65 6.29 -0.56 0.27
C PHE A 65 6.20 -0.49 -1.24
N PRO A 66 7.02 -1.28 -1.91
CA PRO A 66 6.92 -1.50 -3.34
C PRO A 66 5.93 -2.60 -3.68
N SER A 67 4.80 -2.59 -2.98
CA SER A 67 3.73 -3.59 -3.15
C SER A 67 4.28 -4.99 -3.34
N ASN A 68 5.33 -5.24 -2.59
CA ASN A 68 6.14 -6.41 -2.80
C ASN A 68 5.54 -7.60 -2.10
N PHE A 69 5.13 -7.32 -0.91
CA PHE A 69 4.41 -8.27 -0.09
C PHE A 69 2.96 -7.86 -0.10
N ILE A 70 2.69 -6.61 -0.46
CA ILE A 70 1.40 -6.03 -0.35
C ILE A 70 0.82 -5.69 -1.70
N LYS A 71 -0.28 -6.31 -1.96
CA LYS A 71 -1.07 -6.10 -3.16
C LYS A 71 -2.49 -5.69 -2.81
N GLU A 72 -3.01 -4.65 -3.48
CA GLU A 72 -4.44 -4.39 -3.44
C GLU A 72 -4.86 -3.15 -4.21
N LEU A 73 -4.79 -2.12 -3.42
CA LEU A 73 -5.38 -0.82 -3.63
C LEU A 73 -4.91 -0.05 -4.85
N SER A 74 -5.62 1.06 -5.05
CA SER A 74 -5.15 2.23 -5.76
C SER A 74 -6.31 3.13 -6.19
N GLY A 75 -6.27 4.40 -5.79
CA GLY A 75 -7.21 5.37 -6.31
C GLY A 75 -7.14 5.52 -7.83
N GLU A 76 -6.04 5.11 -8.43
CA GLU A 76 -5.91 5.13 -9.87
C GLU A 76 -6.12 3.77 -10.46
N SER A 77 -5.69 3.63 -11.67
CA SER A 77 -5.85 2.39 -12.40
C SER A 77 -4.55 1.96 -13.06
N ASP A 78 -3.51 1.90 -12.23
CA ASP A 78 -2.16 1.54 -12.66
C ASP A 78 -1.70 2.46 -13.77
N GLU A 79 -2.01 3.72 -13.57
CA GLU A 79 -1.80 4.75 -14.56
C GLU A 79 -1.54 6.09 -13.91
N LEU A 80 -1.32 6.03 -12.62
CA LEU A 80 -1.07 7.19 -11.74
C LEU A 80 -0.41 8.29 -12.46
N GLY A 81 0.75 7.98 -12.88
CA GLY A 81 1.46 8.87 -13.70
C GLY A 81 2.35 8.10 -14.64
N ILE A 82 1.89 6.90 -14.95
CA ILE A 82 2.61 5.97 -15.76
C ILE A 82 2.95 6.59 -17.13
N SER A 83 1.94 7.16 -17.77
CA SER A 83 2.14 7.89 -19.02
C SER A 83 1.13 9.03 -19.14
N GLN A 84 0.24 9.13 -18.17
CA GLN A 84 -0.78 10.18 -18.17
C GLN A 84 -0.53 11.12 -17.00
N THR A 10 -8.59 -4.72 -4.72
CA THR A 10 -8.16 -3.60 -5.58
C THR A 10 -8.77 -2.27 -5.14
N ASN A 11 -10.07 -2.07 -5.35
CA ASN A 11 -10.73 -0.82 -5.00
C ASN A 11 -10.02 0.36 -5.66
N LYS A 12 -9.86 0.26 -6.97
CA LYS A 12 -9.15 1.27 -7.74
C LYS A 12 -10.04 2.45 -8.06
N ARG A 13 -11.31 2.31 -7.72
CA ARG A 13 -12.33 3.34 -7.92
C ARG A 13 -11.87 4.73 -7.51
N GLY A 14 -11.13 4.80 -6.41
CA GLY A 14 -10.53 6.06 -6.00
C GLY A 14 -10.71 6.35 -4.54
N GLU A 15 -9.64 6.18 -3.73
CA GLU A 15 -9.73 6.60 -2.34
C GLU A 15 -8.84 7.82 -2.06
N ARG A 16 -8.03 8.19 -3.06
CA ARG A 16 -7.17 9.38 -2.98
C ARG A 16 -6.05 9.18 -1.96
N ARG A 17 -5.51 10.30 -1.44
CA ARG A 17 -4.35 10.34 -0.56
C ARG A 17 -4.09 9.06 0.22
N ARG A 18 -4.69 8.92 1.39
CA ARG A 18 -4.57 7.69 2.12
C ARG A 18 -5.41 6.62 1.43
N ARG A 19 -4.78 5.57 0.93
CA ARG A 19 -5.51 4.56 0.23
C ARG A 19 -5.16 3.21 0.80
N ARG A 20 -6.18 2.42 0.97
CA ARG A 20 -6.07 1.18 1.71
C ARG A 20 -5.83 -0.03 0.81
N CYS A 21 -4.76 -0.74 1.15
CA CYS A 21 -4.30 -1.92 0.46
C CYS A 21 -4.13 -3.08 1.42
N GLN A 22 -4.21 -4.32 0.93
CA GLN A 22 -3.95 -5.45 1.78
C GLN A 22 -2.58 -6.02 1.53
N VAL A 23 -1.89 -6.37 2.57
CA VAL A 23 -0.59 -6.90 2.41
C VAL A 23 -0.55 -8.39 2.63
N ALA A 24 0.24 -9.00 1.80
CA ALA A 24 0.67 -10.33 1.87
C ALA A 24 1.86 -10.42 2.79
N PHE A 25 2.44 -11.54 2.78
CA PHE A 25 2.86 -12.20 3.97
C PHE A 25 3.78 -11.43 4.90
N SER A 26 4.97 -11.03 4.51
CA SER A 26 5.81 -10.31 5.44
C SER A 26 6.45 -9.07 4.88
N TYR A 27 5.96 -7.92 5.23
CA TYR A 27 6.73 -6.74 4.95
C TYR A 27 7.56 -6.43 6.20
N LEU A 28 8.79 -6.85 6.07
CA LEU A 28 9.89 -6.76 7.07
C LEU A 28 10.75 -5.46 7.13
N PRO A 29 10.45 -4.41 6.38
CA PRO A 29 11.41 -3.47 5.76
C PRO A 29 11.91 -2.36 6.62
N GLN A 30 11.81 -2.50 7.89
CA GLN A 30 12.05 -1.36 8.73
C GLN A 30 13.51 -1.24 9.07
N ASN A 31 14.09 -0.13 8.69
CA ASN A 31 15.37 0.29 9.24
C ASN A 31 15.25 1.51 10.12
N ASP A 32 14.53 2.51 9.63
CA ASP A 32 14.40 3.77 10.31
C ASP A 32 13.05 3.94 10.96
N ASP A 33 12.07 3.46 10.24
CA ASP A 33 10.68 3.60 10.58
C ASP A 33 9.84 3.31 9.37
N GLU A 34 9.72 2.05 9.07
CA GLU A 34 8.81 1.56 8.07
C GLU A 34 7.75 0.76 8.78
N LEU A 35 6.78 0.31 8.03
CA LEU A 35 5.73 -0.46 8.58
C LEU A 35 6.05 -1.92 8.38
N GLU A 36 5.51 -2.71 9.25
CA GLU A 36 5.70 -4.10 9.18
C GLU A 36 4.37 -4.76 9.06
N LEU A 37 4.24 -5.40 7.96
CA LEU A 37 3.03 -6.10 7.60
C LEU A 37 3.28 -7.60 7.75
N LYS A 38 2.82 -8.15 8.88
CA LYS A 38 3.37 -9.39 9.42
C LYS A 38 2.93 -10.67 8.71
N VAL A 39 1.62 -10.88 8.56
CA VAL A 39 1.14 -12.02 7.80
C VAL A 39 0.11 -11.68 6.72
N GLY A 40 -0.41 -10.48 6.79
CA GLY A 40 -1.59 -10.16 6.02
C GLY A 40 -2.37 -9.05 6.64
N ASP A 41 -1.77 -7.92 6.50
CA ASP A 41 -2.19 -6.69 7.13
C ASP A 41 -2.95 -5.84 6.15
N ILE A 42 -3.75 -4.92 6.61
CA ILE A 42 -4.28 -3.95 5.71
C ILE A 42 -3.73 -2.58 6.00
N ILE A 43 -3.39 -1.93 4.93
CA ILE A 43 -2.69 -0.71 4.90
C ILE A 43 -3.62 0.30 4.33
N GLU A 44 -3.28 1.49 4.58
CA GLU A 44 -3.89 2.64 3.95
C GLU A 44 -2.80 3.62 3.70
N VAL A 45 -2.18 3.59 2.54
CA VAL A 45 -0.97 4.23 2.47
C VAL A 45 -1.04 5.60 1.83
N VAL A 46 -0.70 5.59 0.61
CA VAL A 46 -0.75 6.73 -0.22
C VAL A 46 -1.45 6.35 -1.49
N GLY A 47 -1.59 5.08 -1.57
CA GLY A 47 -2.08 4.47 -2.75
C GLY A 47 -1.08 4.49 -3.87
N GLU A 48 -1.62 4.30 -5.04
CA GLU A 48 -0.89 4.12 -6.31
C GLU A 48 -0.02 5.30 -6.68
N VAL A 49 0.05 6.24 -5.78
CA VAL A 49 0.77 7.48 -6.03
C VAL A 49 2.22 7.18 -6.37
N GLU A 50 2.69 6.09 -5.81
CA GLU A 50 4.05 5.63 -6.06
C GLU A 50 4.09 4.66 -7.21
N GLU A 51 3.21 4.92 -8.13
CA GLU A 51 2.87 4.10 -9.27
C GLU A 51 3.51 2.71 -9.27
N GLY A 52 2.81 1.78 -8.65
CA GLY A 52 3.30 0.44 -8.45
C GLY A 52 3.86 0.28 -7.07
N TRP A 53 3.91 1.40 -6.38
CA TRP A 53 4.46 1.49 -5.04
C TRP A 53 3.51 2.30 -4.21
N TRP A 54 3.52 2.04 -2.92
CA TRP A 54 2.65 2.66 -2.00
C TRP A 54 3.42 3.00 -0.78
N GLU A 55 2.83 3.85 -0.05
CA GLU A 55 3.43 4.44 1.15
C GLU A 55 2.42 4.66 2.19
N GLY A 56 2.53 4.10 3.34
CA GLY A 56 1.41 4.17 4.21
C GLY A 56 1.61 3.65 5.57
N VAL A 57 0.50 3.51 6.27
CA VAL A 57 0.56 3.14 7.64
C VAL A 57 -0.22 1.89 7.89
N LEU A 58 0.27 1.11 8.82
CA LEU A 58 -0.34 -0.07 9.21
C LEU A 58 -0.34 -0.17 10.71
N ASN A 59 -1.52 -0.15 11.24
CA ASN A 59 -1.76 -0.27 12.69
C ASN A 59 -1.03 0.80 13.47
N GLY A 60 -0.75 1.86 12.77
CA GLY A 60 -0.08 2.99 13.35
C GLY A 60 1.37 3.03 12.99
N LYS A 61 1.80 1.97 12.36
CA LYS A 61 3.15 1.83 11.88
C LYS A 61 3.23 2.34 10.47
N THR A 62 3.90 3.45 10.27
CA THR A 62 3.91 4.03 8.95
C THR A 62 5.16 3.62 8.20
N GLY A 63 5.04 3.62 6.89
CA GLY A 63 6.10 3.19 6.02
C GLY A 63 5.76 3.44 4.58
N MET A 64 6.31 2.60 3.75
CA MET A 64 6.03 2.53 2.34
C MET A 64 6.60 1.25 1.85
N PHE A 65 5.94 0.69 0.86
CA PHE A 65 6.39 -0.52 0.24
C PHE A 65 6.31 -0.43 -1.26
N PRO A 66 7.12 -1.23 -1.92
CA PRO A 66 6.98 -1.45 -3.35
C PRO A 66 5.92 -2.49 -3.66
N SER A 67 4.86 -2.49 -2.84
CA SER A 67 3.75 -3.40 -3.02
C SER A 67 4.24 -4.83 -3.20
N ASN A 68 5.32 -5.10 -2.53
CA ASN A 68 6.10 -6.29 -2.78
C ASN A 68 5.50 -7.49 -2.09
N PHE A 69 5.20 -7.27 -0.85
CA PHE A 69 4.48 -8.22 -0.02
C PHE A 69 3.03 -7.78 0.02
N ILE A 70 2.73 -6.60 -0.46
CA ILE A 70 1.43 -6.02 -0.35
C ILE A 70 0.82 -5.71 -1.68
N LYS A 71 -0.26 -6.37 -1.90
CA LYS A 71 -1.05 -6.22 -3.12
C LYS A 71 -2.47 -5.79 -2.80
N GLU A 72 -2.97 -4.78 -3.50
CA GLU A 72 -4.40 -4.52 -3.51
C GLU A 72 -4.79 -3.32 -4.33
N LEU A 73 -4.74 -2.26 -3.58
CA LEU A 73 -5.36 -0.99 -3.85
C LEU A 73 -4.83 -0.24 -5.06
N SER A 74 -5.57 0.82 -5.36
CA SER A 74 -5.10 1.90 -6.19
C SER A 74 -6.24 2.87 -6.52
N GLY A 75 -6.66 3.68 -5.54
CA GLY A 75 -7.77 4.57 -5.76
C GLY A 75 -7.42 5.76 -6.62
N GLU A 76 -7.48 5.55 -7.93
CA GLU A 76 -7.26 6.56 -8.93
C GLU A 76 -6.11 7.51 -8.64
N SER A 77 -6.37 8.76 -8.99
CA SER A 77 -5.40 9.86 -9.05
C SER A 77 -4.83 9.87 -10.44
N ASP A 78 -5.77 9.69 -11.37
CA ASP A 78 -5.49 9.35 -12.76
C ASP A 78 -4.54 8.18 -12.85
N GLU A 79 -4.77 7.27 -11.93
CA GLU A 79 -4.00 6.07 -11.80
C GLU A 79 -4.91 4.92 -11.45
N LEU A 80 -6.02 4.95 -12.14
CA LEU A 80 -7.06 3.94 -12.06
C LEU A 80 -6.53 2.59 -12.40
N GLY A 81 -5.48 2.61 -13.13
CA GLY A 81 -4.82 1.41 -13.50
C GLY A 81 -4.09 1.63 -14.79
N ILE A 82 -3.43 2.77 -14.84
CA ILE A 82 -2.93 3.32 -16.05
C ILE A 82 -1.63 2.69 -16.50
N SER A 83 -1.68 1.99 -17.62
CA SER A 83 -0.50 1.45 -18.24
C SER A 83 -0.62 1.58 -19.76
N GLN A 84 -1.42 0.68 -20.35
CA GLN A 84 -1.72 0.72 -21.77
C GLN A 84 -2.64 -0.45 -22.11
N THR A 10 -6.42 8.08 -16.04
CA THR A 10 -6.06 8.71 -14.76
C THR A 10 -6.30 7.74 -13.60
N ASN A 11 -5.26 7.03 -13.20
CA ASN A 11 -5.35 6.11 -12.07
C ASN A 11 -5.21 6.87 -10.76
N LYS A 12 -4.66 8.09 -10.84
CA LYS A 12 -4.49 8.94 -9.66
C LYS A 12 -5.82 9.41 -9.12
N ARG A 13 -6.87 9.06 -9.83
CA ARG A 13 -8.23 9.25 -9.39
C ARG A 13 -8.59 8.12 -8.42
N GLY A 14 -7.67 7.90 -7.53
CA GLY A 14 -7.85 6.94 -6.47
C GLY A 14 -8.50 7.58 -5.27
N GLU A 15 -8.17 7.11 -4.08
CA GLU A 15 -8.71 7.74 -2.89
C GLU A 15 -7.82 8.88 -2.40
N ARG A 16 -6.60 8.93 -2.96
CA ARG A 16 -5.65 10.00 -2.68
C ARG A 16 -5.16 9.96 -1.23
N ARG A 17 -4.08 10.70 -0.95
CA ARG A 17 -3.40 10.74 0.34
C ARG A 17 -3.26 9.38 0.99
N ARG A 18 -4.29 8.98 1.71
CA ARG A 18 -4.31 7.69 2.35
C ARG A 18 -5.19 6.72 1.57
N ARG A 19 -4.60 5.66 1.01
CA ARG A 19 -5.37 4.68 0.29
C ARG A 19 -5.03 3.27 0.75
N ARG A 20 -6.06 2.46 0.83
CA ARG A 20 -6.01 1.21 1.56
C ARG A 20 -5.76 0.00 0.67
N CYS A 21 -4.75 -0.75 1.07
CA CYS A 21 -4.27 -1.92 0.39
C CYS A 21 -4.09 -3.09 1.36
N GLN A 22 -4.15 -4.32 0.87
CA GLN A 22 -3.90 -5.46 1.72
C GLN A 22 -2.52 -6.02 1.49
N VAL A 23 -1.85 -6.37 2.55
CA VAL A 23 -0.54 -6.89 2.39
C VAL A 23 -0.49 -8.38 2.61
N ALA A 24 0.30 -8.99 1.77
CA ALA A 24 0.70 -10.33 1.85
C ALA A 24 1.93 -10.42 2.71
N PHE A 25 2.48 -11.56 2.72
CA PHE A 25 2.87 -12.21 3.92
C PHE A 25 3.79 -11.45 4.85
N SER A 26 4.98 -11.07 4.46
CA SER A 26 5.83 -10.36 5.39
C SER A 26 6.46 -9.11 4.84
N TYR A 27 5.94 -7.97 5.16
CA TYR A 27 6.69 -6.78 4.91
C TYR A 27 7.50 -6.49 6.16
N LEU A 28 8.71 -6.93 6.06
CA LEU A 28 9.79 -6.83 7.07
C LEU A 28 10.66 -5.54 7.12
N PRO A 29 10.38 -4.52 6.31
CA PRO A 29 11.40 -3.65 5.64
C PRO A 29 12.02 -2.56 6.45
N GLN A 30 11.96 -2.61 7.72
CA GLN A 30 12.20 -1.39 8.42
C GLN A 30 13.67 -1.18 8.66
N ASN A 31 14.17 -0.14 8.03
CA ASN A 31 15.46 0.40 8.33
C ASN A 31 15.38 1.83 8.83
N ASP A 32 14.58 2.61 8.12
CA ASP A 32 14.61 4.06 8.26
C ASP A 32 13.45 4.57 9.07
N ASP A 33 12.32 3.94 8.85
CA ASP A 33 11.05 4.29 9.46
C ASP A 33 9.90 3.72 8.65
N GLU A 34 9.84 2.41 8.57
CA GLU A 34 8.81 1.78 7.77
C GLU A 34 7.89 0.95 8.63
N LEU A 35 6.87 0.45 7.98
CA LEU A 35 5.88 -0.38 8.57
C LEU A 35 6.20 -1.84 8.30
N GLU A 36 5.69 -2.69 9.16
CA GLU A 36 5.86 -4.10 9.05
C GLU A 36 4.51 -4.76 8.97
N LEU A 37 4.33 -5.41 7.90
CA LEU A 37 3.08 -6.09 7.59
C LEU A 37 3.31 -7.60 7.72
N LYS A 38 2.90 -8.14 8.86
CA LYS A 38 3.46 -9.40 9.36
C LYS A 38 2.96 -10.66 8.66
N VAL A 39 1.64 -10.86 8.53
CA VAL A 39 1.14 -12.00 7.79
C VAL A 39 0.10 -11.65 6.72
N GLY A 40 -0.41 -10.46 6.79
CA GLY A 40 -1.59 -10.13 6.02
C GLY A 40 -2.37 -9.03 6.66
N ASP A 41 -1.78 -7.90 6.51
CA ASP A 41 -2.22 -6.66 7.13
C ASP A 41 -2.99 -5.84 6.13
N ILE A 42 -3.83 -4.96 6.59
CA ILE A 42 -4.40 -4.00 5.68
C ILE A 42 -3.87 -2.63 5.99
N ILE A 43 -3.47 -1.99 4.93
CA ILE A 43 -2.78 -0.77 4.94
C ILE A 43 -3.67 0.22 4.30
N GLU A 44 -3.36 1.42 4.55
CA GLU A 44 -3.97 2.53 3.86
C GLU A 44 -2.89 3.54 3.73
N VAL A 45 -2.19 3.54 2.62
CA VAL A 45 -0.97 4.16 2.69
C VAL A 45 -0.97 5.55 2.09
N VAL A 46 -0.63 5.54 0.88
CA VAL A 46 -0.59 6.68 0.07
C VAL A 46 -1.36 6.37 -1.16
N GLY A 47 -1.58 5.10 -1.23
CA GLY A 47 -2.12 4.51 -2.40
C GLY A 47 -1.20 4.59 -3.57
N GLU A 48 -1.82 4.62 -4.69
CA GLU A 48 -1.22 4.56 -6.01
C GLU A 48 -0.25 5.68 -6.33
N VAL A 49 -0.01 6.50 -5.36
CA VAL A 49 0.77 7.71 -5.57
C VAL A 49 2.18 7.35 -5.99
N GLU A 50 2.59 6.18 -5.57
CA GLU A 50 3.92 5.68 -5.88
C GLU A 50 3.85 4.67 -7.00
N GLU A 51 2.88 4.91 -7.83
CA GLU A 51 2.46 4.06 -8.93
C GLU A 51 3.28 2.78 -9.10
N GLY A 52 2.73 1.72 -8.56
CA GLY A 52 3.40 0.46 -8.44
C GLY A 52 3.93 0.27 -7.05
N TRP A 53 3.97 1.38 -6.36
CA TRP A 53 4.49 1.48 -5.01
C TRP A 53 3.51 2.27 -4.19
N TRP A 54 3.53 2.02 -2.90
CA TRP A 54 2.67 2.65 -1.98
C TRP A 54 3.46 3.03 -0.78
N GLU A 55 2.87 3.85 -0.02
CA GLU A 55 3.48 4.44 1.16
C GLU A 55 2.49 4.66 2.23
N GLY A 56 2.60 4.08 3.37
CA GLY A 56 1.47 4.19 4.22
C GLY A 56 1.61 3.69 5.59
N VAL A 57 0.47 3.53 6.25
CA VAL A 57 0.48 3.23 7.64
C VAL A 57 -0.26 1.95 7.93
N LEU A 58 0.31 1.19 8.82
CA LEU A 58 -0.19 -0.05 9.20
C LEU A 58 -0.34 -0.09 10.71
N ASN A 59 -1.57 -0.04 11.11
CA ASN A 59 -1.96 -0.11 12.53
C ASN A 59 -1.28 0.96 13.36
N GLY A 60 -0.88 1.98 12.67
CA GLY A 60 -0.24 3.11 13.29
C GLY A 60 1.24 3.17 13.03
N LYS A 61 1.71 2.15 12.36
CA LYS A 61 3.08 2.06 11.93
C LYS A 61 3.20 2.51 10.51
N THR A 62 3.86 3.62 10.28
CA THR A 62 3.91 4.17 8.96
C THR A 62 5.17 3.73 8.22
N GLY A 63 5.05 3.68 6.91
CA GLY A 63 6.10 3.23 6.05
C GLY A 63 5.74 3.48 4.60
N MET A 64 6.23 2.60 3.76
CA MET A 64 5.84 2.50 2.38
C MET A 64 6.37 1.19 1.91
N PHE A 65 5.82 0.64 0.85
CA PHE A 65 6.33 -0.55 0.26
C PHE A 65 6.28 -0.47 -1.23
N PRO A 66 7.09 -1.26 -1.88
CA PRO A 66 6.97 -1.49 -3.30
C PRO A 66 5.92 -2.51 -3.64
N SER A 67 4.85 -2.50 -2.82
CA SER A 67 3.71 -3.41 -3.03
C SER A 67 4.17 -4.84 -3.22
N ASN A 68 5.25 -5.14 -2.57
CA ASN A 68 6.01 -6.33 -2.83
C ASN A 68 5.39 -7.52 -2.15
N PHE A 69 5.15 -7.32 -0.89
CA PHE A 69 4.44 -8.27 -0.07
C PHE A 69 2.99 -7.86 -0.06
N ILE A 70 2.71 -6.64 -0.46
CA ILE A 70 1.40 -6.08 -0.33
C ILE A 70 0.77 -5.83 -1.67
N LYS A 71 -0.31 -6.51 -1.82
CA LYS A 71 -1.11 -6.51 -3.05
C LYS A 71 -2.51 -6.00 -2.76
N GLU A 72 -2.93 -4.98 -3.50
CA GLU A 72 -4.33 -4.63 -3.56
C GLU A 72 -4.62 -3.46 -4.45
N LEU A 73 -4.53 -2.37 -3.78
CA LEU A 73 -5.17 -1.12 -4.14
C LEU A 73 -4.54 -0.38 -5.29
N SER A 74 -5.27 0.66 -5.66
CA SER A 74 -4.85 1.79 -6.43
C SER A 74 -6.11 2.47 -6.96
N GLY A 75 -6.66 3.39 -6.18
CA GLY A 75 -8.03 3.78 -6.38
C GLY A 75 -8.93 2.68 -5.88
N GLU A 76 -9.36 1.82 -6.77
CA GLU A 76 -10.04 0.60 -6.41
C GLU A 76 -9.04 -0.51 -6.23
N SER A 77 -9.51 -1.68 -6.54
CA SER A 77 -8.71 -2.86 -6.66
C SER A 77 -9.47 -3.91 -7.41
N ASP A 78 -8.83 -5.05 -7.61
CA ASP A 78 -9.28 -6.09 -8.51
C ASP A 78 -8.92 -5.63 -9.91
N GLU A 79 -7.89 -4.81 -9.88
CA GLU A 79 -7.26 -4.22 -11.02
C GLU A 79 -8.24 -3.77 -12.05
N LEU A 80 -8.91 -2.79 -11.57
CA LEU A 80 -9.93 -2.06 -12.28
C LEU A 80 -9.39 -1.48 -13.53
N GLY A 81 -8.51 -0.59 -13.32
CA GLY A 81 -7.82 0.05 -14.40
C GLY A 81 -6.55 0.65 -13.91
N ILE A 82 -5.89 -0.09 -13.05
CA ILE A 82 -4.75 0.37 -12.31
C ILE A 82 -3.49 0.42 -13.18
N SER A 83 -2.81 1.56 -13.11
CA SER A 83 -1.62 1.80 -13.93
C SER A 83 -0.37 1.59 -13.08
N GLN A 84 0.47 0.66 -13.53
CA GLN A 84 1.72 0.32 -12.83
C GLN A 84 1.44 -0.41 -11.51
N THR A 10 -15.38 -0.22 -1.12
CA THR A 10 -14.02 0.35 -1.10
C THR A 10 -13.84 1.30 -2.29
N ASN A 11 -13.35 2.50 -2.03
CA ASN A 11 -13.27 3.56 -3.04
C ASN A 11 -12.17 3.28 -4.06
N LYS A 12 -12.53 2.54 -5.10
CA LYS A 12 -11.60 2.26 -6.19
C LYS A 12 -11.59 3.39 -7.19
N ARG A 13 -12.49 4.34 -7.01
CA ARG A 13 -12.55 5.51 -7.86
C ARG A 13 -11.49 6.53 -7.49
N GLY A 14 -10.73 6.17 -6.49
CA GLY A 14 -9.65 7.01 -6.02
C GLY A 14 -9.86 7.41 -4.59
N GLU A 15 -9.22 6.70 -3.67
CA GLU A 15 -9.47 6.95 -2.26
C GLU A 15 -8.66 8.14 -1.74
N ARG A 16 -7.63 8.52 -2.51
CA ARG A 16 -6.82 9.70 -2.23
C ARG A 16 -5.99 9.53 -0.96
N ARG A 17 -5.22 10.59 -0.61
CA ARG A 17 -4.32 10.63 0.55
C ARG A 17 -3.92 9.26 1.08
N ARG A 18 -4.68 8.75 2.02
CA ARG A 18 -4.46 7.43 2.56
C ARG A 18 -5.32 6.42 1.80
N ARG A 19 -4.67 5.51 1.11
CA ARG A 19 -5.37 4.56 0.29
C ARG A 19 -5.09 3.16 0.79
N ARG A 20 -6.11 2.34 0.88
CA ARG A 20 -5.97 1.09 1.61
C ARG A 20 -5.70 -0.11 0.72
N CYS A 21 -4.63 -0.79 1.05
CA CYS A 21 -4.17 -1.96 0.36
C CYS A 21 -3.99 -3.12 1.33
N GLN A 22 -4.08 -4.35 0.83
CA GLN A 22 -3.88 -5.51 1.68
C GLN A 22 -2.52 -6.10 1.46
N VAL A 23 -1.86 -6.43 2.52
CA VAL A 23 -0.54 -6.94 2.39
C VAL A 23 -0.46 -8.43 2.62
N ALA A 24 0.33 -9.02 1.77
CA ALA A 24 0.74 -10.37 1.86
C ALA A 24 1.97 -10.44 2.71
N PHE A 25 2.53 -11.57 2.74
CA PHE A 25 2.90 -12.21 3.95
C PHE A 25 3.79 -11.41 4.89
N SER A 26 4.99 -11.04 4.51
CA SER A 26 5.82 -10.33 5.44
C SER A 26 6.45 -9.08 4.89
N TYR A 27 5.92 -7.93 5.18
CA TYR A 27 6.68 -6.74 4.93
C TYR A 27 7.48 -6.45 6.18
N LEU A 28 8.70 -6.90 6.09
CA LEU A 28 9.77 -6.82 7.11
C LEU A 28 10.67 -5.54 7.18
N PRO A 29 10.39 -4.50 6.40
CA PRO A 29 11.41 -3.63 5.76
C PRO A 29 12.00 -2.55 6.61
N GLN A 30 11.92 -2.69 7.88
CA GLN A 30 12.22 -1.57 8.71
C GLN A 30 13.69 -1.55 9.07
N ASN A 31 14.35 -0.50 8.63
CA ASN A 31 15.59 -0.06 9.22
C ASN A 31 15.46 1.34 9.79
N ASP A 32 14.83 2.19 9.00
CA ASP A 32 14.82 3.63 9.25
C ASP A 32 13.59 4.09 9.97
N ASP A 33 12.50 3.45 9.61
CA ASP A 33 11.17 3.76 10.10
C ASP A 33 10.14 3.37 9.04
N GLU A 34 9.96 2.07 8.91
CA GLU A 34 8.97 1.54 7.99
C GLU A 34 7.91 0.80 8.77
N LEU A 35 6.92 0.34 8.06
CA LEU A 35 5.90 -0.46 8.61
C LEU A 35 6.18 -1.92 8.34
N GLU A 36 5.64 -2.75 9.18
CA GLU A 36 5.80 -4.17 9.08
C GLU A 36 4.45 -4.79 8.99
N LEU A 37 4.25 -5.43 7.90
CA LEU A 37 3.02 -6.10 7.60
C LEU A 37 3.24 -7.59 7.72
N LYS A 38 2.82 -8.14 8.86
CA LYS A 38 3.37 -9.40 9.36
C LYS A 38 2.89 -10.66 8.67
N VAL A 39 1.57 -10.86 8.53
CA VAL A 39 1.08 -12.00 7.76
C VAL A 39 0.04 -11.64 6.69
N GLY A 40 -0.48 -10.45 6.77
CA GLY A 40 -1.66 -10.12 5.99
C GLY A 40 -2.43 -9.02 6.62
N ASP A 41 -1.84 -7.89 6.49
CA ASP A 41 -2.29 -6.66 7.10
C ASP A 41 -3.04 -5.81 6.08
N ILE A 42 -3.88 -4.92 6.53
CA ILE A 42 -4.40 -3.95 5.63
C ILE A 42 -3.82 -2.59 5.94
N ILE A 43 -3.40 -1.95 4.89
CA ILE A 43 -2.70 -0.74 4.89
C ILE A 43 -3.62 0.26 4.30
N GLU A 44 -3.30 1.45 4.57
CA GLU A 44 -3.92 2.60 3.96
C GLU A 44 -2.84 3.59 3.75
N VAL A 45 -2.19 3.58 2.61
CA VAL A 45 -0.97 4.20 2.59
C VAL A 45 -1.01 5.58 1.99
N VAL A 46 -0.69 5.59 0.77
CA VAL A 46 -0.80 6.73 -0.07
C VAL A 46 -1.55 6.31 -1.28
N GLY A 47 -1.66 5.02 -1.30
CA GLY A 47 -2.13 4.33 -2.44
C GLY A 47 -1.20 4.41 -3.61
N GLU A 48 -1.82 4.28 -4.72
CA GLU A 48 -1.21 4.13 -6.03
C GLU A 48 -0.33 5.26 -6.45
N VAL A 49 -0.19 6.20 -5.58
CA VAL A 49 0.51 7.45 -5.87
C VAL A 49 1.95 7.15 -6.26
N GLU A 50 2.46 6.06 -5.75
CA GLU A 50 3.83 5.66 -6.02
C GLU A 50 3.90 4.70 -7.18
N GLU A 51 3.05 4.99 -8.13
CA GLU A 51 2.80 4.21 -9.32
C GLU A 51 3.34 2.77 -9.25
N GLY A 52 2.60 1.95 -8.53
CA GLY A 52 2.99 0.57 -8.31
C GLY A 52 3.60 0.38 -6.94
N TRP A 53 3.84 1.50 -6.32
CA TRP A 53 4.39 1.55 -4.98
C TRP A 53 3.44 2.33 -4.13
N TRP A 54 3.47 2.05 -2.86
CA TRP A 54 2.61 2.66 -1.93
C TRP A 54 3.39 3.02 -0.72
N GLU A 55 2.81 3.88 0.01
CA GLU A 55 3.43 4.46 1.18
C GLU A 55 2.43 4.70 2.23
N GLY A 56 2.55 4.13 3.37
CA GLY A 56 1.43 4.20 4.23
C GLY A 56 1.62 3.73 5.61
N VAL A 57 0.51 3.56 6.28
CA VAL A 57 0.55 3.23 7.66
C VAL A 57 -0.18 1.95 7.93
N LEU A 58 0.38 1.19 8.82
CA LEU A 58 -0.15 -0.04 9.21
C LEU A 58 -0.34 -0.06 10.70
N ASN A 59 -1.59 0.06 11.06
CA ASN A 59 -2.01 0.02 12.46
C ASN A 59 -1.35 1.06 13.33
N GLY A 60 -0.82 2.04 12.66
CA GLY A 60 -0.14 3.12 13.32
C GLY A 60 1.34 3.14 13.07
N LYS A 61 1.78 2.12 12.38
CA LYS A 61 3.14 2.00 11.94
C LYS A 61 3.26 2.45 10.50
N THR A 62 3.88 3.59 10.27
CA THR A 62 3.92 4.14 8.94
C THR A 62 5.18 3.71 8.19
N GLY A 63 5.07 3.69 6.89
CA GLY A 63 6.14 3.24 6.03
C GLY A 63 5.80 3.45 4.57
N MET A 64 6.37 2.61 3.75
CA MET A 64 6.10 2.57 2.32
C MET A 64 6.71 1.33 1.75
N PHE A 65 5.97 0.70 0.88
CA PHE A 65 6.39 -0.51 0.25
C PHE A 65 6.29 -0.42 -1.25
N PRO A 66 7.08 -1.21 -1.93
CA PRO A 66 6.93 -1.44 -3.36
C PRO A 66 5.88 -2.49 -3.65
N SER A 67 4.83 -2.49 -2.83
CA SER A 67 3.70 -3.41 -3.00
C SER A 67 4.18 -4.85 -3.19
N ASN A 68 5.27 -5.14 -2.54
CA ASN A 68 6.05 -6.31 -2.80
C ASN A 68 5.46 -7.52 -2.11
N PHE A 69 5.17 -7.32 -0.87
CA PHE A 69 4.45 -8.27 -0.05
C PHE A 69 2.99 -7.87 -0.07
N ILE A 70 2.72 -6.62 -0.44
CA ILE A 70 1.42 -6.05 -0.31
C ILE A 70 0.79 -5.80 -1.66
N LYS A 71 -0.29 -6.49 -1.84
CA LYS A 71 -1.07 -6.45 -3.07
C LYS A 71 -2.49 -5.99 -2.79
N GLU A 72 -2.95 -4.99 -3.52
CA GLU A 72 -4.36 -4.69 -3.55
C GLU A 72 -4.76 -3.55 -4.44
N LEU A 73 -4.66 -2.44 -3.80
CA LEU A 73 -5.40 -1.24 -4.09
C LEU A 73 -4.92 -0.41 -5.26
N SER A 74 -5.78 0.56 -5.58
CA SER A 74 -5.45 1.69 -6.37
C SER A 74 -6.72 2.47 -6.76
N GLY A 75 -6.86 3.73 -6.31
CA GLY A 75 -7.87 4.58 -6.85
C GLY A 75 -7.68 4.79 -8.35
N GLU A 76 -8.77 4.63 -9.07
CA GLU A 76 -8.78 4.72 -10.51
C GLU A 76 -8.53 6.13 -11.01
N SER A 77 -8.28 6.16 -12.29
CA SER A 77 -7.93 7.35 -13.05
C SER A 77 -7.53 6.91 -14.43
N ASP A 78 -8.29 5.93 -14.89
CA ASP A 78 -7.91 5.09 -16.03
C ASP A 78 -6.48 4.62 -15.89
N GLU A 79 -6.12 4.36 -14.67
CA GLU A 79 -4.78 3.99 -14.29
C GLU A 79 -4.80 2.93 -13.24
N LEU A 80 -5.77 2.09 -13.41
CA LEU A 80 -5.98 0.91 -12.59
C LEU A 80 -5.02 -0.19 -12.98
N GLY A 81 -3.85 0.26 -13.18
CA GLY A 81 -2.76 -0.57 -13.59
C GLY A 81 -2.70 -0.66 -15.10
N ILE A 82 -3.65 0.01 -15.73
CA ILE A 82 -3.82 0.02 -17.14
C ILE A 82 -2.66 0.68 -17.87
N SER A 83 -1.90 -0.12 -18.60
CA SER A 83 -0.85 0.37 -19.46
C SER A 83 -0.97 -0.29 -20.83
N GLN A 84 -0.68 -1.59 -20.86
CA GLN A 84 -0.89 -2.42 -22.04
C GLN A 84 -0.92 -3.89 -21.64
N THR A 10 -11.71 2.58 -14.03
CA THR A 10 -10.29 2.94 -13.76
C THR A 10 -10.17 4.39 -13.27
N ASN A 11 -9.73 4.55 -12.03
CA ASN A 11 -9.47 5.87 -11.46
C ASN A 11 -8.13 5.86 -10.74
N LYS A 12 -7.11 6.42 -11.39
CA LYS A 12 -5.75 6.35 -10.87
C LYS A 12 -5.52 7.33 -9.74
N ARG A 13 -6.39 8.31 -9.65
CA ARG A 13 -6.35 9.27 -8.57
C ARG A 13 -6.64 8.61 -7.23
N GLY A 14 -7.43 7.55 -7.30
CA GLY A 14 -7.75 6.77 -6.12
C GLY A 14 -8.42 7.56 -5.03
N GLU A 15 -8.12 7.20 -3.79
CA GLU A 15 -8.67 7.88 -2.63
C GLU A 15 -7.81 9.10 -2.26
N ARG A 16 -6.94 9.50 -3.19
CA ARG A 16 -6.10 10.69 -3.06
C ARG A 16 -4.91 10.46 -2.14
N ARG A 17 -5.04 10.81 -0.86
CA ARG A 17 -3.96 10.63 0.08
C ARG A 17 -3.87 9.20 0.54
N ARG A 18 -4.62 8.86 1.58
CA ARG A 18 -4.61 7.52 2.11
C ARG A 18 -5.36 6.59 1.15
N ARG A 19 -4.74 5.49 0.79
CA ARG A 19 -5.46 4.46 0.08
C ARG A 19 -5.15 3.13 0.73
N ARG A 20 -6.15 2.30 0.90
CA ARG A 20 -5.98 1.13 1.72
C ARG A 20 -5.78 -0.14 0.92
N CYS A 21 -4.69 -0.81 1.25
CA CYS A 21 -4.27 -2.03 0.60
C CYS A 21 -4.06 -3.15 1.58
N GLN A 22 -4.32 -4.37 1.15
CA GLN A 22 -4.04 -5.54 1.97
C GLN A 22 -2.74 -6.22 1.59
N VAL A 23 -1.90 -6.39 2.57
CA VAL A 23 -0.58 -6.89 2.32
C VAL A 23 -0.50 -8.39 2.50
N ALA A 24 0.29 -8.97 1.64
CA ALA A 24 0.69 -10.32 1.70
C ALA A 24 1.94 -10.40 2.53
N PHE A 25 2.48 -11.54 2.55
CA PHE A 25 2.83 -12.19 3.76
C PHE A 25 3.71 -11.41 4.73
N SER A 26 4.92 -11.04 4.39
CA SER A 26 5.71 -10.34 5.37
C SER A 26 6.40 -9.10 4.85
N TYR A 27 5.89 -7.94 5.17
CA TYR A 27 6.65 -6.75 4.93
C TYR A 27 7.45 -6.46 6.20
N LEU A 28 8.68 -6.89 6.11
CA LEU A 28 9.75 -6.79 7.15
C LEU A 28 10.63 -5.51 7.22
N PRO A 29 10.36 -4.47 6.43
CA PRO A 29 11.37 -3.59 5.79
C PRO A 29 11.96 -2.51 6.65
N GLN A 30 11.86 -2.66 7.93
CA GLN A 30 12.13 -1.53 8.77
C GLN A 30 13.59 -1.45 9.11
N ASN A 31 14.19 -0.38 8.68
CA ASN A 31 15.43 0.09 9.26
C ASN A 31 15.28 1.45 9.91
N ASP A 32 14.63 2.35 9.17
CA ASP A 32 14.59 3.75 9.54
C ASP A 32 13.27 4.17 10.15
N ASP A 33 12.23 3.62 9.58
CA ASP A 33 10.87 3.98 9.90
C ASP A 33 9.92 3.43 8.86
N GLU A 34 9.81 2.13 8.84
CA GLU A 34 8.88 1.47 7.95
C GLU A 34 7.82 0.76 8.76
N LEU A 35 6.82 0.29 8.06
CA LEU A 35 5.79 -0.48 8.62
C LEU A 35 6.08 -1.95 8.37
N GLU A 36 5.54 -2.77 9.23
CA GLU A 36 5.70 -4.18 9.14
C GLU A 36 4.37 -4.82 9.01
N LEU A 37 4.21 -5.45 7.91
CA LEU A 37 3.00 -6.14 7.57
C LEU A 37 3.26 -7.65 7.66
N LYS A 38 2.84 -8.24 8.78
CA LYS A 38 3.44 -9.48 9.28
C LYS A 38 3.02 -10.73 8.51
N VAL A 39 1.72 -10.97 8.39
CA VAL A 39 1.22 -12.08 7.60
C VAL A 39 0.15 -11.71 6.55
N GLY A 40 -0.41 -10.53 6.67
CA GLY A 40 -1.58 -10.20 5.90
C GLY A 40 -2.38 -9.09 6.52
N ASP A 41 -1.77 -7.97 6.42
CA ASP A 41 -2.17 -6.73 7.08
C ASP A 41 -2.93 -5.83 6.14
N ILE A 42 -3.70 -4.91 6.67
CA ILE A 42 -4.26 -3.89 5.82
C ILE A 42 -3.63 -2.55 6.12
N ILE A 43 -3.31 -1.89 5.04
CA ILE A 43 -2.62 -0.67 4.99
C ILE A 43 -3.56 0.32 4.42
N GLU A 44 -3.25 1.51 4.64
CA GLU A 44 -3.89 2.63 4.00
C GLU A 44 -2.81 3.63 3.74
N VAL A 45 -2.18 3.58 2.57
CA VAL A 45 -0.98 4.23 2.51
C VAL A 45 -1.05 5.58 1.85
N VAL A 46 -0.71 5.58 0.63
CA VAL A 46 -0.76 6.70 -0.20
C VAL A 46 -1.44 6.33 -1.47
N GLY A 47 -1.57 5.05 -1.56
CA GLY A 47 -2.06 4.45 -2.75
C GLY A 47 -1.06 4.50 -3.87
N GLU A 48 -1.61 4.37 -5.04
CA GLU A 48 -0.88 4.26 -6.32
C GLU A 48 -0.01 5.47 -6.64
N VAL A 49 0.09 6.35 -5.69
CA VAL A 49 0.82 7.60 -5.88
C VAL A 49 2.28 7.29 -6.19
N GLU A 50 2.71 6.15 -5.70
CA GLU A 50 4.04 5.64 -5.99
C GLU A 50 3.99 4.62 -7.10
N GLU A 51 3.06 4.88 -7.97
CA GLU A 51 2.61 4.01 -9.04
C GLU A 51 3.33 2.66 -9.12
N GLY A 52 2.64 1.67 -8.57
CA GLY A 52 3.20 0.36 -8.38
C GLY A 52 3.78 0.22 -7.01
N TRP A 53 3.88 1.35 -6.35
CA TRP A 53 4.45 1.46 -5.03
C TRP A 53 3.51 2.28 -4.19
N TRP A 54 3.52 2.02 -2.90
CA TRP A 54 2.67 2.64 -1.98
C TRP A 54 3.45 3.01 -0.76
N GLU A 55 2.85 3.86 -0.03
CA GLU A 55 3.46 4.44 1.17
C GLU A 55 2.43 4.68 2.19
N GLY A 56 2.54 4.13 3.34
CA GLY A 56 1.42 4.22 4.20
C GLY A 56 1.60 3.77 5.58
N VAL A 57 0.49 3.64 6.26
CA VAL A 57 0.54 3.31 7.64
C VAL A 57 -0.25 2.05 7.89
N LEU A 58 0.28 1.26 8.78
CA LEU A 58 -0.29 0.04 9.13
C LEU A 58 -0.48 -0.01 10.63
N ASN A 59 -1.72 0.16 11.00
CA ASN A 59 -2.15 0.09 12.39
C ASN A 59 -1.37 1.03 13.29
N GLY A 60 -0.92 2.08 12.67
CA GLY A 60 -0.22 3.13 13.35
C GLY A 60 1.25 3.16 13.03
N LYS A 61 1.67 2.13 12.34
CA LYS A 61 3.03 1.98 11.90
C LYS A 61 3.18 2.46 10.48
N THR A 62 3.86 3.56 10.26
CA THR A 62 3.92 4.11 8.94
C THR A 62 5.18 3.68 8.21
N GLY A 63 5.08 3.66 6.90
CA GLY A 63 6.14 3.20 6.05
C GLY A 63 5.80 3.42 4.58
N MET A 64 6.39 2.59 3.77
CA MET A 64 6.12 2.55 2.34
C MET A 64 6.72 1.32 1.76
N PHE A 65 5.97 0.70 0.89
CA PHE A 65 6.39 -0.52 0.25
C PHE A 65 6.31 -0.42 -1.24
N PRO A 66 7.12 -1.22 -1.91
CA PRO A 66 6.99 -1.45 -3.33
C PRO A 66 5.95 -2.50 -3.65
N SER A 67 4.89 -2.52 -2.84
CA SER A 67 3.77 -3.46 -3.04
C SER A 67 4.30 -4.88 -3.25
N ASN A 68 5.37 -5.14 -2.58
CA ASN A 68 6.19 -6.30 -2.80
C ASN A 68 5.61 -7.52 -2.11
N PHE A 69 5.27 -7.29 -0.89
CA PHE A 69 4.54 -8.24 -0.09
C PHE A 69 3.08 -7.84 -0.13
N ILE A 70 2.82 -6.59 -0.45
CA ILE A 70 1.52 -6.03 -0.34
C ILE A 70 0.89 -5.75 -1.68
N LYS A 71 -0.31 -6.15 -1.71
CA LYS A 71 -1.20 -6.03 -2.86
C LYS A 71 -2.41 -5.23 -2.46
N GLU A 72 -3.11 -4.70 -3.46
CA GLU A 72 -4.56 -4.53 -3.41
C GLU A 72 -5.04 -3.27 -4.10
N LEU A 73 -5.04 -2.28 -3.26
CA LEU A 73 -5.58 -0.96 -3.46
C LEU A 73 -5.25 -0.29 -4.79
N SER A 74 -6.07 0.71 -5.08
CA SER A 74 -5.81 1.75 -6.04
C SER A 74 -7.12 2.38 -6.50
N GLY A 75 -7.70 3.22 -5.64
CA GLY A 75 -9.01 3.80 -5.93
C GLY A 75 -10.04 2.77 -6.32
N GLU A 76 -10.35 1.86 -5.41
CA GLU A 76 -11.17 0.72 -5.72
C GLU A 76 -12.65 1.04 -5.87
N SER A 77 -13.35 -0.02 -6.24
CA SER A 77 -14.75 -0.06 -6.62
C SER A 77 -14.87 -1.23 -7.58
N ASP A 78 -14.22 -2.31 -7.16
CA ASP A 78 -13.88 -3.43 -8.03
C ASP A 78 -13.08 -2.93 -9.21
N GLU A 79 -12.24 -1.98 -8.86
CA GLU A 79 -11.36 -1.29 -9.76
C GLU A 79 -10.09 -0.96 -9.01
N LEU A 80 -9.54 -2.01 -8.52
CA LEU A 80 -8.35 -2.04 -7.67
C LEU A 80 -7.11 -1.75 -8.45
N GLY A 81 -7.23 -0.74 -9.20
CA GLY A 81 -6.19 -0.30 -10.07
C GLY A 81 -6.04 -1.24 -11.23
N ILE A 82 -7.14 -1.94 -11.48
CA ILE A 82 -7.22 -2.98 -12.45
C ILE A 82 -7.03 -2.47 -13.86
N SER A 83 -5.88 -2.79 -14.43
CA SER A 83 -5.57 -2.45 -15.81
C SER A 83 -5.75 -3.69 -16.68
N GLN A 84 -5.13 -4.79 -16.24
CA GLN A 84 -5.19 -6.07 -16.93
C GLN A 84 -4.75 -5.95 -18.38
N THR A 10 -11.96 5.51 -15.09
CA THR A 10 -10.84 6.10 -14.34
C THR A 10 -10.39 5.17 -13.22
N ASN A 11 -9.38 4.36 -13.49
CA ASN A 11 -8.90 3.36 -12.55
C ASN A 11 -8.09 3.97 -11.43
N LYS A 12 -6.96 4.57 -11.78
CA LYS A 12 -5.95 4.95 -10.81
C LYS A 12 -6.32 6.19 -10.00
N ARG A 13 -7.44 6.81 -10.36
CA ARG A 13 -8.04 7.90 -9.58
C ARG A 13 -7.92 7.61 -8.08
N GLY A 14 -8.45 6.47 -7.70
CA GLY A 14 -8.23 5.94 -6.36
C GLY A 14 -8.97 6.67 -5.24
N GLU A 15 -8.75 6.15 -4.03
CA GLU A 15 -9.35 6.67 -2.80
C GLU A 15 -8.75 8.02 -2.39
N ARG A 16 -7.71 8.44 -3.11
CA ARG A 16 -7.05 9.72 -2.88
C ARG A 16 -6.26 9.73 -1.57
N ARG A 17 -5.10 10.40 -1.60
CA ARG A 17 -4.14 10.42 -0.52
C ARG A 17 -4.00 9.06 0.17
N ARG A 18 -4.65 8.87 1.30
CA ARG A 18 -4.61 7.61 2.00
C ARG A 18 -5.45 6.59 1.25
N ARG A 19 -4.80 5.53 0.76
CA ARG A 19 -5.51 4.51 0.03
C ARG A 19 -5.17 3.16 0.60
N ARG A 20 -6.17 2.33 0.78
CA ARG A 20 -6.03 1.15 1.62
C ARG A 20 -5.83 -0.16 0.85
N CYS A 21 -4.73 -0.81 1.17
CA CYS A 21 -4.30 -2.03 0.53
C CYS A 21 -4.08 -3.15 1.53
N GLN A 22 -4.31 -4.37 1.10
CA GLN A 22 -4.07 -5.52 1.95
C GLN A 22 -2.77 -6.24 1.62
N VAL A 23 -1.93 -6.35 2.60
CA VAL A 23 -0.60 -6.86 2.39
C VAL A 23 -0.54 -8.36 2.57
N ALA A 24 0.26 -8.95 1.73
CA ALA A 24 0.66 -10.30 1.80
C ALA A 24 1.89 -10.39 2.65
N PHE A 25 2.43 -11.53 2.67
CA PHE A 25 2.83 -12.17 3.88
C PHE A 25 3.76 -11.38 4.80
N SER A 26 4.96 -11.04 4.40
CA SER A 26 5.82 -10.35 5.34
C SER A 26 6.47 -9.11 4.80
N TYR A 27 5.97 -7.96 5.13
CA TYR A 27 6.73 -6.77 4.86
C TYR A 27 7.55 -6.47 6.10
N LEU A 28 8.79 -6.89 5.99
CA LEU A 28 9.88 -6.77 6.99
C LEU A 28 10.74 -5.47 7.05
N PRO A 29 10.43 -4.43 6.27
CA PRO A 29 11.43 -3.51 5.65
C PRO A 29 12.00 -2.43 6.51
N GLN A 30 11.92 -2.57 7.78
CA GLN A 30 12.15 -1.42 8.59
C GLN A 30 13.62 -1.27 8.89
N ASN A 31 14.17 -0.16 8.45
CA ASN A 31 15.44 0.30 8.95
C ASN A 31 15.31 1.62 9.69
N ASP A 32 14.62 2.56 9.07
CA ASP A 32 14.57 3.93 9.56
C ASP A 32 13.26 4.27 10.22
N ASP A 33 12.20 3.74 9.64
CA ASP A 33 10.84 4.04 10.04
C ASP A 33 9.89 3.53 8.98
N GLU A 34 9.81 2.24 8.87
CA GLU A 34 8.88 1.61 7.97
C GLU A 34 7.87 0.82 8.78
N LEU A 35 6.87 0.34 8.10
CA LEU A 35 5.87 -0.49 8.64
C LEU A 35 6.20 -1.95 8.35
N GLU A 36 5.70 -2.81 9.20
CA GLU A 36 5.86 -4.21 9.05
C GLU A 36 4.52 -4.85 8.97
N LEU A 37 4.32 -5.46 7.87
CA LEU A 37 3.09 -6.13 7.56
C LEU A 37 3.29 -7.63 7.66
N LYS A 38 2.88 -8.19 8.79
CA LYS A 38 3.44 -9.46 9.28
C LYS A 38 2.94 -10.71 8.57
N VAL A 39 1.62 -10.90 8.46
CA VAL A 39 1.08 -12.02 7.69
C VAL A 39 0.02 -11.62 6.66
N GLY A 40 -0.46 -10.43 6.76
CA GLY A 40 -1.65 -10.07 6.02
C GLY A 40 -2.40 -8.96 6.67
N ASP A 41 -1.80 -7.84 6.53
CA ASP A 41 -2.20 -6.60 7.15
C ASP A 41 -2.96 -5.72 6.17
N ILE A 42 -3.76 -4.81 6.65
CA ILE A 42 -4.28 -3.84 5.76
C ILE A 42 -3.67 -2.49 6.04
N ILE A 43 -3.36 -1.84 4.97
CA ILE A 43 -2.67 -0.63 4.92
C ILE A 43 -3.61 0.35 4.32
N GLU A 44 -3.30 1.55 4.55
CA GLU A 44 -3.92 2.67 3.87
C GLU A 44 -2.82 3.64 3.63
N VAL A 45 -2.19 3.60 2.46
CA VAL A 45 -0.97 4.25 2.42
C VAL A 45 -1.04 5.61 1.79
N VAL A 46 -0.67 5.61 0.58
CA VAL A 46 -0.71 6.74 -0.26
C VAL A 46 -1.37 6.34 -1.53
N GLY A 47 -1.52 5.06 -1.59
CA GLY A 47 -1.94 4.42 -2.79
C GLY A 47 -0.88 4.41 -3.83
N GLU A 48 -1.31 4.13 -5.03
CA GLU A 48 -0.44 3.92 -6.20
C GLU A 48 0.41 5.12 -6.57
N VAL A 49 0.38 6.12 -5.73
CA VAL A 49 1.09 7.37 -5.98
C VAL A 49 2.55 7.09 -6.29
N GLU A 50 3.03 6.03 -5.68
CA GLU A 50 4.38 5.57 -5.91
C GLU A 50 4.44 4.64 -7.10
N GLU A 51 3.66 5.03 -8.07
CA GLU A 51 3.34 4.29 -9.27
C GLU A 51 3.75 2.82 -9.24
N GLY A 52 2.94 2.03 -8.54
CA GLY A 52 3.20 0.63 -8.35
C GLY A 52 3.73 0.37 -6.98
N TRP A 53 4.01 1.46 -6.29
CA TRP A 53 4.50 1.44 -4.94
C TRP A 53 3.58 2.29 -4.12
N TRP A 54 3.54 2.00 -2.85
CA TRP A 54 2.66 2.64 -1.95
C TRP A 54 3.42 2.97 -0.70
N GLU A 55 2.82 3.83 0.03
CA GLU A 55 3.44 4.39 1.22
C GLU A 55 2.40 4.64 2.25
N GLY A 56 2.49 4.06 3.40
CA GLY A 56 1.37 4.17 4.25
C GLY A 56 1.56 3.69 5.63
N VAL A 57 0.46 3.57 6.32
CA VAL A 57 0.51 3.22 7.70
C VAL A 57 -0.20 1.92 7.96
N LEU A 58 0.36 1.16 8.86
CA LEU A 58 -0.13 -0.10 9.23
C LEU A 58 -0.33 -0.15 10.73
N ASN A 59 -1.57 -0.10 11.09
CA ASN A 59 -1.99 -0.18 12.49
C ASN A 59 -1.36 0.89 13.36
N GLY A 60 -0.91 1.90 12.69
CA GLY A 60 -0.29 3.02 13.34
C GLY A 60 1.19 3.12 13.06
N LYS A 61 1.69 2.11 12.41
CA LYS A 61 3.06 2.04 11.99
C LYS A 61 3.19 2.48 10.55
N THR A 62 3.79 3.62 10.33
CA THR A 62 3.84 4.15 8.99
C THR A 62 5.09 3.68 8.27
N GLY A 63 5.01 3.69 6.95
CA GLY A 63 6.08 3.23 6.10
C GLY A 63 5.73 3.43 4.66
N MET A 64 6.30 2.58 3.83
CA MET A 64 6.00 2.51 2.42
C MET A 64 6.51 1.20 1.94
N PHE A 65 5.89 0.68 0.90
CA PHE A 65 6.32 -0.53 0.27
C PHE A 65 6.25 -0.44 -1.23
N PRO A 66 7.07 -1.23 -1.89
CA PRO A 66 6.94 -1.46 -3.32
C PRO A 66 5.91 -2.52 -3.65
N SER A 67 4.85 -2.55 -2.84
CA SER A 67 3.75 -3.49 -3.04
C SER A 67 4.27 -4.92 -3.24
N ASN A 68 5.34 -5.17 -2.58
CA ASN A 68 6.15 -6.34 -2.82
C ASN A 68 5.58 -7.55 -2.14
N PHE A 69 5.24 -7.32 -0.90
CA PHE A 69 4.53 -8.26 -0.09
C PHE A 69 3.07 -7.85 -0.07
N ILE A 70 2.80 -6.62 -0.47
CA ILE A 70 1.49 -6.05 -0.36
C ILE A 70 0.89 -5.77 -1.70
N LYS A 71 -0.30 -6.23 -1.78
CA LYS A 71 -1.15 -6.08 -2.94
C LYS A 71 -2.39 -5.33 -2.53
N GLU A 72 -3.07 -4.73 -3.51
CA GLU A 72 -4.52 -4.57 -3.46
C GLU A 72 -5.03 -3.28 -4.07
N LEU A 73 -4.97 -2.33 -3.18
CA LEU A 73 -5.67 -1.07 -3.20
C LEU A 73 -5.80 -0.31 -4.48
N SER A 74 -6.80 0.54 -4.35
CA SER A 74 -7.08 1.67 -5.17
C SER A 74 -7.69 1.33 -6.51
N GLY A 75 -8.54 2.23 -6.97
CA GLY A 75 -9.19 2.02 -8.24
C GLY A 75 -10.60 1.51 -8.08
N GLU A 76 -11.22 1.93 -6.98
CA GLU A 76 -12.57 1.55 -6.61
C GLU A 76 -12.70 0.10 -6.20
N SER A 77 -13.70 -0.07 -5.36
CA SER A 77 -13.98 -1.29 -4.60
C SER A 77 -14.62 -0.80 -3.32
N ASP A 78 -15.50 0.16 -3.52
CA ASP A 78 -15.94 1.07 -2.45
C ASP A 78 -14.74 1.61 -1.72
N GLU A 79 -13.85 2.11 -2.53
CA GLU A 79 -12.56 2.55 -2.09
C GLU A 79 -12.49 4.05 -2.14
N LEU A 80 -12.59 4.49 -3.36
CA LEU A 80 -12.57 5.89 -3.84
C LEU A 80 -13.12 6.93 -2.89
N GLY A 81 -12.41 7.06 -1.84
CA GLY A 81 -12.70 8.05 -0.85
C GLY A 81 -13.99 7.75 -0.13
N ILE A 82 -14.42 6.51 -0.29
CA ILE A 82 -15.70 6.07 0.18
C ILE A 82 -15.63 5.63 1.63
N SER A 83 -14.59 4.87 1.98
CA SER A 83 -14.39 4.37 3.34
C SER A 83 -15.69 3.79 3.91
N GLN A 84 -16.16 2.71 3.30
CA GLN A 84 -17.41 2.07 3.72
C GLN A 84 -17.13 1.11 4.88
N THR A 10 -5.74 4.34 -16.56
CA THR A 10 -4.93 5.56 -16.72
C THR A 10 -5.40 6.66 -15.74
N ASN A 11 -6.32 6.31 -14.85
CA ASN A 11 -6.85 7.27 -13.88
C ASN A 11 -6.12 7.11 -12.55
N LYS A 12 -4.88 7.60 -12.53
CA LYS A 12 -4.04 7.52 -11.34
C LYS A 12 -4.45 8.51 -10.26
N ARG A 13 -5.50 9.25 -10.56
CA ARG A 13 -6.04 10.24 -9.68
C ARG A 13 -6.95 9.59 -8.66
N GLY A 14 -6.41 8.58 -8.02
CA GLY A 14 -7.14 7.79 -7.05
C GLY A 14 -7.36 8.47 -5.70
N GLU A 15 -6.71 7.96 -4.66
CA GLU A 15 -6.93 8.40 -3.29
C GLU A 15 -6.34 9.76 -2.99
N ARG A 16 -5.25 10.11 -3.70
CA ARG A 16 -4.52 11.37 -3.49
C ARG A 16 -3.72 11.35 -2.18
N ARG A 17 -4.32 10.82 -1.11
CA ARG A 17 -3.71 10.83 0.21
C ARG A 17 -3.51 9.43 0.78
N ARG A 18 -4.58 8.87 1.33
CA ARG A 18 -4.53 7.55 1.93
C ARG A 18 -5.37 6.54 1.15
N ARG A 19 -4.75 5.45 0.72
CA ARG A 19 -5.50 4.41 0.04
C ARG A 19 -5.19 3.06 0.64
N ARG A 20 -6.20 2.24 0.77
CA ARG A 20 -6.05 1.03 1.54
C ARG A 20 -5.75 -0.20 0.70
N CYS A 21 -4.65 -0.81 1.05
CA CYS A 21 -4.15 -1.98 0.41
C CYS A 21 -3.94 -3.09 1.40
N GLN A 22 -4.10 -4.31 0.96
CA GLN A 22 -3.89 -5.44 1.83
C GLN A 22 -2.56 -6.08 1.55
N VAL A 23 -1.83 -6.35 2.60
CA VAL A 23 -0.53 -6.90 2.44
C VAL A 23 -0.50 -8.39 2.67
N ALA A 24 0.31 -9.01 1.86
CA ALA A 24 0.70 -10.35 1.96
C ALA A 24 1.95 -10.44 2.77
N PHE A 25 2.50 -11.58 2.76
CA PHE A 25 2.91 -12.26 3.94
C PHE A 25 3.85 -11.51 4.88
N SER A 26 5.03 -11.12 4.48
CA SER A 26 5.88 -10.39 5.40
C SER A 26 6.49 -9.14 4.80
N TYR A 27 6.04 -7.99 5.18
CA TYR A 27 6.77 -6.81 4.87
C TYR A 27 7.71 -6.50 6.04
N LEU A 28 8.94 -6.85 5.77
CA LEU A 28 10.13 -6.80 6.66
C LEU A 28 10.97 -5.46 6.78
N PRO A 29 10.55 -4.34 6.21
CA PRO A 29 11.39 -3.19 5.77
C PRO A 29 11.67 -2.19 6.89
N GLN A 30 11.84 -2.70 8.05
CA GLN A 30 11.23 -2.25 9.26
C GLN A 30 11.77 -0.99 9.90
N ASN A 31 11.23 -0.77 11.11
CA ASN A 31 10.86 0.51 11.75
C ASN A 31 11.87 1.62 11.70
N ASP A 32 13.07 1.29 11.32
CA ASP A 32 14.07 2.29 11.09
C ASP A 32 13.60 3.22 9.99
N ASP A 33 12.74 2.67 9.17
CA ASP A 33 12.08 3.43 8.14
C ASP A 33 10.58 3.16 8.01
N GLU A 34 10.19 1.90 7.92
CA GLU A 34 8.89 1.56 7.41
C GLU A 34 8.10 0.66 8.36
N LEU A 35 6.88 0.41 7.93
CA LEU A 35 5.90 -0.39 8.60
C LEU A 35 6.17 -1.87 8.34
N GLU A 36 5.67 -2.68 9.21
CA GLU A 36 5.81 -4.09 9.13
C GLU A 36 4.47 -4.75 9.00
N LEU A 37 4.35 -5.42 7.93
CA LEU A 37 3.11 -6.12 7.61
C LEU A 37 3.35 -7.62 7.74
N LYS A 38 2.91 -8.16 8.88
CA LYS A 38 3.47 -9.41 9.40
C LYS A 38 2.99 -10.67 8.70
N VAL A 39 1.67 -10.85 8.57
CA VAL A 39 1.14 -11.98 7.81
C VAL A 39 0.11 -11.61 6.75
N GLY A 40 -0.41 -10.40 6.82
CA GLY A 40 -1.58 -10.08 6.05
C GLY A 40 -2.36 -8.96 6.67
N ASP A 41 -1.77 -7.84 6.52
CA ASP A 41 -2.20 -6.59 7.12
C ASP A 41 -2.96 -5.73 6.13
N ILE A 42 -3.78 -4.83 6.60
CA ILE A 42 -4.34 -3.86 5.70
C ILE A 42 -3.79 -2.49 6.00
N ILE A 43 -3.43 -1.84 4.94
CA ILE A 43 -2.77 -0.61 4.91
C ILE A 43 -3.70 0.37 4.28
N GLU A 44 -3.39 1.57 4.50
CA GLU A 44 -3.96 2.69 3.77
C GLU A 44 -2.85 3.63 3.58
N VAL A 45 -2.17 3.59 2.45
CA VAL A 45 -0.95 4.19 2.49
C VAL A 45 -0.97 5.58 1.93
N VAL A 46 -0.57 5.63 0.74
CA VAL A 46 -0.58 6.79 -0.04
C VAL A 46 -1.30 6.46 -1.27
N GLY A 47 -1.48 5.18 -1.33
CA GLY A 47 -1.99 4.56 -2.49
C GLY A 47 -0.99 4.57 -3.61
N GLU A 48 -1.56 4.55 -4.75
CA GLU A 48 -0.90 4.39 -6.04
C GLU A 48 0.06 5.48 -6.38
N VAL A 49 0.21 6.40 -5.48
CA VAL A 49 0.95 7.63 -5.75
C VAL A 49 2.38 7.30 -6.10
N GLU A 50 2.82 6.16 -5.61
CA GLU A 50 4.17 5.70 -5.86
C GLU A 50 4.19 4.72 -7.00
N GLU A 51 3.34 5.03 -7.95
CA GLU A 51 3.00 4.20 -9.09
C GLU A 51 3.66 2.83 -9.13
N GLY A 52 2.97 1.89 -8.51
CA GLY A 52 3.46 0.55 -8.34
C GLY A 52 4.03 0.35 -6.97
N TRP A 53 4.10 1.46 -6.26
CA TRP A 53 4.60 1.52 -4.92
C TRP A 53 3.63 2.34 -4.11
N TRP A 54 3.57 2.05 -2.84
CA TRP A 54 2.71 2.69 -1.93
C TRP A 54 3.47 2.99 -0.69
N GLU A 55 2.89 3.84 0.07
CA GLU A 55 3.51 4.39 1.27
C GLU A 55 2.48 4.63 2.30
N GLY A 56 2.55 4.04 3.44
CA GLY A 56 1.41 4.16 4.27
C GLY A 56 1.54 3.69 5.65
N VAL A 57 0.41 3.57 6.31
CA VAL A 57 0.41 3.26 7.69
C VAL A 57 -0.31 1.96 7.97
N LEU A 58 0.25 1.21 8.88
CA LEU A 58 -0.26 -0.03 9.26
C LEU A 58 -0.38 -0.10 10.77
N ASN A 59 -1.60 -0.07 11.21
CA ASN A 59 -1.93 -0.16 12.63
C ASN A 59 -1.32 0.97 13.44
N GLY A 60 -0.92 1.97 12.73
CA GLY A 60 -0.27 3.12 13.32
C GLY A 60 1.20 3.16 13.04
N LYS A 61 1.66 2.11 12.40
CA LYS A 61 3.02 1.99 11.97
C LYS A 61 3.13 2.45 10.54
N THR A 62 3.74 3.58 10.33
CA THR A 62 3.79 4.14 9.01
C THR A 62 5.06 3.68 8.30
N GLY A 63 4.97 3.65 6.99
CA GLY A 63 6.02 3.17 6.16
C GLY A 63 5.71 3.38 4.70
N MET A 64 6.17 2.44 3.92
CA MET A 64 5.92 2.39 2.50
C MET A 64 6.37 1.05 2.03
N PHE A 65 5.85 0.61 0.90
CA PHE A 65 6.26 -0.62 0.28
C PHE A 65 6.17 -0.54 -1.23
N PRO A 66 7.00 -1.31 -1.91
CA PRO A 66 6.88 -1.51 -3.35
C PRO A 66 5.87 -2.58 -3.72
N SER A 67 4.77 -2.59 -2.97
CA SER A 67 3.68 -3.57 -3.16
C SER A 67 4.21 -4.99 -3.31
N ASN A 68 5.26 -5.24 -2.62
CA ASN A 68 6.04 -6.41 -2.86
C ASN A 68 5.44 -7.60 -2.16
N PHE A 69 5.07 -7.34 -0.95
CA PHE A 69 4.37 -8.28 -0.11
C PHE A 69 2.92 -7.88 -0.10
N ILE A 70 2.64 -6.65 -0.49
CA ILE A 70 1.34 -6.07 -0.37
C ILE A 70 0.75 -5.75 -1.72
N LYS A 71 -0.35 -6.39 -1.94
CA LYS A 71 -1.15 -6.21 -3.16
C LYS A 71 -2.56 -5.77 -2.79
N GLU A 72 -3.09 -4.76 -3.49
CA GLU A 72 -4.51 -4.47 -3.42
C GLU A 72 -4.94 -3.25 -4.18
N LEU A 73 -4.85 -2.21 -3.41
CA LEU A 73 -5.47 -0.92 -3.60
C LEU A 73 -5.19 -0.23 -4.92
N SER A 74 -6.05 0.76 -5.15
CA SER A 74 -5.84 1.81 -6.09
C SER A 74 -7.18 2.51 -6.37
N GLY A 75 -7.15 3.83 -6.51
CA GLY A 75 -8.28 4.54 -7.07
C GLY A 75 -8.28 4.40 -8.58
N GLU A 76 -7.12 3.95 -9.08
CA GLU A 76 -6.95 3.55 -10.47
C GLU A 76 -7.80 2.34 -10.80
N SER A 77 -7.31 1.60 -11.74
CA SER A 77 -8.00 0.43 -12.24
C SER A 77 -7.02 -0.68 -12.54
N ASP A 78 -6.07 -0.82 -11.62
CA ASP A 78 -5.04 -1.87 -11.66
C ASP A 78 -4.35 -1.90 -13.01
N GLU A 79 -4.09 -0.70 -13.47
CA GLU A 79 -3.47 -0.45 -14.74
C GLU A 79 -2.46 0.68 -14.57
N LEU A 80 -2.27 0.98 -13.31
CA LEU A 80 -1.41 2.03 -12.80
C LEU A 80 -0.23 2.26 -13.66
N GLY A 81 0.47 1.21 -13.78
CA GLY A 81 1.65 1.23 -14.55
C GLY A 81 2.17 -0.17 -14.74
N ILE A 82 1.24 -1.09 -14.56
CA ILE A 82 1.51 -2.49 -14.64
C ILE A 82 2.01 -2.86 -16.04
N SER A 83 1.54 -2.09 -17.02
CA SER A 83 2.05 -2.13 -18.39
C SER A 83 1.59 -3.35 -19.16
N GLN A 84 1.76 -4.53 -18.57
CA GLN A 84 1.37 -5.76 -19.24
C GLN A 84 0.79 -6.73 -18.22
N THR A 10 -6.79 2.33 -10.93
CA THR A 10 -7.27 3.72 -11.09
C THR A 10 -6.14 4.72 -10.79
N ASN A 11 -4.94 4.17 -10.57
CA ASN A 11 -3.75 4.98 -10.34
C ASN A 11 -3.82 5.75 -9.02
N LYS A 12 -3.07 6.84 -8.95
CA LYS A 12 -3.01 7.65 -7.74
C LYS A 12 -4.27 8.49 -7.57
N ARG A 13 -5.12 8.44 -8.57
CA ARG A 13 -6.37 9.14 -8.59
C ARG A 13 -7.49 8.27 -8.07
N GLY A 14 -7.07 7.33 -7.29
CA GLY A 14 -7.96 6.37 -6.70
C GLY A 14 -8.81 6.95 -5.58
N GLU A 15 -8.66 6.39 -4.37
CA GLU A 15 -9.46 6.81 -3.24
C GLU A 15 -8.94 8.14 -2.66
N ARG A 16 -7.84 8.61 -3.25
CA ARG A 16 -7.19 9.88 -2.87
C ARG A 16 -6.39 9.73 -1.57
N ARG A 17 -5.25 10.41 -1.52
CA ARG A 17 -4.35 10.45 -0.38
C ARG A 17 -4.21 9.09 0.32
N ARG A 18 -4.83 8.96 1.48
CA ARG A 18 -4.75 7.72 2.24
C ARG A 18 -5.61 6.66 1.57
N ARG A 19 -4.99 5.60 1.07
CA ARG A 19 -5.70 4.56 0.38
C ARG A 19 -5.32 3.20 0.93
N ARG A 20 -6.30 2.33 1.07
CA ARG A 20 -6.07 1.06 1.75
C ARG A 20 -5.72 -0.05 0.78
N CYS A 21 -4.65 -0.73 1.11
CA CYS A 21 -4.17 -1.89 0.41
C CYS A 21 -3.97 -3.04 1.36
N GLN A 22 -4.08 -4.26 0.89
CA GLN A 22 -3.85 -5.40 1.76
C GLN A 22 -2.50 -6.00 1.51
N VAL A 23 -1.83 -6.35 2.58
CA VAL A 23 -0.54 -6.90 2.44
C VAL A 23 -0.51 -8.39 2.67
N ALA A 24 0.29 -9.00 1.84
CA ALA A 24 0.69 -10.35 1.93
C ALA A 24 1.92 -10.44 2.77
N PHE A 25 2.48 -11.58 2.77
CA PHE A 25 2.88 -12.25 3.96
C PHE A 25 3.79 -11.48 4.91
N SER A 26 4.99 -11.11 4.53
CA SER A 26 5.82 -10.37 5.46
C SER A 26 6.48 -9.15 4.86
N TYR A 27 6.02 -7.99 5.21
CA TYR A 27 6.80 -6.80 4.93
C TYR A 27 7.68 -6.53 6.15
N LEU A 28 8.93 -6.89 5.93
CA LEU A 28 10.05 -6.84 6.89
C LEU A 28 10.87 -5.51 7.10
N PRO A 29 10.49 -4.36 6.52
CA PRO A 29 11.33 -3.19 6.16
C PRO A 29 11.56 -2.23 7.31
N GLN A 30 11.72 -2.78 8.46
CA GLN A 30 11.07 -2.36 9.66
C GLN A 30 11.55 -1.09 10.33
N ASN A 31 10.94 -0.88 11.50
CA ASN A 31 10.51 0.40 12.09
C ASN A 31 11.55 1.48 12.14
N ASP A 32 12.76 1.10 11.93
CA ASP A 32 13.83 2.04 11.76
C ASP A 32 13.58 2.85 10.50
N ASP A 33 12.83 2.23 9.62
CA ASP A 33 12.43 2.83 8.37
C ASP A 33 10.92 2.77 8.12
N GLU A 34 10.33 1.58 8.16
CA GLU A 34 9.00 1.35 7.63
C GLU A 34 8.15 0.44 8.53
N LEU A 35 6.94 0.22 8.05
CA LEU A 35 5.91 -0.54 8.69
C LEU A 35 6.17 -2.00 8.43
N GLU A 36 5.68 -2.83 9.30
CA GLU A 36 5.79 -4.23 9.17
C GLU A 36 4.44 -4.83 9.04
N LEU A 37 4.29 -5.49 7.96
CA LEU A 37 3.06 -6.16 7.61
C LEU A 37 3.28 -7.66 7.76
N LYS A 38 2.82 -8.20 8.87
CA LYS A 38 3.37 -9.44 9.42
C LYS A 38 2.92 -10.72 8.71
N VAL A 39 1.61 -10.91 8.54
CA VAL A 39 1.12 -12.03 7.77
C VAL A 39 0.09 -11.67 6.70
N GLY A 40 -0.43 -10.48 6.78
CA GLY A 40 -1.61 -10.16 6.01
C GLY A 40 -2.39 -9.05 6.64
N ASP A 41 -1.79 -7.92 6.52
CA ASP A 41 -2.20 -6.68 7.14
C ASP A 41 -2.95 -5.83 6.14
N ILE A 42 -3.75 -4.91 6.59
CA ILE A 42 -4.25 -3.92 5.67
C ILE A 42 -3.65 -2.58 5.99
N ILE A 43 -3.33 -1.90 4.93
CA ILE A 43 -2.64 -0.69 4.92
C ILE A 43 -3.57 0.30 4.34
N GLU A 44 -3.26 1.49 4.60
CA GLU A 44 -3.88 2.63 3.98
C GLU A 44 -2.80 3.61 3.73
N VAL A 45 -2.17 3.57 2.58
CA VAL A 45 -0.98 4.23 2.52
C VAL A 45 -1.09 5.60 1.92
N VAL A 46 -0.74 5.61 0.71
CA VAL A 46 -0.81 6.74 -0.12
C VAL A 46 -1.51 6.35 -1.38
N GLY A 47 -1.64 5.05 -1.44
CA GLY A 47 -2.11 4.42 -2.62
C GLY A 47 -1.08 4.44 -3.71
N GLU A 48 -1.54 4.19 -4.90
CA GLU A 48 -0.70 4.05 -6.10
C GLU A 48 0.09 5.29 -6.45
N VAL A 49 0.07 6.24 -5.56
CA VAL A 49 0.75 7.52 -5.82
C VAL A 49 2.20 7.27 -6.18
N GLU A 50 2.72 6.22 -5.60
CA GLU A 50 4.08 5.76 -5.90
C GLU A 50 4.07 4.78 -7.04
N GLU A 51 3.20 5.09 -7.97
CA GLU A 51 2.76 4.26 -9.07
C GLU A 51 3.45 2.90 -9.15
N GLY A 52 2.76 1.93 -8.58
CA GLY A 52 3.29 0.60 -8.44
C GLY A 52 3.83 0.39 -7.05
N TRP A 53 3.94 1.51 -6.36
CA TRP A 53 4.48 1.57 -5.02
C TRP A 53 3.53 2.36 -4.17
N TRP A 54 3.54 2.07 -2.89
CA TRP A 54 2.68 2.68 -1.96
C TRP A 54 3.44 3.03 -0.74
N GLU A 55 2.85 3.88 -0.02
CA GLU A 55 3.46 4.46 1.18
C GLU A 55 2.43 4.68 2.20
N GLY A 56 2.54 4.11 3.35
CA GLY A 56 1.43 4.20 4.19
C GLY A 56 1.61 3.70 5.56
N VAL A 57 0.50 3.59 6.24
CA VAL A 57 0.53 3.26 7.62
C VAL A 57 -0.26 2.00 7.86
N LEU A 58 0.27 1.18 8.72
CA LEU A 58 -0.36 0.01 9.11
C LEU A 58 -0.52 -0.03 10.60
N ASN A 59 -1.74 0.15 10.98
CA ASN A 59 -2.16 0.09 12.38
C ASN A 59 -1.38 1.04 13.26
N GLY A 60 -0.94 2.09 12.62
CA GLY A 60 -0.22 3.14 13.28
C GLY A 60 1.25 3.08 13.05
N LYS A 61 1.62 2.10 12.27
CA LYS A 61 2.98 1.92 11.84
C LYS A 61 3.12 2.39 10.41
N THR A 62 3.72 3.53 10.22
CA THR A 62 3.81 4.08 8.89
C THR A 62 5.08 3.61 8.18
N GLY A 63 5.04 3.67 6.87
CA GLY A 63 6.12 3.22 6.04
C GLY A 63 5.81 3.43 4.57
N MET A 64 6.37 2.58 3.76
CA MET A 64 6.11 2.53 2.34
C MET A 64 6.74 1.31 1.76
N PHE A 65 6.02 0.67 0.89
CA PHE A 65 6.45 -0.54 0.26
C PHE A 65 6.33 -0.46 -1.23
N PRO A 66 7.11 -1.27 -1.93
CA PRO A 66 6.95 -1.47 -3.35
C PRO A 66 5.89 -2.51 -3.64
N SER A 67 4.83 -2.51 -2.83
CA SER A 67 3.70 -3.42 -3.02
C SER A 67 4.16 -4.85 -3.23
N ASN A 68 5.24 -5.16 -2.56
CA ASN A 68 5.98 -6.36 -2.82
C ASN A 68 5.36 -7.54 -2.13
N PHE A 69 5.10 -7.32 -0.88
CA PHE A 69 4.39 -8.25 -0.05
C PHE A 69 2.94 -7.82 -0.03
N ILE A 70 2.67 -6.61 -0.47
CA ILE A 70 1.37 -6.01 -0.35
C ILE A 70 0.78 -5.70 -1.70
N LYS A 71 -0.29 -6.37 -1.94
CA LYS A 71 -1.09 -6.22 -3.14
C LYS A 71 -2.51 -5.82 -2.80
N GLU A 72 -3.04 -4.85 -3.53
CA GLU A 72 -4.45 -4.59 -3.49
C GLU A 72 -4.87 -3.46 -4.38
N LEU A 73 -4.64 -2.34 -3.79
CA LEU A 73 -5.30 -1.09 -4.10
C LEU A 73 -4.71 -0.31 -5.27
N SER A 74 -5.48 0.69 -5.65
CA SER A 74 -5.16 1.67 -6.66
C SER A 74 -6.46 2.35 -7.05
N GLY A 75 -7.17 2.77 -6.03
CA GLY A 75 -8.57 3.11 -6.20
C GLY A 75 -9.41 1.85 -6.21
N GLU A 76 -8.86 0.80 -6.82
CA GLU A 76 -9.42 -0.53 -6.85
C GLU A 76 -9.57 -1.15 -5.47
N SER A 77 -9.93 -2.42 -5.51
CA SER A 77 -10.25 -3.19 -4.33
C SER A 77 -10.41 -4.67 -4.70
N ASP A 78 -9.34 -5.44 -4.59
CA ASP A 78 -9.36 -6.89 -4.87
C ASP A 78 -9.70 -7.17 -6.34
N GLU A 79 -9.76 -6.13 -7.11
CA GLU A 79 -10.25 -6.18 -8.46
C GLU A 79 -9.32 -5.45 -9.41
N LEU A 80 -8.22 -5.04 -8.86
CA LEU A 80 -7.16 -4.38 -9.61
C LEU A 80 -6.52 -5.34 -10.56
N GLY A 81 -6.68 -6.58 -10.24
CA GLY A 81 -6.20 -7.62 -11.09
C GLY A 81 -6.40 -8.97 -10.43
N ILE A 82 -6.49 -8.93 -9.12
CA ILE A 82 -6.73 -10.09 -8.30
C ILE A 82 -7.91 -10.94 -8.77
N SER A 83 -9.11 -10.37 -8.69
CA SER A 83 -10.31 -11.14 -9.00
C SER A 83 -10.89 -10.81 -10.38
N GLN A 84 -10.18 -10.02 -11.17
CA GLN A 84 -10.60 -9.70 -12.52
C GLN A 84 -9.45 -9.04 -13.27
N THR A 10 -6.35 -6.11 -5.89
CA THR A 10 -7.56 -6.00 -6.75
C THR A 10 -8.51 -4.95 -6.19
N ASN A 11 -7.97 -3.80 -5.78
CA ASN A 11 -8.75 -2.77 -5.11
C ASN A 11 -8.46 -1.41 -5.74
N LYS A 12 -8.80 -1.30 -7.02
CA LYS A 12 -8.44 -0.16 -7.84
C LYS A 12 -9.39 1.02 -7.68
N ARG A 13 -10.44 0.83 -6.87
CA ARG A 13 -11.41 1.90 -6.58
C ARG A 13 -10.71 3.24 -6.41
N GLY A 14 -9.75 3.27 -5.51
CA GLY A 14 -8.82 4.38 -5.44
C GLY A 14 -9.25 5.52 -4.54
N GLU A 15 -8.31 6.00 -3.72
CA GLU A 15 -8.58 7.14 -2.84
C GLU A 15 -7.74 8.36 -3.20
N ARG A 16 -6.79 8.17 -4.11
CA ARG A 16 -5.83 9.21 -4.51
C ARG A 16 -4.79 9.49 -3.41
N ARG A 17 -5.19 10.17 -2.34
CA ARG A 17 -4.24 10.55 -1.29
C ARG A 17 -3.82 9.38 -0.42
N ARG A 18 -4.72 8.95 0.44
CA ARG A 18 -4.47 7.82 1.31
C ARG A 18 -5.39 6.67 0.94
N ARG A 19 -4.83 5.55 0.53
CA ARG A 19 -5.62 4.47 0.02
C ARG A 19 -5.24 3.16 0.67
N ARG A 20 -6.22 2.34 0.93
CA ARG A 20 -6.03 1.13 1.72
C ARG A 20 -5.78 -0.08 0.86
N CYS A 21 -4.69 -0.75 1.18
CA CYS A 21 -4.22 -1.92 0.48
C CYS A 21 -4.03 -3.08 1.45
N GLN A 22 -4.14 -4.30 0.97
CA GLN A 22 -3.90 -5.45 1.81
C GLN A 22 -2.55 -6.06 1.54
N VAL A 23 -1.85 -6.39 2.57
CA VAL A 23 -0.54 -6.91 2.42
C VAL A 23 -0.50 -8.41 2.66
N ALA A 24 0.34 -9.01 1.88
CA ALA A 24 0.73 -10.38 1.97
C ALA A 24 2.00 -10.45 2.76
N PHE A 25 2.55 -11.59 2.75
CA PHE A 25 2.97 -12.24 3.95
C PHE A 25 3.88 -11.46 4.88
N SER A 26 5.07 -11.09 4.49
CA SER A 26 5.88 -10.34 5.40
C SER A 26 6.51 -9.11 4.81
N TYR A 27 6.02 -7.97 5.15
CA TYR A 27 6.78 -6.78 4.87
C TYR A 27 7.69 -6.53 6.08
N LEU A 28 8.91 -6.92 5.84
CA LEU A 28 10.06 -6.89 6.76
C LEU A 28 10.90 -5.58 6.92
N PRO A 29 10.52 -4.44 6.34
CA PRO A 29 11.40 -3.31 5.97
C PRO A 29 11.65 -2.36 7.13
N GLN A 30 11.76 -2.94 8.28
CA GLN A 30 11.17 -2.49 9.51
C GLN A 30 11.81 -1.31 10.18
N ASN A 31 11.29 -1.06 11.39
CA ASN A 31 11.13 0.24 12.09
C ASN A 31 12.35 1.11 12.09
N ASP A 32 13.43 0.56 11.67
CA ASP A 32 14.59 1.33 11.31
C ASP A 32 14.22 2.26 10.17
N ASP A 33 13.13 1.88 9.50
CA ASP A 33 12.54 2.69 8.48
C ASP A 33 11.01 2.63 8.47
N GLU A 34 10.46 1.47 8.17
CA GLU A 34 9.09 1.36 7.70
C GLU A 34 8.23 0.40 8.54
N LEU A 35 6.98 0.29 8.10
CA LEU A 35 5.95 -0.48 8.70
C LEU A 35 6.18 -1.96 8.43
N GLU A 36 5.64 -2.78 9.29
CA GLU A 36 5.75 -4.19 9.16
C GLU A 36 4.40 -4.81 9.01
N LEU A 37 4.28 -5.46 7.93
CA LEU A 37 3.05 -6.14 7.59
C LEU A 37 3.28 -7.65 7.71
N LYS A 38 2.80 -8.21 8.80
CA LYS A 38 3.34 -9.47 9.35
C LYS A 38 2.93 -10.74 8.61
N VAL A 39 1.63 -10.97 8.38
CA VAL A 39 1.19 -12.04 7.50
C VAL A 39 0.17 -11.59 6.45
N GLY A 40 -0.42 -10.45 6.67
CA GLY A 40 -1.63 -10.12 5.95
C GLY A 40 -2.39 -9.02 6.61
N ASP A 41 -1.80 -7.90 6.49
CA ASP A 41 -2.21 -6.66 7.11
C ASP A 41 -2.95 -5.79 6.12
N ILE A 42 -3.76 -4.89 6.59
CA ILE A 42 -4.27 -3.89 5.69
C ILE A 42 -3.66 -2.54 6.02
N ILE A 43 -3.32 -1.89 4.97
CA ILE A 43 -2.63 -0.67 4.94
C ILE A 43 -3.56 0.33 4.35
N GLU A 44 -3.24 1.51 4.60
CA GLU A 44 -3.90 2.64 3.98
C GLU A 44 -2.82 3.63 3.71
N VAL A 45 -2.21 3.58 2.55
CA VAL A 45 -1.01 4.25 2.45
C VAL A 45 -1.13 5.60 1.79
N VAL A 46 -0.77 5.59 0.59
CA VAL A 46 -0.85 6.72 -0.26
C VAL A 46 -1.49 6.31 -1.53
N GLY A 47 -1.55 5.04 -1.62
CA GLY A 47 -1.96 4.43 -2.82
C GLY A 47 -0.93 4.50 -3.89
N GLU A 48 -1.42 4.34 -5.07
CA GLU A 48 -0.64 4.17 -6.31
C GLU A 48 0.25 5.35 -6.63
N VAL A 49 0.29 6.29 -5.74
CA VAL A 49 1.02 7.53 -5.96
C VAL A 49 2.48 7.23 -6.23
N GLU A 50 2.92 6.12 -5.68
CA GLU A 50 4.27 5.65 -5.91
C GLU A 50 4.33 4.68 -7.06
N GLU A 51 3.46 4.97 -7.98
CA GLU A 51 3.15 4.18 -9.14
C GLU A 51 3.77 2.78 -9.15
N GLY A 52 3.02 1.86 -8.57
CA GLY A 52 3.47 0.51 -8.38
C GLY A 52 3.99 0.33 -6.97
N TRP A 53 4.04 1.43 -6.27
CA TRP A 53 4.56 1.49 -4.92
C TRP A 53 3.60 2.30 -4.11
N TRP A 54 3.58 2.03 -2.83
CA TRP A 54 2.71 2.65 -1.93
C TRP A 54 3.45 2.98 -0.68
N GLU A 55 2.84 3.83 0.02
CA GLU A 55 3.44 4.41 1.22
C GLU A 55 2.39 4.64 2.23
N GLY A 56 2.48 4.07 3.39
CA GLY A 56 1.36 4.18 4.23
C GLY A 56 1.55 3.74 5.62
N VAL A 57 0.44 3.62 6.32
CA VAL A 57 0.50 3.32 7.70
C VAL A 57 -0.26 2.04 7.99
N LEU A 58 0.32 1.26 8.86
CA LEU A 58 -0.21 0.01 9.21
C LEU A 58 -0.40 -0.05 10.71
N ASN A 59 -1.63 0.02 11.09
CA ASN A 59 -2.04 -0.06 12.49
C ASN A 59 -1.37 0.99 13.36
N GLY A 60 -0.93 2.01 12.68
CA GLY A 60 -0.27 3.12 13.31
C GLY A 60 1.20 3.18 13.01
N LYS A 61 1.67 2.14 12.37
CA LYS A 61 3.05 2.02 11.95
C LYS A 61 3.18 2.47 10.51
N THR A 62 3.78 3.61 10.31
CA THR A 62 3.84 4.16 8.98
C THR A 62 5.08 3.68 8.24
N GLY A 63 5.00 3.74 6.92
CA GLY A 63 6.07 3.29 6.07
C GLY A 63 5.74 3.50 4.62
N MET A 64 6.27 2.61 3.82
CA MET A 64 5.97 2.50 2.40
C MET A 64 6.45 1.15 2.00
N PHE A 65 5.93 0.65 0.91
CA PHE A 65 6.39 -0.58 0.31
C PHE A 65 6.32 -0.50 -1.19
N PRO A 66 7.12 -1.31 -1.86
CA PRO A 66 6.98 -1.51 -3.28
C PRO A 66 5.93 -2.56 -3.61
N SER A 67 4.87 -2.56 -2.82
CA SER A 67 3.72 -3.46 -3.02
C SER A 67 4.20 -4.88 -3.25
N ASN A 68 5.26 -5.19 -2.59
CA ASN A 68 6.01 -6.39 -2.84
C ASN A 68 5.37 -7.57 -2.16
N PHE A 69 5.10 -7.36 -0.91
CA PHE A 69 4.38 -8.28 -0.08
C PHE A 69 2.93 -7.86 -0.08
N ILE A 70 2.67 -6.63 -0.50
CA ILE A 70 1.38 -6.03 -0.37
C ILE A 70 0.78 -5.72 -1.72
N LYS A 71 -0.31 -6.36 -1.94
CA LYS A 71 -1.10 -6.20 -3.15
C LYS A 71 -2.52 -5.78 -2.80
N GLU A 72 -3.05 -4.77 -3.49
CA GLU A 72 -4.45 -4.51 -3.45
C GLU A 72 -4.86 -3.32 -4.30
N LEU A 73 -4.73 -2.24 -3.60
CA LEU A 73 -5.28 -0.95 -3.91
C LEU A 73 -4.66 -0.27 -5.11
N SER A 74 -5.30 0.83 -5.48
CA SER A 74 -4.71 1.84 -6.30
C SER A 74 -5.72 2.97 -6.63
N GLY A 75 -5.48 4.17 -6.08
CA GLY A 75 -6.19 5.36 -6.53
C GLY A 75 -6.20 5.53 -8.03
N GLU A 76 -7.38 5.39 -8.64
CA GLU A 76 -7.52 5.56 -10.06
C GLU A 76 -7.72 7.01 -10.43
N SER A 77 -8.50 7.19 -11.48
CA SER A 77 -8.72 8.48 -12.14
C SER A 77 -7.50 8.81 -13.00
N ASP A 78 -7.10 7.80 -13.75
CA ASP A 78 -5.90 7.82 -14.57
C ASP A 78 -4.69 8.28 -13.78
N GLU A 79 -4.59 7.70 -12.60
CA GLU A 79 -3.56 8.02 -11.65
C GLU A 79 -2.98 6.75 -11.09
N LEU A 80 -3.29 5.70 -11.79
CA LEU A 80 -2.84 4.34 -11.50
C LEU A 80 -1.43 4.14 -11.92
N GLY A 81 -0.72 5.16 -11.63
CA GLY A 81 0.67 5.22 -11.93
C GLY A 81 0.91 5.58 -13.37
N ILE A 82 -0.12 6.14 -13.98
CA ILE A 82 -0.10 6.53 -15.36
C ILE A 82 0.89 7.67 -15.60
N SER A 83 1.97 7.35 -16.27
CA SER A 83 3.01 8.32 -16.58
C SER A 83 3.70 7.94 -17.88
N GLN A 84 4.27 8.93 -18.55
CA GLN A 84 4.98 8.70 -19.80
C GLN A 84 6.47 8.59 -19.56
N THR A 10 -7.79 -7.24 -5.24
CA THR A 10 -7.42 -6.03 -6.01
C THR A 10 -8.44 -4.91 -5.76
N ASN A 11 -8.62 -4.57 -4.49
CA ASN A 11 -9.54 -3.51 -4.10
C ASN A 11 -8.91 -2.15 -4.34
N LYS A 12 -8.91 -1.74 -5.60
CA LYS A 12 -8.24 -0.52 -6.00
C LYS A 12 -9.01 0.71 -5.56
N ARG A 13 -10.32 0.75 -5.84
CA ARG A 13 -11.18 1.86 -5.45
C ARG A 13 -10.42 3.18 -5.46
N GLY A 14 -9.92 3.51 -6.65
CA GLY A 14 -8.99 4.62 -6.82
C GLY A 14 -9.29 5.82 -5.96
N GLU A 15 -8.47 6.01 -4.93
CA GLU A 15 -8.69 7.08 -3.97
C GLU A 15 -7.63 8.19 -4.08
N ARG A 16 -6.60 7.92 -4.88
CA ARG A 16 -5.51 8.88 -5.13
C ARG A 16 -4.58 9.03 -3.93
N ARG A 17 -5.08 9.55 -2.82
CA ARG A 17 -4.27 9.77 -1.63
C ARG A 17 -4.22 8.51 -0.77
N ARG A 18 -4.48 8.65 0.53
CA ARG A 18 -4.30 7.54 1.45
C ARG A 18 -5.31 6.47 1.13
N ARG A 19 -4.81 5.34 0.66
CA ARG A 19 -5.68 4.32 0.15
C ARG A 19 -5.30 2.98 0.74
N ARG A 20 -6.31 2.19 1.03
CA ARG A 20 -6.11 1.01 1.82
C ARG A 20 -5.96 -0.25 0.99
N CYS A 21 -4.86 -0.91 1.26
CA CYS A 21 -4.43 -2.10 0.59
C CYS A 21 -4.22 -3.24 1.55
N GLN A 22 -4.35 -4.44 1.06
CA GLN A 22 -4.05 -5.60 1.87
C GLN A 22 -2.73 -6.24 1.53
N VAL A 23 -1.90 -6.38 2.53
CA VAL A 23 -0.57 -6.87 2.34
C VAL A 23 -0.47 -8.35 2.52
N ALA A 24 0.33 -8.94 1.68
CA ALA A 24 0.73 -10.29 1.77
C ALA A 24 1.97 -10.37 2.60
N PHE A 25 2.52 -11.51 2.63
CA PHE A 25 2.87 -12.16 3.84
C PHE A 25 3.75 -11.37 4.82
N SER A 26 4.96 -11.01 4.49
CA SER A 26 5.74 -10.26 5.43
C SER A 26 6.41 -9.05 4.84
N TYR A 27 5.93 -7.89 5.16
CA TYR A 27 6.69 -6.73 4.89
C TYR A 27 7.52 -6.44 6.14
N LEU A 28 8.75 -6.88 6.02
CA LEU A 28 9.83 -6.83 7.04
C LEU A 28 10.71 -5.54 7.11
N PRO A 29 10.44 -4.49 6.35
CA PRO A 29 11.44 -3.60 5.72
C PRO A 29 12.01 -2.52 6.59
N GLN A 30 11.89 -2.67 7.86
CA GLN A 30 12.17 -1.54 8.69
C GLN A 30 13.62 -1.48 9.08
N ASN A 31 14.27 -0.44 8.66
CA ASN A 31 15.50 0.00 9.25
C ASN A 31 15.38 1.37 9.88
N ASP A 32 14.78 2.27 9.12
CA ASP A 32 14.78 3.68 9.46
C ASP A 32 13.45 4.17 9.99
N ASP A 33 12.40 3.66 9.39
CA ASP A 33 11.05 4.15 9.63
C ASP A 33 10.05 3.53 8.66
N GLU A 34 9.93 2.22 8.70
CA GLU A 34 8.99 1.54 7.87
C GLU A 34 7.95 0.82 8.71
N LEU A 35 6.93 0.35 8.04
CA LEU A 35 5.93 -0.45 8.63
C LEU A 35 6.21 -1.92 8.36
N GLU A 36 5.69 -2.76 9.22
CA GLU A 36 5.82 -4.18 9.09
C GLU A 36 4.46 -4.79 8.98
N LEU A 37 4.27 -5.44 7.89
CA LEU A 37 3.03 -6.11 7.58
C LEU A 37 3.24 -7.62 7.68
N LYS A 38 2.82 -8.18 8.81
CA LYS A 38 3.36 -9.44 9.31
C LYS A 38 2.88 -10.70 8.60
N VAL A 39 1.56 -10.90 8.47
CA VAL A 39 1.07 -12.02 7.69
C VAL A 39 0.04 -11.65 6.62
N GLY A 40 -0.48 -10.47 6.71
CA GLY A 40 -1.64 -10.13 5.92
C GLY A 40 -2.42 -9.01 6.54
N ASP A 41 -1.82 -7.89 6.44
CA ASP A 41 -2.26 -6.67 7.08
C ASP A 41 -3.02 -5.80 6.10
N ILE A 42 -3.84 -4.91 6.58
CA ILE A 42 -4.37 -3.91 5.72
C ILE A 42 -3.77 -2.57 6.05
N ILE A 43 -3.36 -1.93 5.00
CA ILE A 43 -2.66 -0.72 4.98
C ILE A 43 -3.59 0.25 4.35
N GLU A 44 -3.29 1.45 4.56
CA GLU A 44 -3.93 2.55 3.86
C GLU A 44 -2.88 3.56 3.66
N VAL A 45 -2.25 3.54 2.51
CA VAL A 45 -1.06 4.22 2.49
C VAL A 45 -1.11 5.58 1.83
N VAL A 46 -0.69 5.56 0.65
CA VAL A 46 -0.61 6.72 -0.17
C VAL A 46 -1.23 6.42 -1.47
N GLY A 47 -1.44 5.16 -1.60
CA GLY A 47 -1.92 4.60 -2.80
C GLY A 47 -0.87 4.52 -3.87
N GLU A 48 -1.39 4.30 -5.05
CA GLU A 48 -0.62 4.07 -6.28
C GLU A 48 0.26 5.25 -6.67
N VAL A 49 0.32 6.21 -5.79
CA VAL A 49 1.07 7.43 -6.06
C VAL A 49 2.53 7.10 -6.36
N GLU A 50 2.96 6.02 -5.76
CA GLU A 50 4.30 5.52 -5.97
C GLU A 50 4.31 4.48 -7.06
N GLU A 51 3.38 4.68 -7.94
CA GLU A 51 2.95 3.76 -8.98
C GLU A 51 3.73 2.45 -9.04
N GLY A 52 3.10 1.44 -8.47
CA GLY A 52 3.72 0.17 -8.26
C GLY A 52 4.28 0.08 -6.86
N TRP A 53 4.18 1.21 -6.19
CA TRP A 53 4.68 1.38 -4.85
C TRP A 53 3.69 2.22 -4.11
N TRP A 54 3.63 2.01 -2.83
CA TRP A 54 2.74 2.67 -1.97
C TRP A 54 3.49 3.07 -0.75
N GLU A 55 2.84 3.89 -0.02
CA GLU A 55 3.40 4.47 1.20
C GLU A 55 2.35 4.66 2.22
N GLY A 56 2.46 4.07 3.36
CA GLY A 56 1.34 4.17 4.22
C GLY A 56 1.54 3.68 5.59
N VAL A 57 0.43 3.55 6.30
CA VAL A 57 0.51 3.22 7.68
C VAL A 57 -0.22 1.94 7.98
N LEU A 58 0.37 1.20 8.88
CA LEU A 58 -0.14 -0.04 9.30
C LEU A 58 -0.26 -0.08 10.81
N ASN A 59 -1.49 -0.01 11.23
CA ASN A 59 -1.86 -0.05 12.65
C ASN A 59 -1.14 1.00 13.46
N GLY A 60 -0.79 2.04 12.79
CA GLY A 60 -0.12 3.17 13.39
C GLY A 60 1.37 3.20 13.10
N LYS A 61 1.81 2.18 12.41
CA LYS A 61 3.16 2.06 11.96
C LYS A 61 3.25 2.49 10.50
N THR A 62 3.83 3.64 10.26
CA THR A 62 3.86 4.15 8.92
C THR A 62 5.12 3.71 8.19
N GLY A 63 5.03 3.71 6.87
CA GLY A 63 6.11 3.28 6.03
C GLY A 63 5.75 3.45 4.57
N MET A 64 6.33 2.63 3.74
CA MET A 64 5.98 2.54 2.34
C MET A 64 6.63 1.34 1.74
N PHE A 65 5.91 0.68 0.86
CA PHE A 65 6.36 -0.52 0.26
C PHE A 65 6.28 -0.46 -1.24
N PRO A 66 7.11 -1.25 -1.91
CA PRO A 66 7.00 -1.46 -3.33
C PRO A 66 5.99 -2.54 -3.69
N SER A 67 4.87 -2.54 -2.96
CA SER A 67 3.79 -3.53 -3.13
C SER A 67 4.34 -4.94 -3.30
N ASN A 68 5.37 -5.17 -2.57
CA ASN A 68 6.23 -6.31 -2.77
C ASN A 68 5.66 -7.53 -2.09
N PHE A 69 5.20 -7.26 -0.91
CA PHE A 69 4.47 -8.22 -0.11
C PHE A 69 3.02 -7.82 -0.15
N ILE A 70 2.76 -6.56 -0.44
CA ILE A 70 1.46 -6.00 -0.35
C ILE A 70 0.88 -5.69 -1.71
N LYS A 71 -0.32 -6.11 -1.81
CA LYS A 71 -1.15 -5.93 -3.00
C LYS A 71 -2.39 -5.15 -2.60
N GLU A 72 -3.03 -4.52 -3.59
CA GLU A 72 -4.48 -4.32 -3.60
C GLU A 72 -4.91 -2.99 -4.21
N LEU A 73 -4.90 -2.05 -3.31
CA LEU A 73 -5.43 -0.69 -3.43
C LEU A 73 -5.02 0.14 -4.67
N SER A 74 -5.79 1.22 -4.84
CA SER A 74 -5.57 2.28 -5.83
C SER A 74 -5.92 1.88 -7.25
N GLY A 75 -6.97 2.51 -7.76
CA GLY A 75 -7.42 2.22 -9.09
C GLY A 75 -7.02 3.30 -10.07
N GLU A 76 -7.00 2.95 -11.35
CA GLU A 76 -6.68 3.91 -12.38
C GLU A 76 -7.89 4.75 -12.74
N SER A 77 -7.91 5.13 -13.99
CA SER A 77 -8.90 6.06 -14.55
C SER A 77 -8.55 7.46 -14.11
N ASP A 78 -7.28 7.78 -14.33
CA ASP A 78 -6.69 9.05 -13.94
C ASP A 78 -6.90 9.30 -12.46
N GLU A 79 -6.58 8.27 -11.70
CA GLU A 79 -6.75 8.26 -10.27
C GLU A 79 -5.48 7.82 -9.58
N LEU A 80 -4.50 7.55 -10.40
CA LEU A 80 -3.19 7.06 -9.98
C LEU A 80 -2.32 8.19 -9.51
N GLY A 81 -2.98 9.03 -8.81
CA GLY A 81 -2.36 10.20 -8.24
C GLY A 81 -2.74 11.44 -9.00
N ILE A 82 -3.25 11.20 -10.20
CA ILE A 82 -3.65 12.21 -11.12
C ILE A 82 -4.73 13.12 -10.55
N SER A 83 -4.54 14.42 -10.67
CA SER A 83 -5.47 15.40 -10.13
C SER A 83 -6.44 15.89 -11.21
N GLN A 84 -5.91 16.17 -12.40
CA GLN A 84 -6.73 16.69 -13.48
C GLN A 84 -6.99 15.62 -14.52
N THR A 10 -6.34 9.55 -16.34
CA THR A 10 -7.16 8.92 -15.29
C THR A 10 -6.32 7.99 -14.44
N ASN A 11 -5.26 8.51 -13.84
CA ASN A 11 -4.38 7.70 -13.03
C ASN A 11 -4.18 8.31 -11.65
N LYS A 12 -5.27 8.45 -10.92
CA LYS A 12 -5.20 8.71 -9.49
C LYS A 12 -4.99 7.40 -8.79
N ARG A 13 -5.73 6.38 -9.25
CA ARG A 13 -5.63 5.04 -8.72
C ARG A 13 -5.45 5.10 -7.22
N GLY A 14 -6.23 5.97 -6.66
CA GLY A 14 -6.09 6.31 -5.27
C GLY A 14 -7.22 7.16 -4.79
N GLU A 15 -7.66 6.91 -3.58
CA GLU A 15 -8.64 7.77 -2.93
C GLU A 15 -7.98 9.04 -2.41
N ARG A 16 -6.73 9.26 -2.86
CA ARG A 16 -5.96 10.45 -2.54
C ARG A 16 -5.47 10.42 -1.10
N ARG A 17 -4.25 10.90 -0.90
CA ARG A 17 -3.54 10.84 0.35
C ARG A 17 -3.40 9.41 0.87
N ARG A 18 -4.45 8.94 1.50
CA ARG A 18 -4.44 7.66 2.15
C ARG A 18 -5.30 6.65 1.39
N ARG A 19 -4.69 5.58 0.88
CA ARG A 19 -5.44 4.58 0.16
C ARG A 19 -5.12 3.20 0.69
N ARG A 20 -6.13 2.38 0.83
CA ARG A 20 -6.04 1.14 1.59
C ARG A 20 -5.83 -0.10 0.76
N CYS A 21 -4.78 -0.81 1.13
CA CYS A 21 -4.33 -2.02 0.49
C CYS A 21 -4.09 -3.12 1.50
N GLN A 22 -4.32 -4.36 1.10
CA GLN A 22 -4.05 -5.50 1.96
C GLN A 22 -2.74 -6.19 1.60
N VAL A 23 -1.91 -6.33 2.59
CA VAL A 23 -0.58 -6.83 2.37
C VAL A 23 -0.52 -8.33 2.54
N ALA A 24 0.25 -8.91 1.66
CA ALA A 24 0.66 -10.25 1.71
C ALA A 24 1.89 -10.35 2.55
N PHE A 25 2.42 -11.49 2.56
CA PHE A 25 2.77 -12.15 3.76
C PHE A 25 3.67 -11.41 4.73
N SER A 26 4.89 -11.05 4.39
CA SER A 26 5.69 -10.37 5.37
C SER A 26 6.38 -9.13 4.82
N TYR A 27 5.89 -7.96 5.13
CA TYR A 27 6.67 -6.80 4.86
C TYR A 27 7.48 -6.51 6.11
N LEU A 28 8.69 -6.98 6.02
CA LEU A 28 9.78 -6.90 7.03
C LEU A 28 10.71 -5.65 7.06
N PRO A 29 10.45 -4.62 6.28
CA PRO A 29 11.47 -3.77 5.62
C PRO A 29 12.12 -2.71 6.45
N GLN A 30 12.08 -2.79 7.74
CA GLN A 30 12.21 -1.56 8.47
C GLN A 30 13.65 -1.16 8.63
N ASN A 31 13.98 -0.06 8.01
CA ASN A 31 15.20 0.67 8.26
C ASN A 31 14.92 2.07 8.79
N ASP A 32 13.96 2.71 8.13
CA ASP A 32 13.72 4.14 8.26
C ASP A 32 12.54 4.44 9.13
N ASP A 33 12.18 3.42 9.84
CA ASP A 33 11.00 3.41 10.67
C ASP A 33 9.79 3.36 9.78
N GLU A 34 9.69 2.22 9.16
CA GLU A 34 8.65 1.89 8.22
C GLU A 34 7.78 0.83 8.84
N LEU A 35 6.81 0.39 8.08
CA LEU A 35 5.81 -0.46 8.58
C LEU A 35 6.11 -1.90 8.27
N GLU A 36 5.72 -2.75 9.18
CA GLU A 36 5.90 -4.14 9.04
C GLU A 36 4.55 -4.81 8.98
N LEU A 37 4.35 -5.44 7.88
CA LEU A 37 3.11 -6.10 7.57
C LEU A 37 3.33 -7.61 7.67
N LYS A 38 2.91 -8.16 8.80
CA LYS A 38 3.49 -9.42 9.30
C LYS A 38 3.04 -10.67 8.57
N VAL A 39 1.72 -10.89 8.44
CA VAL A 39 1.22 -12.01 7.67
C VAL A 39 0.16 -11.64 6.64
N GLY A 40 -0.38 -10.46 6.73
CA GLY A 40 -1.56 -10.13 5.97
C GLY A 40 -2.34 -9.03 6.62
N ASP A 41 -1.76 -7.89 6.49
CA ASP A 41 -2.18 -6.67 7.13
C ASP A 41 -2.95 -5.79 6.17
N ILE A 42 -3.74 -4.90 6.69
CA ILE A 42 -4.35 -3.91 5.84
C ILE A 42 -3.76 -2.54 6.11
N ILE A 43 -3.39 -1.93 5.01
CA ILE A 43 -2.69 -0.72 4.96
C ILE A 43 -3.61 0.26 4.32
N GLU A 44 -3.31 1.45 4.56
CA GLU A 44 -3.93 2.58 3.89
C GLU A 44 -2.86 3.58 3.68
N VAL A 45 -2.20 3.55 2.55
CA VAL A 45 -0.99 4.20 2.54
C VAL A 45 -1.02 5.56 1.90
N VAL A 46 -0.65 5.54 0.69
CA VAL A 46 -0.59 6.67 -0.15
C VAL A 46 -1.30 6.36 -1.43
N GLY A 47 -1.49 5.09 -1.54
CA GLY A 47 -1.98 4.51 -2.74
C GLY A 47 -0.98 4.55 -3.86
N GLU A 48 -1.51 4.47 -5.04
CA GLU A 48 -0.76 4.35 -6.30
C GLU A 48 0.18 5.49 -6.59
N VAL A 49 0.31 6.38 -5.66
CA VAL A 49 1.10 7.59 -5.86
C VAL A 49 2.53 7.24 -6.19
N GLU A 50 2.93 6.09 -5.69
CA GLU A 50 4.27 5.58 -5.94
C GLU A 50 4.26 4.60 -7.08
N GLU A 51 3.35 4.87 -7.96
CA GLU A 51 2.96 4.03 -9.07
C GLU A 51 3.61 2.66 -9.10
N GLY A 52 2.90 1.69 -8.56
CA GLY A 52 3.39 0.36 -8.37
C GLY A 52 3.96 0.19 -6.99
N TRP A 53 4.07 1.32 -6.33
CA TRP A 53 4.58 1.41 -4.97
C TRP A 53 3.62 2.24 -4.17
N TRP A 54 3.60 2.01 -2.88
CA TRP A 54 2.74 2.67 -1.98
C TRP A 54 3.51 3.06 -0.77
N GLU A 55 2.88 3.87 -0.02
CA GLU A 55 3.46 4.46 1.18
C GLU A 55 2.42 4.66 2.21
N GLY A 56 2.53 4.07 3.36
CA GLY A 56 1.40 4.16 4.21
C GLY A 56 1.57 3.68 5.60
N VAL A 57 0.45 3.53 6.27
CA VAL A 57 0.49 3.21 7.66
C VAL A 57 -0.24 1.91 7.95
N LEU A 58 0.34 1.17 8.86
CA LEU A 58 -0.15 -0.08 9.25
C LEU A 58 -0.29 -0.14 10.75
N ASN A 59 -1.52 -0.13 11.16
CA ASN A 59 -1.89 -0.21 12.59
C ASN A 59 -1.29 0.91 13.40
N GLY A 60 -0.92 1.93 12.68
CA GLY A 60 -0.32 3.10 13.27
C GLY A 60 1.16 3.20 12.97
N LYS A 61 1.67 2.16 12.38
CA LYS A 61 3.04 2.08 11.98
C LYS A 61 3.17 2.52 10.53
N THR A 62 3.78 3.65 10.30
CA THR A 62 3.84 4.18 8.97
C THR A 62 5.10 3.73 8.25
N GLY A 63 5.01 3.70 6.94
CA GLY A 63 6.09 3.27 6.09
C GLY A 63 5.75 3.49 4.65
N MET A 64 6.27 2.64 3.81
CA MET A 64 5.90 2.55 2.42
C MET A 64 6.53 1.31 1.86
N PHE A 65 5.90 0.71 0.87
CA PHE A 65 6.40 -0.48 0.28
C PHE A 65 6.35 -0.41 -1.22
N PRO A 66 7.14 -1.24 -1.87
CA PRO A 66 7.01 -1.47 -3.29
C PRO A 66 5.95 -2.52 -3.60
N SER A 67 4.89 -2.52 -2.80
CA SER A 67 3.76 -3.44 -3.01
C SER A 67 4.26 -4.86 -3.23
N ASN A 68 5.32 -5.14 -2.55
CA ASN A 68 6.12 -6.31 -2.82
C ASN A 68 5.54 -7.51 -2.14
N PHE A 69 5.20 -7.28 -0.91
CA PHE A 69 4.47 -8.22 -0.11
C PHE A 69 3.02 -7.80 -0.13
N ILE A 70 2.76 -6.55 -0.46
CA ILE A 70 1.45 -6.00 -0.36
C ILE A 70 0.83 -5.74 -1.69
N LYS A 71 -0.37 -6.18 -1.71
CA LYS A 71 -1.25 -6.12 -2.86
C LYS A 71 -2.48 -5.33 -2.47
N GLU A 72 -3.20 -4.86 -3.48
CA GLU A 72 -4.65 -4.72 -3.42
C GLU A 72 -5.15 -3.51 -4.16
N LEU A 73 -5.14 -2.47 -3.39
CA LEU A 73 -5.72 -1.18 -3.67
C LEU A 73 -5.34 -0.57 -4.98
N SER A 74 -6.10 0.48 -5.28
CA SER A 74 -5.79 1.44 -6.30
C SER A 74 -7.01 2.31 -6.56
N GLY A 75 -7.28 3.29 -5.67
CA GLY A 75 -8.50 4.06 -5.79
C GLY A 75 -9.70 3.17 -5.60
N GLU A 76 -10.83 3.52 -6.19
CA GLU A 76 -11.92 2.58 -6.27
C GLU A 76 -11.66 1.59 -7.38
N SER A 77 -12.41 1.72 -8.47
CA SER A 77 -12.20 0.95 -9.69
C SER A 77 -12.16 -0.54 -9.41
N ASP A 78 -13.07 -0.93 -8.54
CA ASP A 78 -13.19 -2.30 -8.04
C ASP A 78 -11.87 -2.86 -7.58
N GLU A 79 -11.12 -2.01 -6.94
CA GLU A 79 -9.81 -2.34 -6.41
C GLU A 79 -9.73 -2.04 -4.94
N LEU A 80 -10.84 -1.56 -4.45
CA LEU A 80 -11.03 -1.28 -3.03
C LEU A 80 -10.97 -2.54 -2.22
N GLY A 81 -11.19 -3.61 -2.91
CA GLY A 81 -11.04 -4.90 -2.30
C GLY A 81 -11.62 -5.97 -3.19
N ILE A 82 -12.53 -5.53 -4.07
CA ILE A 82 -13.14 -6.34 -5.07
C ILE A 82 -12.15 -7.21 -5.83
N SER A 83 -11.16 -6.56 -6.43
CA SER A 83 -10.08 -7.19 -7.21
C SER A 83 -10.61 -7.92 -8.45
N GLN A 84 -11.26 -9.05 -8.26
CA GLN A 84 -11.74 -9.85 -9.37
C GLN A 84 -13.27 -9.88 -9.39
N THR A 10 -14.83 -1.33 -4.19
CA THR A 10 -14.10 -0.19 -4.79
C THR A 10 -12.63 -0.25 -4.40
N ASN A 11 -11.75 -0.34 -5.38
CA ASN A 11 -10.33 -0.47 -5.08
C ASN A 11 -9.50 0.45 -5.96
N LYS A 12 -9.67 0.34 -7.26
CA LYS A 12 -8.88 1.12 -8.22
C LYS A 12 -9.43 2.53 -8.36
N ARG A 13 -10.56 2.74 -7.74
CA ARG A 13 -11.11 4.06 -7.60
C ARG A 13 -10.93 4.50 -6.17
N GLY A 14 -9.69 4.35 -5.73
CA GLY A 14 -9.33 4.57 -4.35
C GLY A 14 -9.32 6.02 -3.92
N GLU A 15 -8.37 6.38 -3.06
CA GLU A 15 -8.49 7.63 -2.32
C GLU A 15 -7.48 8.69 -2.74
N ARG A 16 -6.54 8.35 -3.62
CA ARG A 16 -5.51 9.27 -4.07
C ARG A 16 -4.48 9.59 -2.99
N ARG A 17 -4.92 10.19 -1.89
CA ARG A 17 -4.02 10.55 -0.81
C ARG A 17 -3.64 9.33 0.02
N ARG A 18 -4.51 8.95 0.92
CA ARG A 18 -4.32 7.77 1.71
C ARG A 18 -5.26 6.68 1.24
N ARG A 19 -4.72 5.59 0.72
CA ARG A 19 -5.54 4.54 0.14
C ARG A 19 -5.16 3.19 0.70
N ARG A 20 -6.17 2.38 0.93
CA ARG A 20 -6.01 1.16 1.68
C ARG A 20 -5.79 -0.06 0.81
N CYS A 21 -4.72 -0.75 1.14
CA CYS A 21 -4.27 -1.94 0.46
C CYS A 21 -4.07 -3.08 1.45
N GLN A 22 -4.18 -4.31 0.99
CA GLN A 22 -3.92 -5.44 1.84
C GLN A 22 -2.57 -6.02 1.59
N VAL A 23 -1.87 -6.33 2.64
CA VAL A 23 -0.55 -6.87 2.48
C VAL A 23 -0.50 -8.36 2.74
N ALA A 24 0.29 -8.99 1.91
CA ALA A 24 0.67 -10.35 1.99
C ALA A 24 1.96 -10.43 2.76
N PHE A 25 2.52 -11.58 2.74
CA PHE A 25 2.95 -12.24 3.93
C PHE A 25 3.89 -11.46 4.83
N SER A 26 5.07 -11.08 4.43
CA SER A 26 5.92 -10.37 5.35
C SER A 26 6.55 -9.12 4.79
N TYR A 27 6.07 -7.98 5.16
CA TYR A 27 6.82 -6.79 4.88
C TYR A 27 7.73 -6.51 6.06
N LEU A 28 8.95 -6.86 5.82
CA LEU A 28 10.13 -6.80 6.73
C LEU A 28 10.96 -5.47 6.85
N PRO A 29 10.55 -4.35 6.28
CA PRO A 29 11.39 -3.20 5.85
C PRO A 29 11.65 -2.21 6.96
N GLN A 30 11.81 -2.70 8.15
CA GLN A 30 11.18 -2.21 9.33
C GLN A 30 11.72 -0.92 9.91
N ASN A 31 11.13 -0.61 11.08
CA ASN A 31 10.72 0.73 11.56
C ASN A 31 11.77 1.81 11.47
N ASP A 32 12.98 1.44 11.27
CA ASP A 32 14.01 2.40 10.95
C ASP A 32 13.67 3.06 9.64
N ASP A 33 12.88 2.34 8.87
CA ASP A 33 12.34 2.82 7.64
C ASP A 33 10.82 2.77 7.61
N GLU A 34 10.27 1.57 7.61
CA GLU A 34 8.91 1.35 7.21
C GLU A 34 8.11 0.53 8.24
N LEU A 35 6.84 0.36 7.88
CA LEU A 35 5.85 -0.42 8.59
C LEU A 35 6.12 -1.90 8.34
N GLU A 36 5.64 -2.72 9.24
CA GLU A 36 5.80 -4.13 9.14
C GLU A 36 4.48 -4.80 9.05
N LEU A 37 4.33 -5.47 7.96
CA LEU A 37 3.11 -6.16 7.62
C LEU A 37 3.35 -7.67 7.74
N LYS A 38 2.89 -8.24 8.85
CA LYS A 38 3.45 -9.50 9.35
C LYS A 38 3.01 -10.75 8.60
N VAL A 39 1.70 -10.97 8.40
CA VAL A 39 1.24 -12.01 7.49
C VAL A 39 0.19 -11.54 6.48
N GLY A 40 -0.40 -10.41 6.75
CA GLY A 40 -1.63 -10.08 6.05
C GLY A 40 -2.37 -8.96 6.71
N ASP A 41 -1.77 -7.84 6.57
CA ASP A 41 -2.19 -6.60 7.18
C ASP A 41 -2.96 -5.76 6.18
N ILE A 42 -3.77 -4.85 6.64
CA ILE A 42 -4.29 -3.88 5.73
C ILE A 42 -3.69 -2.52 6.04
N ILE A 43 -3.36 -1.88 4.98
CA ILE A 43 -2.65 -0.66 4.95
C ILE A 43 -3.59 0.33 4.34
N GLU A 44 -3.28 1.53 4.58
CA GLU A 44 -3.91 2.66 3.93
C GLU A 44 -2.82 3.64 3.66
N VAL A 45 -2.19 3.58 2.51
CA VAL A 45 -0.97 4.22 2.45
C VAL A 45 -1.02 5.58 1.81
N VAL A 46 -0.65 5.56 0.60
CA VAL A 46 -0.67 6.69 -0.23
C VAL A 46 -1.34 6.33 -1.50
N GLY A 47 -1.47 5.05 -1.59
CA GLY A 47 -1.92 4.46 -2.79
C GLY A 47 -0.89 4.45 -3.87
N GLU A 48 -1.39 4.31 -5.05
CA GLU A 48 -0.63 4.13 -6.31
C GLU A 48 0.29 5.29 -6.63
N VAL A 49 0.33 6.22 -5.73
CA VAL A 49 1.08 7.45 -5.94
C VAL A 49 2.53 7.15 -6.25
N GLU A 50 2.98 6.06 -5.71
CA GLU A 50 4.36 5.62 -5.92
C GLU A 50 4.46 4.68 -7.07
N GLU A 51 3.59 4.96 -8.01
CA GLU A 51 3.31 4.17 -9.19
C GLU A 51 3.92 2.76 -9.16
N GLY A 52 3.14 1.85 -8.62
CA GLY A 52 3.58 0.50 -8.40
C GLY A 52 4.07 0.32 -6.98
N TRP A 53 4.12 1.43 -6.29
CA TRP A 53 4.60 1.49 -4.93
C TRP A 53 3.64 2.33 -4.13
N TRP A 54 3.57 2.05 -2.86
CA TRP A 54 2.70 2.67 -1.97
C TRP A 54 3.43 2.97 -0.70
N GLU A 55 2.86 3.84 0.04
CA GLU A 55 3.48 4.38 1.24
C GLU A 55 2.44 4.62 2.27
N GLY A 56 2.52 4.05 3.42
CA GLY A 56 1.40 4.16 4.25
C GLY A 56 1.55 3.69 5.63
N VAL A 57 0.43 3.62 6.30
CA VAL A 57 0.44 3.28 7.68
C VAL A 57 -0.32 2.02 7.93
N LEU A 58 0.22 1.22 8.81
CA LEU A 58 -0.40 0.04 9.20
C LEU A 58 -0.58 0.02 10.69
N ASN A 59 -1.81 0.23 11.04
CA ASN A 59 -2.25 0.18 12.43
C ASN A 59 -1.46 1.10 13.33
N GLY A 60 -0.96 2.12 12.71
CA GLY A 60 -0.22 3.14 13.40
C GLY A 60 1.25 3.09 13.10
N LYS A 61 1.62 2.07 12.38
CA LYS A 61 2.97 1.88 11.93
C LYS A 61 3.10 2.38 10.52
N THR A 62 3.71 3.53 10.33
CA THR A 62 3.78 4.09 9.01
C THR A 62 5.05 3.64 8.29
N GLY A 63 4.97 3.64 6.99
CA GLY A 63 6.02 3.17 6.15
C GLY A 63 5.69 3.38 4.69
N MET A 64 6.23 2.50 3.89
CA MET A 64 5.96 2.43 2.47
C MET A 64 6.47 1.13 1.98
N PHE A 65 5.87 0.63 0.91
CA PHE A 65 6.28 -0.59 0.28
C PHE A 65 6.20 -0.51 -1.23
N PRO A 66 7.03 -1.28 -1.90
CA PRO A 66 6.91 -1.49 -3.35
C PRO A 66 5.93 -2.59 -3.68
N SER A 67 4.80 -2.58 -2.98
CA SER A 67 3.71 -3.56 -3.17
C SER A 67 4.24 -4.97 -3.32
N ASN A 68 5.30 -5.22 -2.62
CA ASN A 68 6.09 -6.41 -2.84
C ASN A 68 5.50 -7.59 -2.12
N PHE A 69 5.08 -7.31 -0.92
CA PHE A 69 4.38 -8.26 -0.09
C PHE A 69 2.93 -7.85 -0.05
N ILE A 70 2.65 -6.64 -0.48
CA ILE A 70 1.36 -6.04 -0.36
C ILE A 70 0.80 -5.70 -1.71
N LYS A 71 -0.30 -6.31 -1.96
CA LYS A 71 -1.08 -6.08 -3.17
C LYS A 71 -2.49 -5.68 -2.80
N GLU A 72 -3.05 -4.69 -3.49
CA GLU A 72 -4.49 -4.48 -3.48
C GLU A 72 -4.90 -3.25 -4.26
N LEU A 73 -4.85 -2.21 -3.48
CA LEU A 73 -5.36 -0.88 -3.77
C LEU A 73 -4.81 -0.23 -5.03
N SER A 74 -5.45 0.88 -5.39
CA SER A 74 -4.88 1.86 -6.25
C SER A 74 -5.82 3.05 -6.47
N GLY A 75 -5.86 4.01 -5.54
CA GLY A 75 -6.56 5.25 -5.79
C GLY A 75 -5.87 6.10 -6.84
N GLU A 76 -5.94 5.64 -8.08
CA GLU A 76 -5.39 6.35 -9.20
C GLU A 76 -6.44 6.58 -10.26
N SER A 77 -5.96 6.82 -11.44
CA SER A 77 -6.80 6.94 -12.59
C SER A 77 -6.55 5.77 -13.52
N ASP A 78 -6.13 4.69 -12.89
CA ASP A 78 -5.68 3.47 -13.55
C ASP A 78 -4.85 3.78 -14.77
N GLU A 79 -3.92 4.68 -14.61
CA GLU A 79 -3.19 5.22 -15.72
C GLU A 79 -1.74 4.83 -15.72
N LEU A 80 -1.36 4.15 -14.69
CA LEU A 80 0.03 3.73 -14.50
C LEU A 80 0.28 2.41 -15.16
N GLY A 81 -0.31 2.32 -16.28
CA GLY A 81 -0.22 1.14 -17.10
C GLY A 81 -1.06 0.02 -16.52
N ILE A 82 -1.92 0.44 -15.61
CA ILE A 82 -2.78 -0.44 -14.86
C ILE A 82 -3.74 -1.24 -15.74
N SER A 83 -4.37 -0.57 -16.69
CA SER A 83 -5.32 -1.22 -17.57
C SER A 83 -5.14 -0.75 -19.02
N GLN A 84 -4.23 -1.39 -19.73
CA GLN A 84 -3.96 -1.06 -21.12
C GLN A 84 -4.58 -2.11 -22.04
N THR A 10 -5.09 8.08 -16.47
CA THR A 10 -5.10 8.45 -15.05
C THR A 10 -5.78 7.39 -14.21
N ASN A 11 -4.97 6.53 -13.60
CA ASN A 11 -5.48 5.47 -12.74
C ASN A 11 -5.31 5.86 -11.27
N LYS A 12 -4.78 7.07 -11.07
CA LYS A 12 -4.54 7.58 -9.73
C LYS A 12 -5.83 8.02 -9.09
N ARG A 13 -6.89 7.93 -9.88
CA ARG A 13 -8.24 8.29 -9.50
C ARG A 13 -8.81 7.28 -8.51
N GLY A 14 -7.99 6.96 -7.57
CA GLY A 14 -8.36 6.09 -6.48
C GLY A 14 -8.81 6.87 -5.28
N GLU A 15 -8.61 6.32 -4.09
CA GLU A 15 -9.07 6.97 -2.87
C GLU A 15 -8.15 8.15 -2.50
N ARG A 16 -6.90 8.07 -2.97
CA ARG A 16 -5.90 9.13 -2.77
C ARG A 16 -5.53 9.30 -1.30
N ARG A 17 -4.56 10.19 -1.05
CA ARG A 17 -3.97 10.39 0.27
C ARG A 17 -3.75 9.08 1.02
N ARG A 18 -4.71 8.69 1.83
CA ARG A 18 -4.70 7.39 2.45
C ARG A 18 -5.57 6.43 1.65
N ARG A 19 -4.97 5.38 1.09
CA ARG A 19 -5.75 4.36 0.45
C ARG A 19 -5.33 3.00 0.97
N ARG A 20 -6.30 2.17 1.20
CA ARG A 20 -6.08 0.95 1.95
C ARG A 20 -5.87 -0.26 1.05
N CYS A 21 -4.73 -0.90 1.29
CA CYS A 21 -4.28 -2.06 0.57
C CYS A 21 -4.02 -3.23 1.50
N GLN A 22 -4.09 -4.45 0.99
CA GLN A 22 -3.79 -5.58 1.83
C GLN A 22 -2.42 -6.16 1.54
N VAL A 23 -1.70 -6.45 2.57
CA VAL A 23 -0.33 -6.86 2.44
C VAL A 23 -0.05 -8.29 2.84
N ALA A 24 0.20 -9.15 1.89
CA ALA A 24 0.65 -10.45 2.25
C ALA A 24 1.98 -10.87 1.66
N PHE A 25 3.04 -10.95 2.44
CA PHE A 25 3.47 -12.21 3.01
C PHE A 25 3.97 -11.97 4.43
N SER A 26 5.08 -11.25 4.50
CA SER A 26 5.50 -10.38 5.57
C SER A 26 6.04 -9.10 4.93
N TYR A 27 5.77 -7.92 5.44
CA TYR A 27 6.58 -6.80 5.06
C TYR A 27 7.44 -6.45 6.26
N LEU A 28 8.65 -6.94 6.14
CA LEU A 28 9.76 -6.87 7.12
C LEU A 28 10.68 -5.60 7.14
N PRO A 29 10.42 -4.56 6.36
CA PRO A 29 11.42 -3.69 5.69
C PRO A 29 12.02 -2.62 6.53
N GLN A 30 11.93 -2.75 7.81
CA GLN A 30 12.23 -1.62 8.62
C GLN A 30 13.71 -1.57 8.94
N ASN A 31 14.32 -0.52 8.47
CA ASN A 31 15.62 -0.12 8.95
C ASN A 31 15.57 1.23 9.64
N ASP A 32 14.88 2.15 8.99
CA ASP A 32 14.87 3.55 9.42
C ASP A 32 13.62 3.93 10.17
N ASP A 33 12.53 3.35 9.71
CA ASP A 33 11.20 3.60 10.20
C ASP A 33 10.18 3.28 9.12
N GLU A 34 9.98 2.01 8.93
CA GLU A 34 9.00 1.50 8.01
C GLU A 34 7.93 0.75 8.78
N LEU A 35 6.93 0.29 8.09
CA LEU A 35 5.90 -0.48 8.65
C LEU A 35 6.17 -1.95 8.40
N GLU A 36 5.62 -2.77 9.26
CA GLU A 36 5.76 -4.19 9.18
C GLU A 36 4.41 -4.82 9.07
N LEU A 37 4.24 -5.44 7.98
CA LEU A 37 2.98 -6.06 7.62
C LEU A 37 3.12 -7.57 7.71
N LYS A 38 2.63 -8.15 8.80
CA LYS A 38 3.19 -9.41 9.29
C LYS A 38 2.86 -10.62 8.41
N VAL A 39 1.58 -10.93 8.19
CA VAL A 39 1.24 -11.98 7.27
C VAL A 39 0.20 -11.56 6.23
N GLY A 40 -0.41 -10.44 6.46
CA GLY A 40 -1.60 -10.09 5.72
C GLY A 40 -2.37 -9.01 6.40
N ASP A 41 -1.75 -7.90 6.37
CA ASP A 41 -2.21 -6.69 7.04
C ASP A 41 -2.95 -5.81 6.06
N ILE A 42 -3.79 -4.94 6.54
CA ILE A 42 -4.33 -3.93 5.67
C ILE A 42 -3.73 -2.58 6.01
N ILE A 43 -3.27 -1.96 4.97
CA ILE A 43 -2.59 -0.74 4.98
C ILE A 43 -3.53 0.25 4.41
N GLU A 44 -3.24 1.44 4.68
CA GLU A 44 -3.89 2.58 4.07
C GLU A 44 -2.82 3.56 3.77
N VAL A 45 -2.21 3.51 2.61
CA VAL A 45 -1.02 4.17 2.53
C VAL A 45 -1.10 5.52 1.89
N VAL A 46 -0.76 5.53 0.67
CA VAL A 46 -0.81 6.68 -0.13
C VAL A 46 -1.48 6.36 -1.42
N GLY A 47 -1.54 5.08 -1.59
CA GLY A 47 -2.00 4.52 -2.81
C GLY A 47 -0.98 4.59 -3.91
N GLU A 48 -1.50 4.53 -5.10
CA GLU A 48 -0.74 4.46 -6.36
C GLU A 48 0.19 5.64 -6.59
N VAL A 49 0.30 6.48 -5.61
CA VAL A 49 1.07 7.70 -5.74
C VAL A 49 2.52 7.35 -6.07
N GLU A 50 2.90 6.18 -5.64
CA GLU A 50 4.22 5.63 -5.95
C GLU A 50 4.14 4.65 -7.07
N GLU A 51 3.22 4.94 -7.94
CA GLU A 51 2.75 4.09 -9.02
C GLU A 51 3.44 2.74 -9.12
N GLY A 52 2.76 1.74 -8.59
CA GLY A 52 3.31 0.42 -8.43
C GLY A 52 3.88 0.23 -7.06
N TRP A 53 3.93 1.35 -6.35
CA TRP A 53 4.49 1.43 -5.03
C TRP A 53 3.56 2.28 -4.21
N TRP A 54 3.56 2.03 -2.92
CA TRP A 54 2.70 2.68 -2.01
C TRP A 54 3.49 3.04 -0.79
N GLU A 55 2.90 3.88 -0.06
CA GLU A 55 3.50 4.44 1.14
C GLU A 55 2.45 4.64 2.16
N GLY A 56 2.58 4.07 3.31
CA GLY A 56 1.46 4.17 4.17
C GLY A 56 1.65 3.66 5.53
N VAL A 57 0.55 3.52 6.22
CA VAL A 57 0.59 3.20 7.59
C VAL A 57 -0.15 1.93 7.90
N LEU A 58 0.40 1.20 8.83
CA LEU A 58 -0.12 -0.03 9.23
C LEU A 58 -0.28 -0.05 10.73
N ASN A 59 -1.51 -0.01 11.12
CA ASN A 59 -1.90 -0.05 12.54
C ASN A 59 -1.19 1.02 13.35
N GLY A 60 -0.90 2.08 12.66
CA GLY A 60 -0.25 3.22 13.26
C GLY A 60 1.22 3.29 12.97
N LYS A 61 1.71 2.25 12.34
CA LYS A 61 3.09 2.16 11.93
C LYS A 61 3.22 2.57 10.48
N THR A 62 3.80 3.71 10.24
CA THR A 62 3.87 4.22 8.89
C THR A 62 5.15 3.75 8.19
N GLY A 63 5.07 3.73 6.87
CA GLY A 63 6.15 3.28 6.04
C GLY A 63 5.82 3.47 4.59
N MET A 64 6.38 2.61 3.78
CA MET A 64 6.11 2.55 2.36
C MET A 64 6.68 1.28 1.82
N PHE A 65 5.97 0.70 0.89
CA PHE A 65 6.39 -0.53 0.26
C PHE A 65 6.29 -0.45 -1.24
N PRO A 66 7.09 -1.26 -1.91
CA PRO A 66 6.97 -1.47 -3.34
C PRO A 66 5.91 -2.50 -3.69
N SER A 67 4.84 -2.52 -2.91
CA SER A 67 3.74 -3.46 -3.11
C SER A 67 4.26 -4.87 -3.30
N ASN A 68 5.35 -5.10 -2.64
CA ASN A 68 6.15 -6.28 -2.87
C ASN A 68 5.57 -7.44 -2.15
N PHE A 69 5.17 -7.16 -0.95
CA PHE A 69 4.48 -8.09 -0.12
C PHE A 69 3.05 -7.64 0.04
N ILE A 70 2.72 -6.51 -0.55
CA ILE A 70 1.45 -5.92 -0.40
C ILE A 70 0.82 -5.60 -1.72
N LYS A 71 -0.27 -6.24 -1.89
CA LYS A 71 -1.06 -6.18 -3.09
C LYS A 71 -2.49 -5.78 -2.75
N GLU A 72 -2.99 -4.69 -3.35
CA GLU A 72 -4.42 -4.42 -3.36
C GLU A 72 -4.81 -3.12 -4.04
N LEU A 73 -4.77 -2.16 -3.18
CA LEU A 73 -5.49 -0.90 -3.23
C LEU A 73 -5.49 -0.07 -4.48
N SER A 74 -6.60 0.63 -4.53
CA SER A 74 -6.82 1.89 -5.21
C SER A 74 -7.15 1.75 -6.67
N GLY A 75 -7.52 2.87 -7.26
CA GLY A 75 -7.92 2.90 -8.64
C GLY A 75 -9.34 2.48 -8.77
N GLU A 76 -9.69 1.82 -9.85
CA GLU A 76 -11.03 1.31 -9.98
C GLU A 76 -11.12 -0.08 -9.41
N SER A 77 -12.06 -0.81 -9.94
CA SER A 77 -12.48 -2.09 -9.36
C SER A 77 -13.11 -1.78 -8.03
N ASP A 78 -13.83 -0.68 -8.06
CA ASP A 78 -14.43 -0.06 -6.90
C ASP A 78 -13.45 0.10 -5.75
N GLU A 79 -12.48 0.96 -5.98
CA GLU A 79 -11.58 1.40 -4.94
C GLU A 79 -11.32 2.90 -5.05
N LEU A 80 -12.02 3.47 -6.00
CA LEU A 80 -12.11 4.90 -6.26
C LEU A 80 -12.29 5.69 -5.01
N GLY A 81 -13.01 5.13 -4.14
CA GLY A 81 -13.15 5.70 -2.85
C GLY A 81 -14.12 4.91 -2.02
N ILE A 82 -14.06 3.60 -2.20
CA ILE A 82 -15.00 2.71 -1.64
C ILE A 82 -14.69 2.37 -0.19
N SER A 83 -15.66 2.56 0.69
CA SER A 83 -15.50 2.26 2.10
C SER A 83 -15.58 0.75 2.33
N GLN A 84 -14.60 0.22 3.04
CA GLN A 84 -14.51 -1.21 3.26
C GLN A 84 -15.11 -1.57 4.62
N THR A 10 -10.29 -4.98 -2.24
CA THR A 10 -10.05 -3.56 -1.93
C THR A 10 -8.97 -3.01 -2.88
N ASN A 11 -9.38 -2.63 -4.09
CA ASN A 11 -8.43 -2.44 -5.18
C ASN A 11 -8.36 -0.99 -5.74
N LYS A 12 -8.52 -0.89 -7.06
CA LYS A 12 -8.23 0.32 -7.83
C LYS A 12 -9.36 1.35 -7.81
N ARG A 13 -10.45 1.04 -7.11
CA ARG A 13 -11.66 1.87 -7.08
C ARG A 13 -11.36 3.36 -7.17
N GLY A 14 -10.48 3.83 -6.31
CA GLY A 14 -10.00 5.20 -6.40
C GLY A 14 -10.21 6.00 -5.13
N GLU A 15 -9.30 5.84 -4.17
CA GLU A 15 -9.45 6.49 -2.88
C GLU A 15 -8.41 7.58 -2.66
N ARG A 16 -7.71 7.95 -3.75
CA ARG A 16 -6.68 9.00 -3.74
C ARG A 16 -5.67 8.81 -2.60
N ARG A 17 -5.16 9.94 -2.07
CA ARG A 17 -4.11 10.00 -1.07
C ARG A 17 -3.99 8.77 -0.20
N ARG A 18 -4.61 8.77 0.96
CA ARG A 18 -4.60 7.58 1.80
C ARG A 18 -5.49 6.53 1.17
N ARG A 19 -4.88 5.44 0.74
CA ARG A 19 -5.61 4.40 0.11
C ARG A 19 -5.25 3.08 0.74
N ARG A 20 -6.24 2.27 0.98
CA ARG A 20 -6.08 1.09 1.80
C ARG A 20 -5.87 -0.18 0.99
N CYS A 21 -4.79 -0.85 1.33
CA CYS A 21 -4.36 -2.06 0.67
C CYS A 21 -4.15 -3.18 1.66
N GLN A 22 -4.34 -4.39 1.20
CA GLN A 22 -4.06 -5.56 2.01
C GLN A 22 -2.75 -6.23 1.64
N VAL A 23 -1.90 -6.33 2.61
CA VAL A 23 -0.58 -6.84 2.38
C VAL A 23 -0.52 -8.34 2.56
N ALA A 24 0.30 -8.93 1.72
CA ALA A 24 0.69 -10.28 1.79
C ALA A 24 1.92 -10.39 2.63
N PHE A 25 2.47 -11.53 2.65
CA PHE A 25 2.86 -12.18 3.85
C PHE A 25 3.78 -11.41 4.78
N SER A 26 4.97 -11.05 4.40
CA SER A 26 5.82 -10.34 5.33
C SER A 26 6.47 -9.11 4.76
N TYR A 27 6.02 -7.96 5.13
CA TYR A 27 6.80 -6.79 4.88
C TYR A 27 7.67 -6.54 6.11
N LEU A 28 8.91 -6.93 5.90
CA LEU A 28 10.04 -6.89 6.86
C LEU A 28 10.89 -5.58 7.03
N PRO A 29 10.52 -4.44 6.40
CA PRO A 29 11.42 -3.31 6.04
C PRO A 29 11.66 -2.34 7.18
N GLN A 30 11.76 -2.89 8.35
CA GLN A 30 11.14 -2.38 9.54
C GLN A 30 11.82 -1.17 10.17
N ASN A 31 11.30 -0.85 11.36
CA ASN A 31 11.08 0.49 11.94
C ASN A 31 12.25 1.44 11.87
N ASP A 32 13.39 0.91 11.57
CA ASP A 32 14.51 1.74 11.20
C ASP A 32 14.21 2.47 9.90
N ASP A 33 13.06 2.14 9.32
CA ASP A 33 12.51 2.84 8.19
C ASP A 33 10.98 2.77 8.08
N GLU A 34 10.43 1.56 8.01
CA GLU A 34 9.07 1.37 7.53
C GLU A 34 8.21 0.47 8.43
N LEU A 35 6.96 0.33 8.02
CA LEU A 35 5.95 -0.45 8.64
C LEU A 35 6.19 -1.93 8.39
N GLU A 36 5.68 -2.76 9.25
CA GLU A 36 5.79 -4.17 9.14
C GLU A 36 4.44 -4.79 9.00
N LEU A 37 4.30 -5.45 7.91
CA LEU A 37 3.07 -6.12 7.56
C LEU A 37 3.28 -7.63 7.67
N LYS A 38 2.81 -8.20 8.79
CA LYS A 38 3.34 -9.47 9.30
C LYS A 38 2.89 -10.72 8.57
N VAL A 39 1.58 -10.92 8.40
CA VAL A 39 1.09 -12.04 7.61
C VAL A 39 0.07 -11.65 6.55
N GLY A 40 -0.45 -10.45 6.65
CA GLY A 40 -1.62 -10.10 5.89
C GLY A 40 -2.39 -9.00 6.53
N ASP A 41 -1.78 -7.88 6.45
CA ASP A 41 -2.17 -6.67 7.13
C ASP A 41 -2.92 -5.75 6.19
N ILE A 42 -3.72 -4.86 6.72
CA ILE A 42 -4.30 -3.86 5.88
C ILE A 42 -3.70 -2.50 6.16
N ILE A 43 -3.34 -1.88 5.07
CA ILE A 43 -2.65 -0.66 5.01
C ILE A 43 -3.59 0.30 4.40
N GLU A 44 -3.27 1.51 4.57
CA GLU A 44 -3.90 2.61 3.90
C GLU A 44 -2.84 3.61 3.65
N VAL A 45 -2.20 3.56 2.51
CA VAL A 45 -1.01 4.24 2.46
C VAL A 45 -1.07 5.59 1.79
N VAL A 46 -0.64 5.55 0.59
CA VAL A 46 -0.55 6.70 -0.24
C VAL A 46 -1.15 6.39 -1.56
N GLY A 47 -1.34 5.13 -1.69
CA GLY A 47 -1.78 4.57 -2.91
C GLY A 47 -0.72 4.61 -3.97
N GLU A 48 -1.20 4.55 -5.17
CA GLU A 48 -0.42 4.39 -6.39
C GLU A 48 0.57 5.51 -6.65
N VAL A 49 0.64 6.40 -5.72
CA VAL A 49 1.44 7.61 -5.88
C VAL A 49 2.88 7.25 -6.17
N GLU A 50 3.26 6.09 -5.67
CA GLU A 50 4.60 5.57 -5.89
C GLU A 50 4.62 4.62 -7.05
N GLU A 51 3.77 4.95 -7.98
CA GLU A 51 3.54 4.23 -9.24
C GLU A 51 3.90 2.76 -9.18
N GLY A 52 3.01 1.99 -8.57
CA GLY A 52 3.24 0.58 -8.36
C GLY A 52 3.80 0.34 -6.99
N TRP A 53 4.05 1.43 -6.31
CA TRP A 53 4.59 1.42 -4.97
C TRP A 53 3.70 2.29 -4.14
N TRP A 54 3.66 2.02 -2.86
CA TRP A 54 2.80 2.67 -1.97
C TRP A 54 3.55 3.03 -0.75
N GLU A 55 2.91 3.84 -0.02
CA GLU A 55 3.47 4.41 1.21
C GLU A 55 2.41 4.61 2.22
N GLY A 56 2.50 4.03 3.36
CA GLY A 56 1.37 4.14 4.20
C GLY A 56 1.54 3.69 5.59
N VAL A 57 0.42 3.60 6.27
CA VAL A 57 0.45 3.27 7.66
C VAL A 57 -0.28 1.99 7.92
N LEU A 58 0.31 1.20 8.78
CA LEU A 58 -0.20 -0.05 9.14
C LEU A 58 -0.40 -0.11 10.63
N ASN A 59 -1.65 -0.06 10.99
CA ASN A 59 -2.09 -0.16 12.38
C ASN A 59 -1.41 0.85 13.27
N GLY A 60 -1.00 1.90 12.64
CA GLY A 60 -0.36 3.01 13.31
C GLY A 60 1.11 3.12 13.01
N LYS A 61 1.60 2.14 12.32
CA LYS A 61 2.97 2.07 11.90
C LYS A 61 3.11 2.51 10.46
N THR A 62 3.67 3.68 10.25
CA THR A 62 3.76 4.21 8.91
C THR A 62 5.05 3.76 8.22
N GLY A 63 4.98 3.72 6.92
CA GLY A 63 6.06 3.25 6.09
C GLY A 63 5.71 3.45 4.64
N MET A 64 6.26 2.59 3.81
CA MET A 64 5.90 2.50 2.42
C MET A 64 6.52 1.26 1.87
N PHE A 65 5.91 0.66 0.87
CA PHE A 65 6.41 -0.53 0.27
C PHE A 65 6.34 -0.46 -1.24
N PRO A 66 7.13 -1.27 -1.90
CA PRO A 66 6.99 -1.49 -3.33
C PRO A 66 5.94 -2.52 -3.66
N SER A 67 4.88 -2.54 -2.83
CA SER A 67 3.75 -3.45 -3.04
C SER A 67 4.24 -4.88 -3.27
N ASN A 68 5.31 -5.16 -2.61
CA ASN A 68 6.07 -6.35 -2.88
C ASN A 68 5.47 -7.53 -2.19
N PHE A 69 5.21 -7.31 -0.94
CA PHE A 69 4.50 -8.24 -0.11
C PHE A 69 3.05 -7.82 -0.09
N ILE A 70 2.78 -6.60 -0.49
CA ILE A 70 1.48 -6.04 -0.37
C ILE A 70 0.86 -5.73 -1.69
N LYS A 71 -0.34 -6.17 -1.76
CA LYS A 71 -1.22 -6.00 -2.91
C LYS A 71 -2.45 -5.24 -2.48
N GLU A 72 -3.12 -4.62 -3.45
CA GLU A 72 -4.56 -4.40 -3.41
C GLU A 72 -4.98 -3.10 -4.05
N LEU A 73 -4.92 -2.12 -3.18
CA LEU A 73 -5.36 -0.74 -3.36
C LEU A 73 -4.88 -0.05 -4.63
N SER A 74 -5.37 1.19 -4.73
CA SER A 74 -4.79 2.28 -5.49
C SER A 74 -5.88 3.19 -6.05
N GLY A 75 -5.91 4.44 -5.59
CA GLY A 75 -6.75 5.44 -6.19
C GLY A 75 -6.43 5.64 -7.66
N GLU A 76 -7.11 4.89 -8.50
CA GLU A 76 -6.86 4.93 -9.92
C GLU A 76 -7.56 6.10 -10.58
N SER A 77 -7.92 5.85 -11.82
CA SER A 77 -8.47 6.82 -12.77
C SER A 77 -7.32 7.34 -13.62
N ASP A 78 -6.62 6.36 -14.17
CA ASP A 78 -5.36 6.60 -14.88
C ASP A 78 -4.40 7.40 -14.02
N GLU A 79 -4.30 6.93 -12.81
CA GLU A 79 -3.46 7.53 -11.78
C GLU A 79 -2.49 6.50 -11.27
N LEU A 80 -2.43 5.45 -12.04
CA LEU A 80 -1.59 4.29 -11.81
C LEU A 80 -0.16 4.57 -12.16
N GLY A 81 0.23 5.70 -11.74
CA GLY A 81 1.56 6.17 -11.95
C GLY A 81 1.73 6.69 -13.36
N ILE A 82 0.61 7.06 -13.93
CA ILE A 82 0.51 7.50 -15.28
C ILE A 82 0.88 8.97 -15.41
N SER A 83 2.07 9.22 -15.97
CA SER A 83 2.62 10.57 -16.10
C SER A 83 3.06 11.10 -14.74
N GLN A 84 4.21 11.75 -14.70
CA GLN A 84 4.75 12.27 -13.46
C GLN A 84 4.13 13.62 -13.13
N THR A 10 -5.02 4.32 -14.26
CA THR A 10 -5.82 5.36 -13.60
C THR A 10 -5.87 5.10 -12.10
N ASN A 11 -5.31 6.03 -11.33
CA ASN A 11 -5.13 5.81 -9.90
C ASN A 11 -5.81 6.88 -9.05
N LYS A 12 -5.84 8.11 -9.54
CA LYS A 12 -6.29 9.23 -8.71
C LYS A 12 -7.81 9.30 -8.66
N ARG A 13 -8.45 8.48 -9.45
CA ARG A 13 -9.89 8.32 -9.42
C ARG A 13 -10.29 7.45 -8.23
N GLY A 14 -9.29 7.10 -7.47
CA GLY A 14 -9.48 6.28 -6.30
C GLY A 14 -9.80 7.08 -5.05
N GLU A 15 -9.49 6.51 -3.91
CA GLU A 15 -9.80 7.12 -2.63
C GLU A 15 -8.84 8.25 -2.30
N ARG A 16 -7.79 8.39 -3.12
CA ARG A 16 -6.80 9.46 -2.96
C ARG A 16 -6.05 9.33 -1.64
N ARG A 17 -5.18 10.31 -1.37
CA ARG A 17 -4.29 10.35 -0.22
C ARG A 17 -4.07 8.99 0.45
N ARG A 18 -4.64 8.79 1.64
CA ARG A 18 -4.56 7.52 2.31
C ARG A 18 -5.46 6.51 1.62
N ARG A 19 -4.88 5.47 1.05
CA ARG A 19 -5.65 4.46 0.38
C ARG A 19 -5.24 3.09 0.88
N ARG A 20 -6.19 2.23 1.09
CA ARG A 20 -5.95 1.01 1.81
C ARG A 20 -5.68 -0.18 0.90
N CYS A 21 -4.57 -0.83 1.16
CA CYS A 21 -4.11 -1.99 0.44
C CYS A 21 -3.86 -3.14 1.41
N GLN A 22 -4.01 -4.37 0.95
CA GLN A 22 -3.76 -5.51 1.81
C GLN A 22 -2.41 -6.14 1.53
N VAL A 23 -1.71 -6.42 2.59
CA VAL A 23 -0.34 -6.85 2.47
C VAL A 23 -0.09 -8.29 2.85
N ALA A 24 0.17 -9.14 1.90
CA ALA A 24 0.64 -10.44 2.28
C ALA A 24 1.96 -10.86 1.68
N PHE A 25 3.03 -10.94 2.44
CA PHE A 25 3.47 -12.20 3.00
C PHE A 25 3.98 -11.96 4.41
N SER A 26 5.11 -11.24 4.46
CA SER A 26 5.55 -10.39 5.53
C SER A 26 6.08 -9.10 4.90
N TYR A 27 5.82 -7.94 5.41
CA TYR A 27 6.63 -6.81 5.05
C TYR A 27 7.48 -6.48 6.26
N LEU A 28 8.68 -6.95 6.15
CA LEU A 28 9.79 -6.89 7.12
C LEU A 28 10.69 -5.62 7.16
N PRO A 29 10.41 -4.55 6.41
CA PRO A 29 11.43 -3.67 5.82
C PRO A 29 12.04 -2.64 6.72
N GLN A 30 11.92 -2.82 7.98
CA GLN A 30 12.21 -1.75 8.86
C GLN A 30 13.68 -1.72 9.22
N ASN A 31 14.31 -0.65 8.85
CA ASN A 31 15.58 -0.28 9.44
C ASN A 31 15.49 1.01 10.23
N ASP A 32 14.87 2.00 9.60
CA ASP A 32 14.83 3.34 10.17
C ASP A 32 13.51 3.68 10.79
N ASP A 33 12.47 3.24 10.11
CA ASP A 33 11.11 3.56 10.45
C ASP A 33 10.21 3.23 9.28
N GLU A 34 10.01 1.96 9.07
CA GLU A 34 9.05 1.49 8.10
C GLU A 34 7.95 0.76 8.85
N LEU A 35 6.94 0.34 8.13
CA LEU A 35 5.88 -0.43 8.68
C LEU A 35 6.14 -1.91 8.44
N GLU A 36 5.57 -2.72 9.31
CA GLU A 36 5.72 -4.15 9.23
C GLU A 36 4.38 -4.78 9.08
N LEU A 37 4.24 -5.40 7.99
CA LEU A 37 3.00 -6.05 7.61
C LEU A 37 3.17 -7.55 7.72
N LYS A 38 2.69 -8.13 8.80
CA LYS A 38 3.26 -9.39 9.28
C LYS A 38 2.92 -10.61 8.42
N VAL A 39 1.64 -10.93 8.22
CA VAL A 39 1.28 -11.96 7.28
C VAL A 39 0.20 -11.53 6.28
N GLY A 40 -0.42 -10.41 6.56
CA GLY A 40 -1.61 -10.06 5.85
C GLY A 40 -2.36 -8.96 6.54
N ASP A 41 -1.73 -7.84 6.47
CA ASP A 41 -2.18 -6.62 7.10
C ASP A 41 -2.91 -5.75 6.10
N ILE A 42 -3.74 -4.87 6.58
CA ILE A 42 -4.28 -3.88 5.70
C ILE A 42 -3.70 -2.52 6.02
N ILE A 43 -3.27 -1.90 4.96
CA ILE A 43 -2.59 -0.67 4.96
C ILE A 43 -3.53 0.31 4.36
N GLU A 44 -3.23 1.51 4.60
CA GLU A 44 -3.88 2.63 3.94
C GLU A 44 -2.80 3.62 3.69
N VAL A 45 -2.18 3.58 2.53
CA VAL A 45 -0.96 4.23 2.48
C VAL A 45 -1.05 5.58 1.85
N VAL A 46 -0.71 5.58 0.63
CA VAL A 46 -0.79 6.68 -0.23
C VAL A 46 -1.51 6.24 -1.45
N GLY A 47 -1.65 4.96 -1.45
CA GLY A 47 -2.13 4.28 -2.60
C GLY A 47 -1.19 4.36 -3.76
N GLU A 48 -1.79 4.22 -4.90
CA GLU A 48 -1.11 4.10 -6.20
C GLU A 48 -0.23 5.27 -6.58
N VAL A 49 -0.09 6.18 -5.68
CA VAL A 49 0.64 7.41 -5.95
C VAL A 49 2.08 7.10 -6.31
N GLU A 50 2.56 6.00 -5.79
CA GLU A 50 3.91 5.55 -6.08
C GLU A 50 3.92 4.56 -7.21
N GLU A 51 2.98 4.80 -8.10
CA GLU A 51 2.61 3.94 -9.20
C GLU A 51 3.31 2.59 -9.23
N GLY A 52 2.63 1.62 -8.65
CA GLY A 52 3.16 0.31 -8.44
C GLY A 52 3.72 0.18 -7.05
N TRP A 53 3.80 1.31 -6.39
CA TRP A 53 4.36 1.42 -5.06
C TRP A 53 3.42 2.24 -4.23
N TRP A 54 3.44 2.00 -2.93
CA TRP A 54 2.59 2.63 -2.00
C TRP A 54 3.39 3.00 -0.79
N GLU A 55 2.81 3.84 -0.04
CA GLU A 55 3.44 4.42 1.14
C GLU A 55 2.44 4.64 2.20
N GLY A 56 2.56 4.07 3.35
CA GLY A 56 1.45 4.19 4.22
C GLY A 56 1.63 3.72 5.60
N VAL A 57 0.52 3.60 6.28
CA VAL A 57 0.56 3.24 7.65
C VAL A 57 -0.20 1.97 7.89
N LEU A 58 0.34 1.18 8.78
CA LEU A 58 -0.20 -0.05 9.14
C LEU A 58 -0.42 -0.10 10.63
N ASN A 59 -1.66 -0.01 10.98
CA ASN A 59 -2.11 -0.11 12.37
C ASN A 59 -1.43 0.90 13.27
N GLY A 60 -0.92 1.91 12.64
CA GLY A 60 -0.24 2.98 13.32
C GLY A 60 1.23 3.05 13.00
N LYS A 61 1.69 2.03 12.34
CA LYS A 61 3.07 1.93 11.91
C LYS A 61 3.20 2.43 10.49
N THR A 62 3.87 3.53 10.28
CA THR A 62 3.92 4.11 8.97
C THR A 62 5.17 3.68 8.22
N GLY A 63 5.08 3.72 6.90
CA GLY A 63 6.16 3.31 6.05
C GLY A 63 5.81 3.48 4.60
N MET A 64 6.38 2.64 3.79
CA MET A 64 6.10 2.57 2.36
C MET A 64 6.71 1.34 1.79
N PHE A 65 5.98 0.70 0.90
CA PHE A 65 6.41 -0.50 0.27
C PHE A 65 6.28 -0.43 -1.22
N PRO A 66 7.06 -1.23 -1.92
CA PRO A 66 6.89 -1.44 -3.36
C PRO A 66 5.84 -2.49 -3.68
N SER A 67 4.77 -2.52 -2.89
CA SER A 67 3.69 -3.50 -3.08
C SER A 67 4.25 -4.90 -3.28
N ASN A 68 5.33 -5.09 -2.62
CA ASN A 68 6.17 -6.24 -2.86
C ASN A 68 5.63 -7.43 -2.12
N PHE A 69 5.16 -7.12 -0.95
CA PHE A 69 4.47 -8.08 -0.12
C PHE A 69 3.04 -7.64 0.06
N ILE A 70 2.70 -6.53 -0.55
CA ILE A 70 1.42 -5.93 -0.38
C ILE A 70 0.77 -5.64 -1.70
N LYS A 71 -0.32 -6.29 -1.83
CA LYS A 71 -1.13 -6.26 -3.03
C LYS A 71 -2.57 -5.88 -2.70
N GLU A 72 -3.10 -4.84 -3.35
CA GLU A 72 -4.53 -4.64 -3.34
C GLU A 72 -5.01 -3.49 -4.21
N LEU A 73 -4.94 -2.40 -3.51
CA LEU A 73 -5.70 -1.19 -3.72
C LEU A 73 -5.46 -0.43 -5.01
N SER A 74 -6.41 0.48 -5.24
CA SER A 74 -6.47 1.44 -6.33
C SER A 74 -7.93 1.67 -6.66
N GLY A 75 -8.40 2.91 -6.55
CA GLY A 75 -9.74 3.24 -7.02
C GLY A 75 -9.99 2.67 -8.38
N GLU A 76 -11.07 1.91 -8.50
CA GLU A 76 -11.28 1.07 -9.65
C GLU A 76 -11.27 1.77 -10.98
N SER A 77 -11.01 0.92 -11.91
CA SER A 77 -10.80 1.20 -13.30
C SER A 77 -10.41 -0.16 -13.86
N ASP A 78 -10.72 -0.42 -15.11
CA ASP A 78 -10.39 -1.70 -15.71
C ASP A 78 -8.90 -1.82 -15.95
N GLU A 79 -8.18 -1.68 -14.86
CA GLU A 79 -6.74 -1.71 -14.85
C GLU A 79 -6.23 -2.40 -13.60
N LEU A 80 -7.18 -2.89 -12.85
CA LEU A 80 -6.98 -3.47 -11.54
C LEU A 80 -6.51 -4.89 -11.64
N GLY A 81 -5.53 -5.01 -12.45
CA GLY A 81 -4.90 -6.26 -12.69
C GLY A 81 -5.61 -7.02 -13.78
N ILE A 82 -6.09 -6.28 -14.76
CA ILE A 82 -6.88 -6.79 -15.82
C ILE A 82 -6.00 -7.50 -16.86
N SER A 83 -5.49 -8.65 -16.48
CA SER A 83 -4.66 -9.44 -17.36
C SER A 83 -5.56 -10.32 -18.23
N GLN A 84 -6.57 -10.88 -17.61
CA GLN A 84 -7.54 -11.70 -18.32
C GLN A 84 -8.94 -11.27 -17.90
N THR A 10 -7.80 9.67 -12.90
CA THR A 10 -6.54 8.92 -13.03
C THR A 10 -5.84 8.76 -11.68
N ASN A 11 -5.39 7.53 -11.42
CA ASN A 11 -4.53 7.21 -10.28
C ASN A 11 -5.15 7.58 -8.92
N LYS A 12 -4.95 8.83 -8.50
CA LYS A 12 -5.24 9.24 -7.13
C LYS A 12 -6.70 9.60 -6.92
N ARG A 13 -7.46 9.60 -7.98
CA ARG A 13 -8.88 9.87 -7.92
C ARG A 13 -9.66 8.70 -7.33
N GLY A 14 -8.93 7.63 -7.03
CA GLY A 14 -9.54 6.43 -6.49
C GLY A 14 -9.93 6.59 -5.02
N GLU A 15 -9.13 6.02 -4.14
CA GLU A 15 -9.40 6.09 -2.71
C GLU A 15 -9.05 7.46 -2.16
N ARG A 16 -8.23 8.21 -2.92
CA ARG A 16 -7.80 9.57 -2.56
C ARG A 16 -6.80 9.58 -1.39
N ARG A 17 -5.66 10.23 -1.63
CA ARG A 17 -4.54 10.28 -0.71
C ARG A 17 -4.28 8.97 0.02
N ARG A 18 -4.85 8.85 1.21
CA ARG A 18 -4.69 7.65 1.99
C ARG A 18 -5.51 6.53 1.36
N ARG A 19 -4.83 5.50 0.88
CA ARG A 19 -5.51 4.46 0.16
C ARG A 19 -5.17 3.12 0.74
N ARG A 20 -6.16 2.26 0.86
CA ARG A 20 -6.00 1.04 1.62
C ARG A 20 -5.72 -0.17 0.76
N CYS A 21 -4.62 -0.83 1.09
CA CYS A 21 -4.14 -2.01 0.40
C CYS A 21 -3.88 -3.14 1.38
N GLN A 22 -4.02 -4.37 0.93
CA GLN A 22 -3.76 -5.51 1.81
C GLN A 22 -2.41 -6.14 1.55
N VAL A 23 -1.70 -6.40 2.60
CA VAL A 23 -0.34 -6.84 2.49
C VAL A 23 -0.10 -8.29 2.86
N ALA A 24 0.18 -9.14 1.91
CA ALA A 24 0.66 -10.43 2.28
C ALA A 24 1.99 -10.83 1.67
N PHE A 25 3.06 -10.92 2.43
CA PHE A 25 3.50 -12.19 2.96
C PHE A 25 4.02 -11.98 4.37
N SER A 26 5.16 -11.26 4.43
CA SER A 26 5.60 -10.43 5.50
C SER A 26 6.14 -9.14 4.89
N TYR A 27 5.85 -7.98 5.40
CA TYR A 27 6.64 -6.84 5.05
C TYR A 27 7.51 -6.52 6.25
N LEU A 28 8.72 -6.98 6.09
CA LEU A 28 9.84 -6.90 7.05
C LEU A 28 10.73 -5.61 7.08
N PRO A 29 10.43 -4.56 6.31
CA PRO A 29 11.43 -3.65 5.71
C PRO A 29 12.01 -2.58 6.57
N GLN A 30 11.89 -2.71 7.85
CA GLN A 30 12.16 -1.55 8.65
C GLN A 30 13.62 -1.47 9.00
N ASN A 31 14.24 -0.42 8.54
CA ASN A 31 15.53 -0.01 9.04
C ASN A 31 15.47 1.35 9.70
N ASP A 32 14.79 2.26 9.03
CA ASP A 32 14.78 3.65 9.45
C ASP A 32 13.53 4.04 10.20
N ASP A 33 12.43 3.52 9.69
CA ASP A 33 11.12 3.80 10.19
C ASP A 33 10.08 3.41 9.14
N GLU A 34 9.94 2.12 8.95
CA GLU A 34 8.94 1.60 8.05
C GLU A 34 7.93 0.81 8.84
N LEU A 35 6.91 0.36 8.14
CA LEU A 35 5.90 -0.45 8.70
C LEU A 35 6.18 -1.92 8.45
N GLU A 36 5.63 -2.76 9.29
CA GLU A 36 5.79 -4.17 9.20
C GLU A 36 4.45 -4.82 9.09
N LEU A 37 4.28 -5.44 7.99
CA LEU A 37 3.03 -6.10 7.64
C LEU A 37 3.21 -7.60 7.73
N LYS A 38 2.73 -8.20 8.81
CA LYS A 38 3.31 -9.46 9.26
C LYS A 38 2.97 -10.66 8.39
N VAL A 39 1.69 -10.98 8.19
CA VAL A 39 1.32 -12.00 7.25
C VAL A 39 0.24 -11.56 6.26
N GLY A 40 -0.39 -10.46 6.56
CA GLY A 40 -1.61 -10.10 5.85
C GLY A 40 -2.36 -9.01 6.54
N ASP A 41 -1.74 -7.90 6.50
CA ASP A 41 -2.18 -6.68 7.13
C ASP A 41 -2.90 -5.83 6.12
N ILE A 42 -3.75 -4.93 6.56
CA ILE A 42 -4.23 -3.96 5.62
C ILE A 42 -3.68 -2.60 5.96
N ILE A 43 -3.33 -1.94 4.91
CA ILE A 43 -2.64 -0.72 4.90
C ILE A 43 -3.58 0.28 4.30
N GLU A 44 -3.27 1.47 4.57
CA GLU A 44 -3.90 2.61 3.93
C GLU A 44 -2.81 3.60 3.70
N VAL A 45 -2.18 3.57 2.54
CA VAL A 45 -0.98 4.24 2.50
C VAL A 45 -1.06 5.60 1.86
N VAL A 46 -0.69 5.59 0.66
CA VAL A 46 -0.76 6.70 -0.19
C VAL A 46 -1.41 6.27 -1.46
N GLY A 47 -1.54 4.98 -1.49
CA GLY A 47 -1.94 4.32 -2.68
C GLY A 47 -0.90 4.41 -3.76
N GLU A 48 -1.38 4.24 -4.95
CA GLU A 48 -0.59 4.09 -6.18
C GLU A 48 0.31 5.27 -6.50
N VAL A 49 0.34 6.23 -5.62
CA VAL A 49 1.07 7.47 -5.85
C VAL A 49 2.52 7.19 -6.18
N GLU A 50 2.98 6.06 -5.67
CA GLU A 50 4.33 5.60 -5.94
C GLU A 50 4.33 4.67 -7.11
N GLU A 51 3.53 5.06 -8.08
CA GLU A 51 3.13 4.30 -9.24
C GLU A 51 3.59 2.84 -9.23
N GLY A 52 2.77 2.01 -8.61
CA GLY A 52 3.07 0.62 -8.42
C GLY A 52 3.58 0.38 -7.03
N TRP A 53 3.82 1.47 -6.35
CA TRP A 53 4.38 1.48 -5.02
C TRP A 53 3.51 2.34 -4.17
N TRP A 54 3.50 2.06 -2.89
CA TRP A 54 2.65 2.70 -1.99
C TRP A 54 3.42 3.02 -0.73
N GLU A 55 2.84 3.87 0.02
CA GLU A 55 3.48 4.43 1.20
C GLU A 55 2.45 4.66 2.24
N GLY A 56 2.57 4.07 3.40
CA GLY A 56 1.45 4.19 4.25
C GLY A 56 1.62 3.67 5.61
N VAL A 57 0.51 3.54 6.27
CA VAL A 57 0.53 3.23 7.66
C VAL A 57 -0.22 1.96 7.96
N LEU A 58 0.33 1.21 8.87
CA LEU A 58 -0.19 -0.02 9.27
C LEU A 58 -0.36 -0.04 10.78
N ASN A 59 -1.58 0.04 11.17
CA ASN A 59 -1.98 0.02 12.59
C ASN A 59 -1.29 1.10 13.40
N GLY A 60 -0.89 2.11 12.69
CA GLY A 60 -0.23 3.23 13.29
C GLY A 60 1.24 3.28 12.96
N LYS A 61 1.70 2.20 12.39
CA LYS A 61 3.07 2.07 11.96
C LYS A 61 3.21 2.50 10.53
N THR A 62 3.83 3.64 10.31
CA THR A 62 3.89 4.17 8.97
C THR A 62 5.16 3.75 8.25
N GLY A 63 5.07 3.73 6.93
CA GLY A 63 6.13 3.28 6.09
C GLY A 63 5.80 3.47 4.63
N MET A 64 6.35 2.60 3.81
CA MET A 64 6.07 2.53 2.40
C MET A 64 6.65 1.27 1.85
N PHE A 65 5.94 0.68 0.92
CA PHE A 65 6.35 -0.55 0.29
C PHE A 65 6.21 -0.46 -1.21
N PRO A 66 7.00 -1.27 -1.91
CA PRO A 66 6.82 -1.47 -3.35
C PRO A 66 5.79 -2.51 -3.68
N SER A 67 4.70 -2.55 -2.90
CA SER A 67 3.62 -3.53 -3.11
C SER A 67 4.17 -4.92 -3.28
N ASN A 68 5.28 -5.12 -2.63
CA ASN A 68 6.10 -6.28 -2.87
C ASN A 68 5.52 -7.44 -2.14
N PHE A 69 5.13 -7.13 -0.94
CA PHE A 69 4.45 -8.07 -0.10
C PHE A 69 3.02 -7.62 0.07
N ILE A 70 2.66 -6.51 -0.55
CA ILE A 70 1.37 -5.93 -0.38
C ILE A 70 0.73 -5.67 -1.71
N LYS A 71 -0.36 -6.34 -1.84
CA LYS A 71 -1.19 -6.33 -3.03
C LYS A 71 -2.61 -5.92 -2.69
N GLU A 72 -3.12 -4.89 -3.34
CA GLU A 72 -4.54 -4.64 -3.37
C GLU A 72 -4.93 -3.49 -4.26
N LEU A 73 -4.96 -2.40 -3.56
CA LEU A 73 -5.59 -1.15 -3.91
C LEU A 73 -5.07 -0.49 -5.18
N SER A 74 -5.76 0.60 -5.52
CA SER A 74 -5.49 1.49 -6.65
C SER A 74 -6.79 1.83 -7.38
N GLY A 75 -7.73 2.41 -6.63
CA GLY A 75 -9.07 2.64 -7.15
C GLY A 75 -9.71 1.34 -7.62
N GLU A 76 -9.33 0.26 -6.95
CA GLU A 76 -9.60 -1.06 -7.42
C GLU A 76 -10.41 -1.87 -6.42
N SER A 77 -10.60 -3.14 -6.74
CA SER A 77 -11.33 -4.08 -5.93
C SER A 77 -10.90 -5.50 -6.25
N ASP A 78 -9.65 -5.80 -5.87
CA ASP A 78 -8.98 -7.06 -6.20
C ASP A 78 -9.32 -7.47 -7.62
N GLU A 79 -8.98 -6.58 -8.52
CA GLU A 79 -9.42 -6.68 -9.87
C GLU A 79 -8.39 -6.20 -10.87
N LEU A 80 -7.27 -5.78 -10.36
CA LEU A 80 -6.14 -5.39 -11.21
C LEU A 80 -5.42 -6.60 -11.73
N GLY A 81 -6.22 -7.53 -12.05
CA GLY A 81 -5.77 -8.78 -12.58
C GLY A 81 -5.55 -9.81 -11.50
N ILE A 82 -6.31 -9.67 -10.41
CA ILE A 82 -6.13 -10.46 -9.24
C ILE A 82 -6.78 -11.84 -9.37
N SER A 83 -6.31 -12.61 -10.33
CA SER A 83 -6.82 -13.95 -10.54
C SER A 83 -5.68 -14.96 -10.43
N GLN A 84 -5.17 -15.12 -9.22
CA GLN A 84 -4.04 -16.00 -8.96
C GLN A 84 -4.50 -17.25 -8.25
N THR A 10 -12.11 6.67 -10.28
CA THR A 10 -11.40 7.94 -10.05
C THR A 10 -9.91 7.78 -10.38
N ASN A 11 -9.62 7.00 -11.42
CA ASN A 11 -8.24 6.68 -11.79
C ASN A 11 -7.49 6.05 -10.62
N LYS A 12 -6.17 6.11 -10.64
CA LYS A 12 -5.38 5.54 -9.55
C LYS A 12 -5.44 6.41 -8.31
N ARG A 13 -6.07 7.56 -8.46
CA ARG A 13 -6.19 8.55 -7.42
C ARG A 13 -7.54 8.44 -6.74
N GLY A 14 -8.01 7.23 -6.77
CA GLY A 14 -9.32 6.86 -6.25
C GLY A 14 -9.72 7.54 -4.94
N GLU A 15 -9.29 6.98 -3.81
CA GLU A 15 -9.69 7.50 -2.52
C GLU A 15 -8.90 8.75 -2.14
N ARG A 16 -7.81 8.99 -2.90
CA ARG A 16 -6.91 10.13 -2.67
C ARG A 16 -6.16 10.00 -1.35
N ARG A 17 -5.07 10.76 -1.23
CA ARG A 17 -4.21 10.77 -0.06
C ARG A 17 -3.91 9.38 0.48
N ARG A 18 -4.72 8.97 1.42
CA ARG A 18 -4.56 7.70 2.08
C ARG A 18 -5.46 6.63 1.45
N ARG A 19 -4.87 5.58 0.90
CA ARG A 19 -5.63 4.55 0.23
C ARG A 19 -5.24 3.18 0.78
N ARG A 20 -6.23 2.33 0.96
CA ARG A 20 -6.06 1.11 1.74
C ARG A 20 -5.79 -0.13 0.91
N CYS A 21 -4.68 -0.78 1.23
CA CYS A 21 -4.22 -1.98 0.57
C CYS A 21 -4.01 -3.12 1.56
N GLN A 22 -4.25 -4.34 1.13
CA GLN A 22 -4.04 -5.51 1.97
C GLN A 22 -2.74 -6.23 1.65
N VAL A 23 -1.91 -6.34 2.64
CA VAL A 23 -0.58 -6.86 2.44
C VAL A 23 -0.51 -8.35 2.66
N ALA A 24 0.26 -8.96 1.81
CA ALA A 24 0.66 -10.31 1.88
C ALA A 24 1.94 -10.39 2.66
N PHE A 25 2.48 -11.54 2.68
CA PHE A 25 2.91 -12.17 3.89
C PHE A 25 3.83 -11.37 4.78
N SER A 26 5.03 -11.03 4.37
CA SER A 26 5.90 -10.36 5.30
C SER A 26 6.55 -9.11 4.76
N TYR A 27 6.08 -7.96 5.14
CA TYR A 27 6.82 -6.77 4.90
C TYR A 27 7.71 -6.53 6.12
N LEU A 28 8.95 -6.87 5.89
CA LEU A 28 10.08 -6.82 6.85
C LEU A 28 10.89 -5.48 7.06
N PRO A 29 10.48 -4.34 6.50
CA PRO A 29 11.32 -3.16 6.15
C PRO A 29 11.52 -2.21 7.32
N GLN A 30 11.69 -2.77 8.47
CA GLN A 30 11.06 -2.34 9.68
C GLN A 30 11.61 -1.10 10.34
N ASN A 31 11.01 -0.83 11.50
CA ASN A 31 10.68 0.50 12.07
C ASN A 31 11.80 1.51 12.09
N ASP A 32 12.99 1.03 11.85
CA ASP A 32 14.10 1.91 11.58
C ASP A 32 13.85 2.64 10.27
N ASP A 33 12.89 2.11 9.54
CA ASP A 33 12.42 2.70 8.31
C ASP A 33 10.90 2.68 8.19
N GLU A 34 10.32 1.49 8.12
CA GLU A 34 8.98 1.31 7.62
C GLU A 34 8.12 0.40 8.51
N LEU A 35 6.91 0.21 8.05
CA LEU A 35 5.87 -0.53 8.69
C LEU A 35 6.12 -2.01 8.44
N GLU A 36 5.62 -2.81 9.31
CA GLU A 36 5.76 -4.22 9.20
C GLU A 36 4.40 -4.85 9.07
N LEU A 37 4.28 -5.50 7.98
CA LEU A 37 3.07 -6.19 7.60
C LEU A 37 3.32 -7.69 7.70
N LYS A 38 2.87 -8.29 8.80
CA LYS A 38 3.43 -9.56 9.28
C LYS A 38 2.99 -10.80 8.51
N VAL A 39 1.67 -11.01 8.32
CA VAL A 39 1.21 -12.03 7.40
C VAL A 39 0.15 -11.54 6.41
N GLY A 40 -0.44 -10.41 6.68
CA GLY A 40 -1.67 -10.05 6.00
C GLY A 40 -2.39 -8.93 6.67
N ASP A 41 -1.78 -7.82 6.54
CA ASP A 41 -2.18 -6.58 7.18
C ASP A 41 -2.94 -5.69 6.21
N ILE A 42 -3.74 -4.80 6.71
CA ILE A 42 -4.31 -3.81 5.84
C ILE A 42 -3.70 -2.45 6.11
N ILE A 43 -3.35 -1.84 5.03
CA ILE A 43 -2.64 -0.63 4.98
C ILE A 43 -3.58 0.36 4.38
N GLU A 44 -3.26 1.54 4.62
CA GLU A 44 -3.90 2.68 3.99
C GLU A 44 -2.82 3.65 3.71
N VAL A 45 -2.19 3.57 2.55
CA VAL A 45 -0.98 4.22 2.49
C VAL A 45 -1.07 5.57 1.87
N VAL A 46 -0.73 5.59 0.65
CA VAL A 46 -0.79 6.72 -0.17
C VAL A 46 -1.47 6.35 -1.44
N GLY A 47 -1.58 5.06 -1.54
CA GLY A 47 -2.04 4.45 -2.73
C GLY A 47 -1.02 4.50 -3.83
N GLU A 48 -1.55 4.39 -5.02
CA GLU A 48 -0.81 4.27 -6.28
C GLU A 48 0.10 5.45 -6.57
N VAL A 49 0.18 6.33 -5.63
CA VAL A 49 0.94 7.57 -5.81
C VAL A 49 2.40 7.25 -6.13
N GLU A 50 2.82 6.10 -5.67
CA GLU A 50 4.15 5.60 -5.96
C GLU A 50 4.14 4.62 -7.10
N GLU A 51 3.21 4.90 -7.98
CA GLU A 51 2.83 4.09 -9.12
C GLU A 51 3.49 2.72 -9.17
N GLY A 52 2.78 1.77 -8.60
CA GLY A 52 3.28 0.42 -8.42
C GLY A 52 3.83 0.25 -7.03
N TRP A 53 3.93 1.37 -6.34
CA TRP A 53 4.47 1.44 -5.01
C TRP A 53 3.54 2.27 -4.17
N TRP A 54 3.54 2.01 -2.89
CA TRP A 54 2.68 2.64 -1.96
C TRP A 54 3.45 3.00 -0.75
N GLU A 55 2.85 3.86 -0.03
CA GLU A 55 3.45 4.44 1.16
C GLU A 55 2.42 4.68 2.18
N GLY A 56 2.53 4.13 3.34
CA GLY A 56 1.40 4.21 4.18
C GLY A 56 1.59 3.80 5.57
N VAL A 57 0.48 3.65 6.24
CA VAL A 57 0.50 3.30 7.62
C VAL A 57 -0.31 2.06 7.86
N LEU A 58 0.21 1.23 8.71
CA LEU A 58 -0.43 0.04 9.07
C LEU A 58 -0.66 0.02 10.55
N ASN A 59 -1.89 0.27 10.89
CA ASN A 59 -2.35 0.23 12.29
C ASN A 59 -1.54 1.15 13.18
N GLY A 60 -1.05 2.17 12.55
CA GLY A 60 -0.28 3.19 13.22
C GLY A 60 1.19 3.09 12.92
N LYS A 61 1.53 2.04 12.24
CA LYS A 61 2.88 1.78 11.81
C LYS A 61 3.09 2.29 10.41
N THR A 62 3.76 3.40 10.26
CA THR A 62 3.88 4.01 8.97
C THR A 62 5.13 3.53 8.24
N GLY A 63 5.07 3.61 6.92
CA GLY A 63 6.13 3.17 6.06
C GLY A 63 5.80 3.39 4.61
N MET A 64 6.37 2.56 3.77
CA MET A 64 6.11 2.54 2.34
C MET A 64 6.73 1.34 1.74
N PHE A 65 5.99 0.68 0.90
CA PHE A 65 6.42 -0.54 0.27
C PHE A 65 6.33 -0.45 -1.23
N PRO A 66 7.14 -1.25 -1.90
CA PRO A 66 6.99 -1.46 -3.33
C PRO A 66 5.95 -2.51 -3.64
N SER A 67 4.90 -2.52 -2.84
CA SER A 67 3.77 -3.44 -3.03
C SER A 67 4.25 -4.86 -3.25
N ASN A 68 5.32 -5.16 -2.58
CA ASN A 68 6.07 -6.35 -2.83
C ASN A 68 5.46 -7.54 -2.14
N PHE A 69 5.20 -7.33 -0.89
CA PHE A 69 4.48 -8.27 -0.06
C PHE A 69 3.04 -7.85 -0.03
N ILE A 70 2.77 -6.63 -0.46
CA ILE A 70 1.49 -6.04 -0.33
C ILE A 70 0.90 -5.71 -1.67
N LYS A 71 -0.26 -6.21 -1.83
CA LYS A 71 -1.08 -6.01 -3.01
C LYS A 71 -2.35 -5.34 -2.57
N GLU A 72 -3.03 -4.67 -3.50
CA GLU A 72 -4.48 -4.50 -3.46
C GLU A 72 -4.97 -3.23 -4.10
N LEU A 73 -4.93 -2.27 -3.24
CA LEU A 73 -5.61 -1.01 -3.31
C LEU A 73 -5.51 -0.23 -4.60
N SER A 74 -6.45 0.71 -4.64
CA SER A 74 -6.54 1.83 -5.53
C SER A 74 -8.01 2.07 -5.85
N GLY A 75 -8.45 3.33 -5.83
CA GLY A 75 -9.84 3.63 -6.14
C GLY A 75 -10.20 3.14 -7.52
N GLU A 76 -10.89 2.01 -7.58
CA GLU A 76 -10.95 1.22 -8.79
C GLU A 76 -11.38 1.97 -10.02
N SER A 77 -10.89 1.38 -11.06
CA SER A 77 -10.90 1.83 -12.43
C SER A 77 -9.98 0.86 -13.12
N ASP A 78 -9.88 0.94 -14.41
CA ASP A 78 -8.89 0.15 -15.13
C ASP A 78 -7.50 0.74 -14.90
N GLU A 79 -7.20 0.85 -13.62
CA GLU A 79 -6.00 1.51 -13.14
C GLU A 79 -5.32 0.63 -12.11
N LEU A 80 -5.94 -0.51 -11.91
CA LEU A 80 -5.57 -1.47 -10.89
C LEU A 80 -4.47 -2.37 -11.35
N GLY A 81 -3.53 -1.71 -11.92
CA GLY A 81 -2.35 -2.36 -12.41
C GLY A 81 -2.63 -3.03 -13.75
N ILE A 82 -3.67 -2.53 -14.38
CA ILE A 82 -4.17 -3.07 -15.61
C ILE A 82 -3.31 -2.65 -16.80
N SER A 83 -3.07 -3.60 -17.69
CA SER A 83 -2.20 -3.38 -18.85
C SER A 83 -0.76 -3.15 -18.42
N GLN A 84 -0.20 -4.15 -17.75
CA GLN A 84 1.19 -4.11 -17.32
C GLN A 84 1.70 -5.54 -17.12
#